data_2OUE
# 
_entry.id   2OUE 
# 
_audit_conform.dict_name       mmcif_pdbx.dic 
_audit_conform.dict_version    5.387 
_audit_conform.dict_location   http://mmcif.pdb.org/dictionaries/ascii/mmcif_pdbx.dic 
# 
loop_
_database_2.database_id 
_database_2.database_code 
_database_2.pdbx_database_accession 
_database_2.pdbx_DOI 
PDB   2OUE         pdb_00002oue 10.2210/pdb2oue/pdb 
NDB   UR0109       ?            ?                   
RCSB  RCSB041597   ?            ?                   
WWPDB D_1000041597 ?            ?                   
# 
loop_
_pdbx_audit_revision_history.ordinal 
_pdbx_audit_revision_history.data_content_type 
_pdbx_audit_revision_history.major_revision 
_pdbx_audit_revision_history.minor_revision 
_pdbx_audit_revision_history.revision_date 
1 'Structure model' 1 0 2007-03-06 
2 'Structure model' 1 1 2008-05-01 
3 'Structure model' 1 2 2011-07-13 
4 'Structure model' 1 3 2014-09-17 
5 'Structure model' 1 4 2024-02-21 
# 
_pdbx_audit_revision_details.ordinal             1 
_pdbx_audit_revision_details.revision_ordinal    1 
_pdbx_audit_revision_details.data_content_type   'Structure model' 
_pdbx_audit_revision_details.provider            repository 
_pdbx_audit_revision_details.type                'Initial release' 
_pdbx_audit_revision_details.description         ? 
_pdbx_audit_revision_details.details             ? 
# 
loop_
_pdbx_audit_revision_group.ordinal 
_pdbx_audit_revision_group.revision_ordinal 
_pdbx_audit_revision_group.data_content_type 
_pdbx_audit_revision_group.group 
1 2 'Structure model' 'Version format compliance' 
2 3 'Structure model' 'Non-polymer description'   
3 3 'Structure model' 'Version format compliance' 
4 4 'Structure model' 'Non-polymer description'   
5 5 'Structure model' 'Data collection'           
6 5 'Structure model' 'Database references'       
7 5 'Structure model' 'Derived calculations'      
# 
loop_
_pdbx_audit_revision_category.ordinal 
_pdbx_audit_revision_category.revision_ordinal 
_pdbx_audit_revision_category.data_content_type 
_pdbx_audit_revision_category.category 
1 5 'Structure model' chem_comp_atom 
2 5 'Structure model' chem_comp_bond 
3 5 'Structure model' database_2     
4 5 'Structure model' struct_conn    
5 5 'Structure model' struct_site    
# 
loop_
_pdbx_audit_revision_item.ordinal 
_pdbx_audit_revision_item.revision_ordinal 
_pdbx_audit_revision_item.data_content_type 
_pdbx_audit_revision_item.item 
1 5 'Structure model' '_database_2.pdbx_DOI'                
2 5 'Structure model' '_database_2.pdbx_database_accession' 
3 5 'Structure model' '_struct_conn.pdbx_leaving_atom_flag' 
4 5 'Structure model' '_struct_site.pdbx_auth_asym_id'      
5 5 'Structure model' '_struct_site.pdbx_auth_comp_id'      
6 5 'Structure model' '_struct_site.pdbx_auth_seq_id'       
# 
_pdbx_database_PDB_obs_spr.id               SPRSDE 
_pdbx_database_PDB_obs_spr.date             2007-03-06 
_pdbx_database_PDB_obs_spr.pdb_id           2OUE 
_pdbx_database_PDB_obs_spr.replace_pdb_id   1ZFR 
_pdbx_database_PDB_obs_spr.details          ? 
# 
_pdbx_database_status.status_code                     REL 
_pdbx_database_status.entry_id                        2OUE 
_pdbx_database_status.recvd_initial_deposition_date   2007-02-10 
_pdbx_database_status.deposit_site                    RCSB 
_pdbx_database_status.process_site                    RCSB 
_pdbx_database_status.status_code_sf                  REL 
_pdbx_database_status.status_code_mr                  ? 
_pdbx_database_status.SG_entry                        ? 
_pdbx_database_status.status_code_cs                  ? 
_pdbx_database_status.methods_development_category    ? 
_pdbx_database_status.pdb_format_compatible           Y 
_pdbx_database_status.status_code_nmr_data            ? 
# 
loop_
_pdbx_database_related.db_name 
_pdbx_database_related.db_id 
_pdbx_database_related.details 
_pdbx_database_related.content_type 
PDB 1ZFX 'All-RNA Hairpin Ribozyme with mutations G8U and U39C (low salt)'                  unspecified 
PDB 1ZFV 
;An all-RNA Hairpin Ribozyme with mutations G8A, U39C and 2'-OH at A-1 (low salt)
;
unspecified 
PDB 1ZFT 'An all-RNA Hairpin Ribozyme with mutations G8I, U39C and 2MA at A-1 (low salt)'   unspecified 
PDB 2BCY 
;Minimal Hairpin Ribozyme, 2'-OH at A-1, G82AP and U39C mutations (low salt)
;
unspecified 
PDB 2FGP 
;Minimal Hairpin Ribozyme, 2'-OH at A-1, G8DAP and U39C mutations (low salt)
;
unspecified 
PDB 2BCZ 'Minimal Hairpin Ribozyme, A2M at A-1, G8I and U39C mutations (low salt)'          unspecified 
PDB 1X9K 'Minimal Hairpin Ribozyme, A2M at A-1, U39C mutant (high salt)'                    unspecified 
PDB 1X9C 'Minimal Hairpin Ribozyme, A2M at A-1, U39C mutant (low salt)'                     unspecified 
# 
_audit_author.name           'Wedekind, J.E.' 
_audit_author.pdbx_ordinal   1 
# 
_citation.id                        primary 
_citation.title                     
'Water in the Active Site of an All-RNA Hairpin Ribozyme and Effects of Gua8 Base Variants on the Geometry of Phosphoryl Transfer.' 
_citation.journal_abbrev            Biochemistry 
_citation.journal_volume            45 
_citation.page_first                686 
_citation.page_last                 700 
_citation.year                      2006 
_citation.journal_id_ASTM           BICHAW 
_citation.country                   US 
_citation.journal_id_ISSN           0006-2960 
_citation.journal_id_CSD            0033 
_citation.book_publisher            ? 
_citation.pdbx_database_id_PubMed   16411744 
_citation.pdbx_database_id_DOI      10.1021/bi051887k 
# 
loop_
_citation_author.citation_id 
_citation_author.name 
_citation_author.ordinal 
_citation_author.identifier_ORCID 
primary 'Salter, J.'      1 ? 
primary 'Krucinska, J.'   2 ? 
primary 'Alam, S.'        3 ? 
primary 'Grum-Tokars, V.' 4 ? 
primary 'Wedekind, J.E.'  5 ? 
# 
loop_
_entity.id 
_entity.type 
_entity.src_method 
_entity.pdbx_description 
_entity.formula_weight 
_entity.pdbx_number_of_molecules 
_entity.pdbx_ec 
_entity.pdbx_mutation 
_entity.pdbx_fragment 
_entity.details 
1 polymer     syn 'Substrate strand - Minimal Junctionless Hairpin Ribozyme' 4066.497 1  ? ? ? ? 
2 polymer     syn 'Loop A ribozyme strand'                                   3970.448 1  ? ? ? ? 
3 polymer     syn 'Loop B ribozyme strand'                                   5535.445 1  ? ? ? ? 
4 polymer     syn 'Loop B S-turn strand'                                     5991.568 1  ? ? ? ? 
5 non-polymer syn 'SULFATE ION'                                              96.063   1  ? ? ? ? 
6 non-polymer syn 'COBALT HEXAMMINE(III)'                                    161.116  2  ? ? ? ? 
7 water       nat water                                                      18.015   84 ? ? ? ? 
# 
loop_
_entity_poly.entity_id 
_entity_poly.type 
_entity_poly.nstd_linkage 
_entity_poly.nstd_monomer 
_entity_poly.pdbx_seq_one_letter_code 
_entity_poly.pdbx_seq_one_letter_code_can 
_entity_poly.pdbx_strand_id 
_entity_poly.pdbx_target_identifier 
1 polyribonucleotide no yes 'UCCC(A2M)GUCCACCG' UCCCAGUCCACCG       A ? 
2 polyribonucleotide no no  CGGUGAGAAGGG        CGGUGAGAAGGG        B ? 
3 polyribonucleotide no no  GGCAGAGAAACACACGA   GGCAGAGAAACACACGA   C ? 
4 polyribonucleotide no no  UCGUGGUACAUUACCUGCC UCGUGGUACAUUACCUGCC D ? 
# 
loop_
_pdbx_entity_nonpoly.entity_id 
_pdbx_entity_nonpoly.name 
_pdbx_entity_nonpoly.comp_id 
5 'SULFATE ION'           SO4 
6 'COBALT HEXAMMINE(III)' NCO 
7 water                   HOH 
# 
loop_
_entity_poly_seq.entity_id 
_entity_poly_seq.num 
_entity_poly_seq.mon_id 
_entity_poly_seq.hetero 
1 1  U   n 
1 2  C   n 
1 3  C   n 
1 4  C   n 
1 5  A2M n 
1 6  G   n 
1 7  U   n 
1 8  C   n 
1 9  C   n 
1 10 A   n 
1 11 C   n 
1 12 C   n 
1 13 G   n 
2 1  C   n 
2 2  G   n 
2 3  G   n 
2 4  U   n 
2 5  G   n 
2 6  A   n 
2 7  G   n 
2 8  A   n 
2 9  A   n 
2 10 G   n 
2 11 G   n 
2 12 G   n 
3 1  G   n 
3 2  G   n 
3 3  C   n 
3 4  A   n 
3 5  G   n 
3 6  A   n 
3 7  G   n 
3 8  A   n 
3 9  A   n 
3 10 A   n 
3 11 C   n 
3 12 A   n 
3 13 C   n 
3 14 A   n 
3 15 C   n 
3 16 G   n 
3 17 A   n 
4 1  U   n 
4 2  C   n 
4 3  G   n 
4 4  U   n 
4 5  G   n 
4 6  G   n 
4 7  U   n 
4 8  A   n 
4 9  C   n 
4 10 A   n 
4 11 U   n 
4 12 U   n 
4 13 A   n 
4 14 C   n 
4 15 C   n 
4 16 U   n 
4 17 G   n 
4 18 C   n 
4 19 C   n 
# 
loop_
_pdbx_entity_src_syn.entity_id 
_pdbx_entity_src_syn.pdbx_src_id 
_pdbx_entity_src_syn.pdbx_alt_source_flag 
_pdbx_entity_src_syn.pdbx_beg_seq_num 
_pdbx_entity_src_syn.pdbx_end_seq_num 
_pdbx_entity_src_syn.organism_scientific 
_pdbx_entity_src_syn.organism_common_name 
_pdbx_entity_src_syn.ncbi_taxonomy_id 
_pdbx_entity_src_syn.details 
1 1 sample ? ? ? ? ? 'Chemically synthesized based on satellite tobacco ringspot virus' 
2 1 sample ? ? ? ? ? 'Chemically synthesized based on satellite tobacco ringspot virus' 
3 1 sample ? ? ? ? ? 'Chemically synthesized based on satellite tobacco ringspot virus' 
4 1 sample ? ? ? ? ? 'Chemically synthesized based on satellite tobacco ringspot virus' 
# 
loop_
_chem_comp.id 
_chem_comp.type 
_chem_comp.mon_nstd_flag 
_chem_comp.name 
_chem_comp.pdbx_synonyms 
_chem_comp.formula 
_chem_comp.formula_weight 
A   'RNA linking' y "ADENOSINE-5'-MONOPHOSPHATE"                     ? 'C10 H14 N5 O7 P' 347.221 
A2M 'RNA linking' n 
;2'-O-methyladenosine 5'-(dihydrogen phosphate)
;
? 'C11 H16 N5 O7 P' 361.248 
C   'RNA linking' y "CYTIDINE-5'-MONOPHOSPHATE"                      ? 'C9 H14 N3 O8 P'  323.197 
G   'RNA linking' y "GUANOSINE-5'-MONOPHOSPHATE"                     ? 'C10 H14 N5 O8 P' 363.221 
HOH non-polymer   . WATER                                            ? 'H2 O'            18.015  
NCO non-polymer   . 'COBALT HEXAMMINE(III)'                          ? 'Co H18 N6 3'     161.116 
SO4 non-polymer   . 'SULFATE ION'                                    ? 'O4 S -2'         96.063  
U   'RNA linking' y "URIDINE-5'-MONOPHOSPHATE"                       ? 'C9 H13 N2 O9 P'  324.181 
# 
loop_
_pdbx_poly_seq_scheme.asym_id 
_pdbx_poly_seq_scheme.entity_id 
_pdbx_poly_seq_scheme.seq_id 
_pdbx_poly_seq_scheme.mon_id 
_pdbx_poly_seq_scheme.ndb_seq_num 
_pdbx_poly_seq_scheme.pdb_seq_num 
_pdbx_poly_seq_scheme.auth_seq_num 
_pdbx_poly_seq_scheme.pdb_mon_id 
_pdbx_poly_seq_scheme.auth_mon_id 
_pdbx_poly_seq_scheme.pdb_strand_id 
_pdbx_poly_seq_scheme.pdb_ins_code 
_pdbx_poly_seq_scheme.hetero 
A 1 1  U   1  -5 -5 U   U   A . n 
A 1 2  C   2  -4 -4 C   C   A . n 
A 1 3  C   3  -3 -3 C   C   A . n 
A 1 4  C   4  -2 -2 C   C   A . n 
A 1 5  A2M 5  -1 -1 A2M A2M A . n 
A 1 6  G   6  1  1  G   G   A . n 
A 1 7  U   7  2  2  U   U   A . n 
A 1 8  C   8  3  3  C   C   A . n 
A 1 9  C   9  4  4  C   C   A . n 
A 1 10 A   10 5  5  A   A   A . n 
A 1 11 C   11 6  6  C   C   A . n 
A 1 12 C   12 7  7  C   C   A . n 
A 1 13 G   13 8  8  G   G   A . n 
B 2 1  C   1  2  2  C   C   B . n 
B 2 2  G   2  3  3  G   G   B . n 
B 2 3  G   3  4  4  G   G   B . n 
B 2 4  U   4  5  5  U   U   B . n 
B 2 5  G   5  6  6  G   G   B . n 
B 2 6  A   6  7  7  A   A   B . n 
B 2 7  G   7  8  8  G   G   B . n 
B 2 8  A   8  9  9  A   A   B . n 
B 2 9  A   9  10 10 A   A   B . n 
B 2 10 G   10 11 11 G   G   B . n 
B 2 11 G   11 12 12 G   G   B . n 
B 2 12 G   12 13 13 G   G   B . n 
C 3 1  G   1  15 15 G   G   C . n 
C 3 2  G   2  16 16 G   G   C . n 
C 3 3  C   3  17 17 C   C   C . n 
C 3 4  A   4  18 18 A   A   C . n 
C 3 5  G   5  19 19 G   G   C . n 
C 3 6  A   6  20 20 A   A   C . n 
C 3 7  G   7  21 21 G   G   C . n 
C 3 8  A   8  22 22 A   A   C . n 
C 3 9  A   9  23 23 A   A   C . n 
C 3 10 A   10 24 24 A   A   C . n 
C 3 11 C   11 25 25 C   C   C . n 
C 3 12 A   12 26 26 A   A   C . n 
C 3 13 C   13 27 27 C   C   C . n 
C 3 14 A   14 28 28 A   A   C . n 
C 3 15 C   15 29 29 C   C   C . n 
C 3 16 G   16 30 30 G   G   C . n 
C 3 17 A   17 31 31 A   A   C . n 
D 4 1  U   1  31 31 U   U   D . n 
D 4 2  C   2  32 32 C   C   D . n 
D 4 3  G   3  33 33 G   G   D . n 
D 4 4  U   4  34 34 U   U   D . n 
D 4 5  G   5  35 35 G   G   D . n 
D 4 6  G   6  36 36 G   G   D . n 
D 4 7  U   7  37 37 U   U   D . n 
D 4 8  A   8  38 38 A   A   D . n 
D 4 9  C   9  39 39 C   C   D . n 
D 4 10 A   10 40 40 A   A   D . n 
D 4 11 U   11 41 41 U   U   D . n 
D 4 12 U   12 42 42 U   U   D . n 
D 4 13 A   13 43 43 A   A   D . n 
D 4 14 C   14 44 44 C   C   D . n 
D 4 15 C   15 45 45 C   C   D . n 
D 4 16 U   16 46 46 U   U   D . n 
D 4 17 G   17 47 47 G   G   D . n 
D 4 18 C   18 48 48 C   C   D . n 
D 4 19 C   19 49 49 C   C   D . n 
# 
loop_
_pdbx_nonpoly_scheme.asym_id 
_pdbx_nonpoly_scheme.entity_id 
_pdbx_nonpoly_scheme.mon_id 
_pdbx_nonpoly_scheme.ndb_seq_num 
_pdbx_nonpoly_scheme.pdb_seq_num 
_pdbx_nonpoly_scheme.auth_seq_num 
_pdbx_nonpoly_scheme.pdb_mon_id 
_pdbx_nonpoly_scheme.auth_mon_id 
_pdbx_nonpoly_scheme.pdb_strand_id 
_pdbx_nonpoly_scheme.pdb_ins_code 
E 5 SO4 1  201 1  SO4 SO4 A . 
F 6 NCO 1  101 2  NCO NCO B . 
G 6 NCO 1  101 1  NCO NCO D . 
H 7 HOH 1  301 15 HOH HOH A . 
H 7 HOH 2  302 16 HOH HOH A . 
H 7 HOH 3  303 18 HOH HOH A . 
H 7 HOH 4  304 42 HOH HOH A . 
H 7 HOH 5  305 45 HOH HOH A . 
H 7 HOH 6  306 48 HOH HOH A . 
H 7 HOH 7  307 50 HOH HOH A . 
H 7 HOH 8  308 51 HOH HOH A . 
H 7 HOH 9  309 53 HOH HOH A . 
H 7 HOH 10 310 54 HOH HOH A . 
H 7 HOH 11 311 57 HOH HOH A . 
H 7 HOH 12 312 74 HOH HOH A . 
H 7 HOH 13 313 76 HOH HOH A . 
H 7 HOH 14 314 81 HOH HOH A . 
H 7 HOH 15 315 82 HOH HOH A . 
H 7 HOH 16 316 83 HOH HOH A . 
H 7 HOH 17 317 85 HOH HOH A . 
I 7 HOH 1  201 11 HOH HOH B . 
I 7 HOH 2  202 12 HOH HOH B . 
I 7 HOH 3  203 13 HOH HOH B . 
I 7 HOH 4  204 14 HOH HOH B . 
I 7 HOH 5  205 30 HOH HOH B . 
I 7 HOH 6  206 33 HOH HOH B . 
I 7 HOH 7  207 56 HOH HOH B . 
I 7 HOH 8  208 73 HOH HOH B . 
I 7 HOH 9  209 75 HOH HOH B . 
I 7 HOH 10 210 77 HOH HOH B . 
I 7 HOH 11 211 78 HOH HOH B . 
I 7 HOH 12 212 79 HOH HOH B . 
I 7 HOH 13 213 80 HOH HOH B . 
I 7 HOH 14 214 84 HOH HOH B . 
I 7 HOH 15 215 86 HOH HOH B . 
I 7 HOH 16 216 87 HOH HOH B . 
J 7 HOH 1  101 1  HOH HOH C . 
J 7 HOH 2  102 6  HOH HOH C . 
J 7 HOH 3  103 8  HOH HOH C . 
J 7 HOH 4  104 9  HOH HOH C . 
J 7 HOH 5  105 10 HOH HOH C . 
J 7 HOH 6  106 17 HOH HOH C . 
J 7 HOH 7  107 20 HOH HOH C . 
J 7 HOH 8  108 22 HOH HOH C . 
J 7 HOH 9  109 25 HOH HOH C . 
J 7 HOH 10 110 29 HOH HOH C . 
J 7 HOH 11 111 31 HOH HOH C . 
J 7 HOH 12 112 34 HOH HOH C . 
J 7 HOH 13 113 35 HOH HOH C . 
J 7 HOH 14 114 36 HOH HOH C . 
J 7 HOH 15 115 37 HOH HOH C . 
J 7 HOH 16 116 38 HOH HOH C . 
J 7 HOH 17 117 39 HOH HOH C . 
J 7 HOH 18 118 41 HOH HOH C . 
J 7 HOH 19 119 46 HOH HOH C . 
J 7 HOH 20 120 67 HOH HOH C . 
J 7 HOH 21 121 69 HOH HOH C . 
J 7 HOH 22 122 70 HOH HOH C . 
J 7 HOH 23 123 71 HOH HOH C . 
J 7 HOH 24 124 72 HOH HOH C . 
K 7 HOH 1  201 2  HOH HOH D . 
K 7 HOH 2  202 3  HOH HOH D . 
K 7 HOH 3  203 4  HOH HOH D . 
K 7 HOH 4  204 5  HOH HOH D . 
K 7 HOH 5  205 7  HOH HOH D . 
K 7 HOH 6  206 21 HOH HOH D . 
K 7 HOH 7  207 23 HOH HOH D . 
K 7 HOH 8  208 24 HOH HOH D . 
K 7 HOH 9  209 26 HOH HOH D . 
K 7 HOH 10 210 27 HOH HOH D . 
K 7 HOH 11 211 28 HOH HOH D . 
K 7 HOH 12 212 32 HOH HOH D . 
K 7 HOH 13 213 40 HOH HOH D . 
K 7 HOH 14 214 43 HOH HOH D . 
K 7 HOH 15 215 44 HOH HOH D . 
K 7 HOH 16 216 47 HOH HOH D . 
K 7 HOH 17 217 49 HOH HOH D . 
K 7 HOH 18 218 52 HOH HOH D . 
K 7 HOH 19 219 55 HOH HOH D . 
K 7 HOH 20 220 58 HOH HOH D . 
K 7 HOH 21 221 60 HOH HOH D . 
K 7 HOH 22 222 61 HOH HOH D . 
K 7 HOH 23 223 62 HOH HOH D . 
K 7 HOH 24 224 63 HOH HOH D . 
K 7 HOH 25 225 64 HOH HOH D . 
K 7 HOH 26 226 65 HOH HOH D . 
K 7 HOH 27 227 68 HOH HOH D . 
# 
loop_
_software.name 
_software.classification 
_software.version 
_software.citation_id 
_software.pdbx_ordinal 
CNS          refinement        1.1            ? 1 
ADSC         'data collection' QUANTUM        ? 2 
CrystalClear 'data reduction'  '(MSC/RIGAKU)' ? 3 
CrystalClear 'data scaling'    '(MSC/RIGAKU)' ? 4 
CNS          phasing           .              ? 5 
# 
_cell.entry_id           2OUE 
_cell.length_a           93.272 
_cell.length_b           93.272 
_cell.length_c           131.250 
_cell.angle_alpha        90.00 
_cell.angle_beta         90.00 
_cell.angle_gamma        120.00 
_cell.Z_PDB              12 
_cell.pdbx_unique_axis   ? 
_cell.length_a_esd       ? 
_cell.length_b_esd       ? 
_cell.length_c_esd       ? 
_cell.angle_alpha_esd    ? 
_cell.angle_beta_esd     ? 
_cell.angle_gamma_esd    ? 
# 
_symmetry.entry_id                         2OUE 
_symmetry.space_group_name_H-M             'P 61 2 2' 
_symmetry.pdbx_full_space_group_name_H-M   ? 
_symmetry.cell_setting                     ? 
_symmetry.Int_Tables_number                178 
_symmetry.space_group_name_Hall            ? 
# 
_exptl.entry_id          2OUE 
_exptl.method            'X-RAY DIFFRACTION' 
_exptl.crystals_number   1 
# 
_exptl_crystal.id                    1 
_exptl_crystal.density_meas          ? 
_exptl_crystal.density_Matthews      4.21 
_exptl_crystal.density_percent_sol   70.80 
_exptl_crystal.description           ? 
_exptl_crystal.F_000                 ? 
_exptl_crystal.preparation           ? 
# 
_exptl_crystal_grow.crystal_id      1 
_exptl_crystal_grow.method          'VAPOR DIFFUSION, HANGING DROP' 
_exptl_crystal_grow.temp            293 
_exptl_crystal_grow.temp_details    ? 
_exptl_crystal_grow.pH              6.0 
_exptl_crystal_grow.pdbx_details    
'PEG 2000 MME, LITHIUM SULFATE, cacodylate, spermidine, cobalt hexaamine, pH 6.0, VAPOR DIFFUSION, HANGING DROP, temperature 293K' 
_exptl_crystal_grow.pdbx_pH_range   . 
# 
loop_
_exptl_crystal_grow_comp.crystal_id 
_exptl_crystal_grow_comp.id 
_exptl_crystal_grow_comp.sol_id 
_exptl_crystal_grow_comp.name 
_exptl_crystal_grow_comp.volume 
_exptl_crystal_grow_comp.conc 
_exptl_crystal_grow_comp.details 
1 1  1 'PEG 2000 MME'     ? ? ? 
1 2  1 'LITHIUM SULFATE'  ? ? ? 
1 3  1 cacodylate         ? ? ? 
1 4  1 spermidine         ? ? ? 
1 5  1 'cobalt hexaamine' ? ? ? 
1 6  2 'PEG 2000 MME'     ? ? ? 
1 7  2 'LITHIUM SULFATE'  ? ? ? 
1 8  2 cacodylate         ? ? ? 
1 9  2 spermidine         ? ? ? 
1 10 2 'cobalt hexaamine' ? ? ? 
# 
_diffrn.id                     1 
_diffrn.ambient_temp           100 
_diffrn.ambient_temp_details   ? 
_diffrn.crystal_id             1 
# 
_diffrn_detector.diffrn_id              1 
_diffrn_detector.detector               CCD 
_diffrn_detector.type                   'ADSC QUANTUM 210' 
_diffrn_detector.pdbx_collection_date   2004-11-28 
_diffrn_detector.details                
'BENT TRIANGULAR ASYMMETRIC CUT SI(111) MONOCHROMATOR (PROVIDES HORIZONTAL FOCUSSING), RH-COATED SI MIRROR FOR VERTICAL FOCUSSING' 
# 
_diffrn_radiation.diffrn_id                        1 
_diffrn_radiation.wavelength_id                    1 
_diffrn_radiation.pdbx_monochromatic_or_laue_m_l   M 
_diffrn_radiation.monochromator                    'BENT TRIANGULAR ASYMMETRIC CUT SI(111) MONOCHROMATOR' 
_diffrn_radiation.pdbx_diffrn_protocol             'SINGLE WAVELENGTH' 
_diffrn_radiation.pdbx_scattering_type             x-ray 
# 
_diffrn_radiation_wavelength.id           1 
_diffrn_radiation_wavelength.wavelength   0.9764 
_diffrn_radiation_wavelength.wt           1.0 
# 
_diffrn_source.diffrn_id                   1 
_diffrn_source.source                      SYNCHROTRON 
_diffrn_source.type                        'CHESS BEAMLINE A1' 
_diffrn_source.pdbx_synchrotron_site       CHESS 
_diffrn_source.pdbx_synchrotron_beamline   A1 
_diffrn_source.pdbx_wavelength             ? 
_diffrn_source.pdbx_wavelength_list        0.9764 
# 
_reflns.entry_id                     2OUE 
_reflns.observed_criterion_sigma_I   -5.0 
_reflns.observed_criterion_sigma_F   0.0 
_reflns.d_resolution_low             30.40 
_reflns.d_resolution_high            2.05 
_reflns.number_obs                   21699 
_reflns.number_all                   ? 
_reflns.percent_possible_obs         99.3 
_reflns.pdbx_Rmerge_I_obs            ? 
_reflns.pdbx_Rsym_value              ? 
_reflns.pdbx_netI_over_sigmaI        24.0 
_reflns.B_iso_Wilson_estimate        61.8 
_reflns.pdbx_redundancy              8.2 
_reflns.R_free_details               ? 
_reflns.pdbx_chi_squared             ? 
_reflns.pdbx_scaling_rejects         ? 
_reflns.pdbx_ordinal                 1 
_reflns.pdbx_diffrn_id               1 
# 
_reflns_shell.d_res_high             2.05 
_reflns_shell.d_res_low              2.12 
_reflns_shell.percent_possible_all   99.1 
_reflns_shell.Rmerge_I_obs           ? 
_reflns_shell.pdbx_Rsym_value        0.432 
_reflns_shell.meanI_over_sigI_obs    3.3 
_reflns_shell.pdbx_redundancy        4.7 
_reflns_shell.percent_possible_obs   ? 
_reflns_shell.number_unique_all      ? 
_reflns_shell.number_measured_all    ? 
_reflns_shell.number_measured_obs    ? 
_reflns_shell.number_unique_obs      ? 
_reflns_shell.pdbx_chi_squared       ? 
_reflns_shell.pdbx_ordinal           1 
_reflns_shell.pdbx_diffrn_id         1 
# 
_refine.entry_id                                 2OUE 
_refine.ls_number_reflns_obs                     21645 
_refine.ls_number_reflns_all                     21669 
_refine.pdbx_ls_sigma_I                          -5.0 
_refine.pdbx_ls_sigma_F                          0.0 
_refine.pdbx_data_cutoff_high_absF               1422181.38 
_refine.pdbx_data_cutoff_low_absF                0.000000 
_refine.pdbx_data_cutoff_high_rms_absF           1422181.38 
_refine.ls_d_res_low                             30.40 
_refine.ls_d_res_high                            2.05 
_refine.ls_percent_reflns_obs                    99.1 
_refine.ls_R_factor_obs                          0.252 
_refine.ls_R_factor_all                          ? 
_refine.ls_R_factor_R_work                       0.252 
_refine.ls_R_factor_R_free                       0.268 
_refine.ls_R_factor_R_free_error                 0.006 
_refine.ls_R_factor_R_free_error_details         ? 
_refine.ls_percent_reflns_R_free                 7.9 
_refine.ls_number_reflns_R_free                  1709 
_refine.ls_number_parameters                     ? 
_refine.ls_number_restraints                     ? 
_refine.occupancy_min                            ? 
_refine.occupancy_max                            ? 
_refine.correlation_coeff_Fo_to_Fc               ? 
_refine.correlation_coeff_Fo_to_Fc_free          ? 
_refine.B_iso_mean                               69.8 
_refine.aniso_B[1][1]                            -10.50 
_refine.aniso_B[2][2]                            -13.11 
_refine.aniso_B[3][3]                            23.61 
_refine.aniso_B[1][2]                            -9.47 
_refine.aniso_B[1][3]                            0.00 
_refine.aniso_B[2][3]                            0.00 
_refine.solvent_model_details                    'FLAT MODEL' 
_refine.solvent_model_param_ksol                 0.343432 
_refine.solvent_model_param_bsol                 63.093 
_refine.pdbx_solvent_vdw_probe_radii             ? 
_refine.pdbx_solvent_ion_probe_radii             ? 
_refine.pdbx_solvent_shrinkage_radii             ? 
_refine.pdbx_ls_cross_valid_method               THROUGHOUT 
_refine.details                                  ? 
_refine.pdbx_starting_model                      ? 
_refine.pdbx_method_to_determine_struct          'FOURIER SYNTHESIS' 
_refine.pdbx_isotropic_thermal_model             RESTRAINED 
_refine.pdbx_stereochemistry_target_values       'Engh & Huber' 
_refine.pdbx_stereochem_target_val_spec_case     ? 
_refine.pdbx_R_Free_selection_details            RANDOM 
_refine.pdbx_overall_ESU_R                       ? 
_refine.pdbx_overall_ESU_R_Free                  ? 
_refine.overall_SU_ML                            ? 
_refine.overall_SU_B                             ? 
_refine.ls_redundancy_reflns_obs                 ? 
_refine.overall_SU_R_Cruickshank_DPI             ? 
_refine.overall_SU_R_free                        ? 
_refine.ls_wR_factor_R_free                      ? 
_refine.ls_wR_factor_R_work                      ? 
_refine.overall_FOM_free_R_set                   ? 
_refine.overall_FOM_work_R_set                   ? 
_refine.pdbx_refine_id                           'X-RAY DIFFRACTION' 
_refine.pdbx_diffrn_id                           1 
_refine.pdbx_overall_phase_error                 ? 
_refine.pdbx_TLS_residual_ADP_flag               ? 
_refine.pdbx_overall_SU_R_free_Cruickshank_DPI   ? 
_refine.pdbx_overall_SU_R_Blow_DPI               ? 
_refine.pdbx_overall_SU_R_free_Blow_DPI          ? 
# 
_refine_analyze.entry_id                        2OUE 
_refine_analyze.Luzzati_coordinate_error_obs    0.44 
_refine_analyze.Luzzati_sigma_a_obs             0.73 
_refine_analyze.Luzzati_d_res_low_obs           30.00 
_refine_analyze.Luzzati_coordinate_error_free   0.40 
_refine_analyze.Luzzati_sigma_a_free            0.78 
_refine_analyze.Luzzati_d_res_low_free          ? 
_refine_analyze.number_disordered_residues      ? 
_refine_analyze.occupancy_sum_hydrogen          ? 
_refine_analyze.occupancy_sum_non_hydrogen      ? 
_refine_analyze.pdbx_refine_id                  'X-RAY DIFFRACTION' 
# 
_refine_hist.pdbx_refine_id                   'X-RAY DIFFRACTION' 
_refine_hist.cycle_id                         LAST 
_refine_hist.pdbx_number_atoms_protein        0 
_refine_hist.pdbx_number_atoms_nucleic_acid   1295 
_refine_hist.pdbx_number_atoms_ligand         19 
_refine_hist.number_atoms_solvent             84 
_refine_hist.number_atoms_total               1398 
_refine_hist.d_res_high                       2.05 
_refine_hist.d_res_low                        30.40 
# 
loop_
_refine_ls_restr.type 
_refine_ls_restr.dev_ideal 
_refine_ls_restr.dev_ideal_target 
_refine_ls_restr.weight 
_refine_ls_restr.number 
_refine_ls_restr.pdbx_refine_id 
_refine_ls_restr.pdbx_restraint_function 
c_bond_d           0.007 ? ? ? 'X-RAY DIFFRACTION' ? 
c_angle_deg        1.5   ? ? ? 'X-RAY DIFFRACTION' ? 
c_dihedral_angle_d 17.6  ? ? ? 'X-RAY DIFFRACTION' ? 
c_improper_angle_d 1.99  ? ? ? 'X-RAY DIFFRACTION' ? 
# 
_refine_ls_shell.pdbx_total_number_of_bins_used   4 
_refine_ls_shell.d_res_high                       2.05 
_refine_ls_shell.d_res_low                        2.26 
_refine_ls_shell.number_reflns_R_work             4892 
_refine_ls_shell.R_factor_R_work                  0.572 
_refine_ls_shell.percent_reflns_obs               99.4 
_refine_ls_shell.R_factor_R_free                  0.607 
_refine_ls_shell.R_factor_R_free_error            0.030 
_refine_ls_shell.percent_reflns_R_free            7.6 
_refine_ls_shell.number_reflns_R_free             404 
_refine_ls_shell.number_reflns_all                ? 
_refine_ls_shell.R_factor_all                     ? 
_refine_ls_shell.number_reflns_obs                ? 
_refine_ls_shell.redundancy_reflns_obs            ? 
_refine_ls_shell.pdbx_refine_id                   'X-RAY DIFFRACTION' 
# 
loop_
_pdbx_xplor_file.serial_no 
_pdbx_xplor_file.param_file 
_pdbx_xplor_file.topol_file 
_pdbx_xplor_file.pdbx_refine_id 
1 ion.param         dna-rna.top 'X-RAY DIFFRACTION' 
2 dna-rna_rep.param cobalt.top  'X-RAY DIFFRACTION' 
3 cobalt.par        ion.top     'X-RAY DIFFRACTION' 
4 water_rep.param   water.top   'X-RAY DIFFRACTION' 
# 
_struct.entry_id                  2OUE 
_struct.title                     'Crystal structure of a junctionless all-RNA hairpin ribozyme at 2.05 angstroms resolution' 
_struct.pdbx_model_details        ? 
_struct.pdbx_CASP_flag            N 
_struct.pdbx_model_type_details   ? 
# 
_struct_keywords.entry_id        2OUE 
_struct_keywords.pdbx_keywords   RNA 
_struct_keywords.text            'RNA, hairpin ribozyme, all-RNA, mutation, low salt, S-turn, E-loop, ribose zipper, catalytic RNA' 
# 
loop_
_struct_asym.id 
_struct_asym.pdbx_blank_PDB_chainid_flag 
_struct_asym.pdbx_modified 
_struct_asym.entity_id 
_struct_asym.details 
A N N 1 ? 
B N N 2 ? 
C N N 3 ? 
D N N 4 ? 
E N N 5 ? 
F N N 6 ? 
G N N 6 ? 
H N N 7 ? 
I N N 7 ? 
J N N 7 ? 
K N N 7 ? 
# 
loop_
_struct_ref.id 
_struct_ref.entity_id 
_struct_ref.db_name 
_struct_ref.db_code 
_struct_ref.pdbx_db_accession 
_struct_ref.pdbx_align_begin 
_struct_ref.pdbx_seq_one_letter_code 
_struct_ref.pdbx_db_isoform 
1 1 PDB 2OUE 2OUE ? ? ? 
2 2 PDB 2OUE 2OUE ? ? ? 
3 3 PDB 2OUE 2OUE ? ? ? 
4 4 PDB 2OUE 2OUE ? ? ? 
# 
loop_
_struct_ref_seq.align_id 
_struct_ref_seq.ref_id 
_struct_ref_seq.pdbx_PDB_id_code 
_struct_ref_seq.pdbx_strand_id 
_struct_ref_seq.seq_align_beg 
_struct_ref_seq.pdbx_seq_align_beg_ins_code 
_struct_ref_seq.seq_align_end 
_struct_ref_seq.pdbx_seq_align_end_ins_code 
_struct_ref_seq.pdbx_db_accession 
_struct_ref_seq.db_align_beg 
_struct_ref_seq.pdbx_db_align_beg_ins_code 
_struct_ref_seq.db_align_end 
_struct_ref_seq.pdbx_db_align_end_ins_code 
_struct_ref_seq.pdbx_auth_seq_align_beg 
_struct_ref_seq.pdbx_auth_seq_align_end 
1 1 2OUE A 1 ? 13 ? 2OUE -5 ? 8  ? -5 8  
2 2 2OUE B 1 ? 12 ? 2OUE 2  ? 13 ? 2  13 
3 3 2OUE C 1 ? 17 ? 2OUE 15 ? 31 ? 15 31 
4 4 2OUE D 1 ? 19 ? 2OUE 31 ? 49 ? 31 49 
# 
_pdbx_struct_assembly.id                   1 
_pdbx_struct_assembly.details              author_defined_assembly 
_pdbx_struct_assembly.method_details       ? 
_pdbx_struct_assembly.oligomeric_details   tetrameric 
_pdbx_struct_assembly.oligomeric_count     4 
# 
_pdbx_struct_assembly_gen.assembly_id       1 
_pdbx_struct_assembly_gen.oper_expression   1 
_pdbx_struct_assembly_gen.asym_id_list      A,B,C,D,E,F,G,H,I,J,K 
# 
_pdbx_struct_oper_list.id                   1 
_pdbx_struct_oper_list.type                 'identity operation' 
_pdbx_struct_oper_list.name                 1_555 
_pdbx_struct_oper_list.symmetry_operation   x,y,z 
_pdbx_struct_oper_list.matrix[1][1]         1.0000000000 
_pdbx_struct_oper_list.matrix[1][2]         0.0000000000 
_pdbx_struct_oper_list.matrix[1][3]         0.0000000000 
_pdbx_struct_oper_list.vector[1]            0.0000000000 
_pdbx_struct_oper_list.matrix[2][1]         0.0000000000 
_pdbx_struct_oper_list.matrix[2][2]         1.0000000000 
_pdbx_struct_oper_list.matrix[2][3]         0.0000000000 
_pdbx_struct_oper_list.vector[2]            0.0000000000 
_pdbx_struct_oper_list.matrix[3][1]         0.0000000000 
_pdbx_struct_oper_list.matrix[3][2]         0.0000000000 
_pdbx_struct_oper_list.matrix[3][3]         1.0000000000 
_pdbx_struct_oper_list.vector[3]            0.0000000000 
# 
_struct_biol.id        1 
_struct_biol.details   ? 
# 
loop_
_struct_conn.id 
_struct_conn.conn_type_id 
_struct_conn.pdbx_leaving_atom_flag 
_struct_conn.pdbx_PDB_id 
_struct_conn.ptnr1_label_asym_id 
_struct_conn.ptnr1_label_comp_id 
_struct_conn.ptnr1_label_seq_id 
_struct_conn.ptnr1_label_atom_id 
_struct_conn.pdbx_ptnr1_label_alt_id 
_struct_conn.pdbx_ptnr1_PDB_ins_code 
_struct_conn.pdbx_ptnr1_standard_comp_id 
_struct_conn.ptnr1_symmetry 
_struct_conn.ptnr2_label_asym_id 
_struct_conn.ptnr2_label_comp_id 
_struct_conn.ptnr2_label_seq_id 
_struct_conn.ptnr2_label_atom_id 
_struct_conn.pdbx_ptnr2_label_alt_id 
_struct_conn.pdbx_ptnr2_PDB_ins_code 
_struct_conn.ptnr1_auth_asym_id 
_struct_conn.ptnr1_auth_comp_id 
_struct_conn.ptnr1_auth_seq_id 
_struct_conn.ptnr2_auth_asym_id 
_struct_conn.ptnr2_auth_comp_id 
_struct_conn.ptnr2_auth_seq_id 
_struct_conn.ptnr2_symmetry 
_struct_conn.pdbx_ptnr3_label_atom_id 
_struct_conn.pdbx_ptnr3_label_seq_id 
_struct_conn.pdbx_ptnr3_label_comp_id 
_struct_conn.pdbx_ptnr3_label_asym_id 
_struct_conn.pdbx_ptnr3_label_alt_id 
_struct_conn.pdbx_ptnr3_PDB_ins_code 
_struct_conn.details 
_struct_conn.pdbx_dist_value 
_struct_conn.pdbx_value_order 
_struct_conn.pdbx_role 
covale1  covale both ? A C   4  "O3'" ? ? ? 1_555 A A2M 5  P  ? ? A C   -2 A A2M -1 1_555 ? ? ? ? ? ? ?                    1.603 ? 
? 
covale2  covale one  ? A A2M 5  "O3'" ? ? ? 1_555 A G   6  P  ? ? A A2M -1 A G   1  1_555 ? ? ? ? ? ? ?                    1.619 ? 
? 
hydrog1  hydrog ?    ? A C   2  N3    ? ? ? 1_555 B G   12 N1 ? ? A C   -4 B G   13 1_555 ? ? ? ? ? ? WATSON-CRICK         ?     ? 
? 
hydrog2  hydrog ?    ? A C   2  N4    ? ? ? 1_555 B G   12 O6 ? ? A C   -4 B G   13 1_555 ? ? ? ? ? ? WATSON-CRICK         ?     ? 
? 
hydrog3  hydrog ?    ? A C   2  O2    ? ? ? 1_555 B G   12 N2 ? ? A C   -4 B G   13 1_555 ? ? ? ? ? ? WATSON-CRICK         ?     ? 
? 
hydrog4  hydrog ?    ? A C   3  N3    ? ? ? 1_555 B G   11 N1 ? ? A C   -3 B G   12 1_555 ? ? ? ? ? ? WATSON-CRICK         ?     ? 
? 
hydrog5  hydrog ?    ? A C   3  N4    ? ? ? 1_555 B G   11 O6 ? ? A C   -3 B G   12 1_555 ? ? ? ? ? ? WATSON-CRICK         ?     ? 
? 
hydrog6  hydrog ?    ? A C   3  O2    ? ? ? 1_555 B G   11 N2 ? ? A C   -3 B G   12 1_555 ? ? ? ? ? ? WATSON-CRICK         ?     ? 
? 
hydrog7  hydrog ?    ? A C   4  N3    ? ? ? 1_555 B G   10 N1 ? ? A C   -2 B G   11 1_555 ? ? ? ? ? ? WATSON-CRICK         ?     ? 
? 
hydrog8  hydrog ?    ? A C   4  N4    ? ? ? 1_555 B G   10 O6 ? ? A C   -2 B G   11 1_555 ? ? ? ? ? ? WATSON-CRICK         ?     ? 
? 
hydrog9  hydrog ?    ? A C   4  O2    ? ? ? 1_555 B G   10 N2 ? ? A C   -2 B G   11 1_555 ? ? ? ? ? ? WATSON-CRICK         ?     ? 
? 
hydrog10 hydrog ?    ? A A2M 5  N3    ? ? ? 1_555 B A   8  N6 ? ? A A2M -1 B A   9  1_555 ? ? ? ? ? ? 'A2M-A MISPAIR'      ?     ? 
? 
hydrog11 hydrog ?    ? A A2M 5  N3    ? ? ? 1_555 B A   9  N6 ? ? A A2M -1 B A   10 1_555 ? ? ? ? ? ? 'A2M-A MISPAIR'      ?     ? 
? 
hydrog12 hydrog ?    ? A G   6  N1    ? ? ? 1_555 C C   11 N3 ? ? A G   1  C C   25 1_555 ? ? ? ? ? ? WATSON-CRICK         ?     ? 
? 
hydrog13 hydrog ?    ? A G   6  N2    ? ? ? 1_555 C C   11 O2 ? ? A G   1  C C   25 1_555 ? ? ? ? ? ? WATSON-CRICK         ?     ? 
? 
hydrog14 hydrog ?    ? A G   6  O6    ? ? ? 1_555 C C   11 N4 ? ? A G   1  C C   25 1_555 ? ? ? ? ? ? WATSON-CRICK         ?     ? 
? 
hydrog15 hydrog ?    ? A U   7  O4    ? ? ? 1_555 B G   7  N2 ? ? A U   2  B G   8  1_555 ? ? ? ? ? ? 'U-G MISPAIR'        ?     ? 
? 
hydrog16 hydrog ?    ? A C   8  N4    ? ? ? 1_555 B A   6  N1 ? ? A C   3  B A   7  1_555 ? ? ? ? ? ? 'C-A MISPAIR'        ?     ? 
? 
hydrog17 hydrog ?    ? A C   9  N3    ? ? ? 1_555 B G   5  N1 ? ? A C   4  B G   6  1_555 ? ? ? ? ? ? WATSON-CRICK         ?     ? 
? 
hydrog18 hydrog ?    ? A C   9  N4    ? ? ? 1_555 B G   5  O6 ? ? A C   4  B G   6  1_555 ? ? ? ? ? ? WATSON-CRICK         ?     ? 
? 
hydrog19 hydrog ?    ? A C   9  O2    ? ? ? 1_555 B G   5  N2 ? ? A C   4  B G   6  1_555 ? ? ? ? ? ? WATSON-CRICK         ?     ? 
? 
hydrog20 hydrog ?    ? A A   10 N1    ? ? ? 1_555 B U   4  N3 ? ? A A   5  B U   5  1_555 ? ? ? ? ? ? WATSON-CRICK         ?     ? 
? 
hydrog21 hydrog ?    ? A A   10 N6    ? ? ? 1_555 B U   4  O4 ? ? A A   5  B U   5  1_555 ? ? ? ? ? ? WATSON-CRICK         ?     ? 
? 
hydrog22 hydrog ?    ? A C   11 N3    ? ? ? 1_555 B G   3  N1 ? ? A C   6  B G   4  1_555 ? ? ? ? ? ? WATSON-CRICK         ?     ? 
? 
hydrog23 hydrog ?    ? A C   11 N4    ? ? ? 1_555 B G   3  O6 ? ? A C   6  B G   4  1_555 ? ? ? ? ? ? WATSON-CRICK         ?     ? 
? 
hydrog24 hydrog ?    ? A C   11 O2    ? ? ? 1_555 B G   3  N2 ? ? A C   6  B G   4  1_555 ? ? ? ? ? ? WATSON-CRICK         ?     ? 
? 
hydrog25 hydrog ?    ? A C   12 N3    ? ? ? 1_555 B G   2  N1 ? ? A C   7  B G   3  1_555 ? ? ? ? ? ? WATSON-CRICK         ?     ? 
? 
hydrog26 hydrog ?    ? A C   12 N4    ? ? ? 1_555 B G   2  O6 ? ? A C   7  B G   3  1_555 ? ? ? ? ? ? WATSON-CRICK         ?     ? 
? 
hydrog27 hydrog ?    ? A C   12 O2    ? ? ? 1_555 B G   2  N2 ? ? A C   7  B G   3  1_555 ? ? ? ? ? ? WATSON-CRICK         ?     ? 
? 
hydrog28 hydrog ?    ? A G   13 N1    ? ? ? 1_555 B C   1  N3 ? ? A G   8  B C   2  1_555 ? ? ? ? ? ? WATSON-CRICK         ?     ? 
? 
hydrog29 hydrog ?    ? A G   13 N2    ? ? ? 1_555 B C   1  O2 ? ? A G   8  B C   2  1_555 ? ? ? ? ? ? WATSON-CRICK         ?     ? 
? 
hydrog30 hydrog ?    ? A G   13 O6    ? ? ? 1_555 B C   1  N4 ? ? A G   8  B C   2  1_555 ? ? ? ? ? ? WATSON-CRICK         ?     ? 
? 
hydrog31 hydrog ?    ? C G   1  N1    ? ? ? 1_555 D C   19 N3 ? ? C G   15 D C   49 1_555 ? ? ? ? ? ? WATSON-CRICK         ?     ? 
? 
hydrog32 hydrog ?    ? C G   1  N2    ? ? ? 1_555 D C   19 O2 ? ? C G   15 D C   49 1_555 ? ? ? ? ? ? WATSON-CRICK         ?     ? 
? 
hydrog33 hydrog ?    ? C G   1  O6    ? ? ? 1_555 D C   19 N4 ? ? C G   15 D C   49 1_555 ? ? ? ? ? ? WATSON-CRICK         ?     ? 
? 
hydrog34 hydrog ?    ? C G   2  N1    ? ? ? 1_555 D C   18 N3 ? ? C G   16 D C   48 1_555 ? ? ? ? ? ? WATSON-CRICK         ?     ? 
? 
hydrog35 hydrog ?    ? C G   2  N2    ? ? ? 1_555 D C   18 O2 ? ? C G   16 D C   48 1_555 ? ? ? ? ? ? WATSON-CRICK         ?     ? 
? 
hydrog36 hydrog ?    ? C G   2  O6    ? ? ? 1_555 D C   18 N4 ? ? C G   16 D C   48 1_555 ? ? ? ? ? ? WATSON-CRICK         ?     ? 
? 
hydrog37 hydrog ?    ? C C   3  N3    ? ? ? 1_555 D G   17 N1 ? ? C C   17 D G   47 1_555 ? ? ? ? ? ? WATSON-CRICK         ?     ? 
? 
hydrog38 hydrog ?    ? C C   3  N4    ? ? ? 1_555 D G   17 O6 ? ? C C   17 D G   47 1_555 ? ? ? ? ? ? WATSON-CRICK         ?     ? 
? 
hydrog39 hydrog ?    ? C C   3  O2    ? ? ? 1_555 D G   17 N2 ? ? C C   17 D G   47 1_555 ? ? ? ? ? ? WATSON-CRICK         ?     ? 
? 
hydrog40 hydrog ?    ? C A   4  N1    ? ? ? 1_555 D U   16 N3 ? ? C A   18 D U   46 1_555 ? ? ? ? ? ? WATSON-CRICK         ?     ? 
? 
hydrog41 hydrog ?    ? C A   4  N6    ? ? ? 1_555 D U   16 O4 ? ? C A   18 D U   46 1_555 ? ? ? ? ? ? WATSON-CRICK         ?     ? 
? 
hydrog42 hydrog ?    ? C G   5  N1    ? ? ? 1_555 D C   15 N3 ? ? C G   19 D C   45 1_555 ? ? ? ? ? ? WATSON-CRICK         ?     ? 
? 
hydrog43 hydrog ?    ? C G   5  N2    ? ? ? 1_555 D C   15 O2 ? ? C G   19 D C   45 1_555 ? ? ? ? ? ? WATSON-CRICK         ?     ? 
? 
hydrog44 hydrog ?    ? C G   5  O6    ? ? ? 1_555 D C   15 N4 ? ? C G   19 D C   45 1_555 ? ? ? ? ? ? WATSON-CRICK         ?     ? 
? 
hydrog45 hydrog ?    ? C A   6  N1    ? ? ? 1_555 D C   14 N4 ? ? C A   20 D C   44 1_555 ? ? ? ? ? ? 'A-C MISPAIR'        ?     ? 
? 
hydrog46 hydrog ?    ? C G   7  N2    ? ? ? 1_555 D A   13 N7 ? ? C G   21 D A   43 1_555 ? ? ? ? ? ? TYPE_11_PAIR         ?     ? 
? 
hydrog47 hydrog ?    ? C G   7  N3    ? ? ? 1_555 D A   13 N6 ? ? C G   21 D A   43 1_555 ? ? ? ? ? ? TYPE_11_PAIR         ?     ? 
? 
hydrog48 hydrog ?    ? C A   8  N6    ? ? ? 1_555 D U   11 O2 ? ? C A   22 D U   41 1_555 ? ? ? ? ? ? 'REVERSED HOOGSTEEN' ?     ? 
? 
hydrog49 hydrog ?    ? C A   8  N7    ? ? ? 1_555 D U   11 N3 ? ? C A   22 D U   41 1_555 ? ? ? ? ? ? 'REVERSED HOOGSTEEN' ?     ? 
? 
hydrog50 hydrog ?    ? C A   9  N6    ? ? ? 1_555 D A   10 N1 ? ? C A   23 D A   40 1_555 ? ? ? ? ? ? TYPE_5_PAIR          ?     ? 
? 
hydrog51 hydrog ?    ? C A   9  N7    ? ? ? 1_555 D A   10 N6 ? ? C A   23 D A   40 1_555 ? ? ? ? ? ? TYPE_5_PAIR          ?     ? 
? 
hydrog52 hydrog ?    ? C A   10 N6    ? ? ? 1_555 D A   8  N7 ? ? C A   24 D A   38 1_555 ? ? ? ? ? ? 'A-A MISPAIR'        ?     ? 
? 
hydrog53 hydrog ?    ? C A   12 N1    ? ? ? 1_555 D G   6  N1 ? ? C A   26 D G   36 1_555 ? ? ? ? ? ? TYPE_8_PAIR          ?     ? 
? 
hydrog54 hydrog ?    ? C A   12 N6    ? ? ? 1_555 D G   6  O6 ? ? C A   26 D G   36 1_555 ? ? ? ? ? ? TYPE_8_PAIR          ?     ? 
? 
hydrog55 hydrog ?    ? C C   13 N3    ? ? ? 1_555 D G   5  N1 ? ? C C   27 D G   35 1_555 ? ? ? ? ? ? WATSON-CRICK         ?     ? 
? 
hydrog56 hydrog ?    ? C C   13 N4    ? ? ? 1_555 D G   5  O6 ? ? C C   27 D G   35 1_555 ? ? ? ? ? ? WATSON-CRICK         ?     ? 
? 
hydrog57 hydrog ?    ? C C   13 O2    ? ? ? 1_555 D G   5  N2 ? ? C C   27 D G   35 1_555 ? ? ? ? ? ? WATSON-CRICK         ?     ? 
? 
hydrog58 hydrog ?    ? C A   14 N1    ? ? ? 1_555 D U   4  N3 ? ? C A   28 D U   34 1_555 ? ? ? ? ? ? WATSON-CRICK         ?     ? 
? 
hydrog59 hydrog ?    ? C A   14 N6    ? ? ? 1_555 D U   4  O4 ? ? C A   28 D U   34 1_555 ? ? ? ? ? ? WATSON-CRICK         ?     ? 
? 
hydrog60 hydrog ?    ? C C   15 N3    ? ? ? 1_555 D G   3  N1 ? ? C C   29 D G   33 1_555 ? ? ? ? ? ? WATSON-CRICK         ?     ? 
? 
hydrog61 hydrog ?    ? C C   15 N4    ? ? ? 1_555 D G   3  O6 ? ? C C   29 D G   33 1_555 ? ? ? ? ? ? WATSON-CRICK         ?     ? 
? 
hydrog62 hydrog ?    ? C C   15 O2    ? ? ? 1_555 D G   3  N2 ? ? C C   29 D G   33 1_555 ? ? ? ? ? ? WATSON-CRICK         ?     ? 
? 
hydrog63 hydrog ?    ? C G   16 N1    ? ? ? 1_555 D C   2  N3 ? ? C G   30 D C   32 1_555 ? ? ? ? ? ? WATSON-CRICK         ?     ? 
? 
hydrog64 hydrog ?    ? C G   16 N2    ? ? ? 1_555 D C   2  O2 ? ? C G   30 D C   32 1_555 ? ? ? ? ? ? WATSON-CRICK         ?     ? 
? 
hydrog65 hydrog ?    ? C G   16 O6    ? ? ? 1_555 D C   2  N4 ? ? C G   30 D C   32 1_555 ? ? ? ? ? ? WATSON-CRICK         ?     ? 
? 
hydrog66 hydrog ?    ? C A   17 N1    ? ? ? 1_555 D U   1  N3 ? ? C A   31 D U   31 1_555 ? ? ? ? ? ? WATSON-CRICK         ?     ? 
? 
hydrog67 hydrog ?    ? C A   17 N6    ? ? ? 1_555 D U   1  O4 ? ? C A   31 D U   31 1_555 ? ? ? ? ? ? WATSON-CRICK         ?     ? 
? 
# 
loop_
_struct_conn_type.id 
_struct_conn_type.criteria 
_struct_conn_type.reference 
covale ? ? 
hydrog ? ? 
# 
loop_
_struct_site.id 
_struct_site.pdbx_evidence_code 
_struct_site.pdbx_auth_asym_id 
_struct_site.pdbx_auth_comp_id 
_struct_site.pdbx_auth_seq_id 
_struct_site.pdbx_auth_ins_code 
_struct_site.pdbx_num_residues 
_struct_site.details 
AC1 Software A SO4 201 ? 3 'BINDING SITE FOR RESIDUE SO4 A 201' 
AC2 Software B NCO 101 ? 5 'BINDING SITE FOR RESIDUE NCO B 101' 
AC3 Software D NCO 101 ? 4 'BINDING SITE FOR RESIDUE NCO D 101' 
# 
loop_
_struct_site_gen.id 
_struct_site_gen.site_id 
_struct_site_gen.pdbx_num_res 
_struct_site_gen.label_comp_id 
_struct_site_gen.label_asym_id 
_struct_site_gen.label_seq_id 
_struct_site_gen.pdbx_auth_ins_code 
_struct_site_gen.auth_comp_id 
_struct_site_gen.auth_asym_id 
_struct_site_gen.auth_seq_id 
_struct_site_gen.label_atom_id 
_struct_site_gen.label_alt_id 
_struct_site_gen.symmetry 
_struct_site_gen.details 
1  AC1 3 C   A 2  ? C   A -4  . ? 1_555 ? 
2  AC1 3 U   A 1  ? U   A -5  . ? 1_555 ? 
3  AC1 3 NCO F .  ? NCO B 101 . ? 1_555 ? 
4  AC2 5 C   A 2  ? C   A -4  . ? 1_555 ? 
5  AC2 5 SO4 E .  ? SO4 A 201 . ? 1_555 ? 
6  AC2 5 G   B 10 ? G   B 11  . ? 1_555 ? 
7  AC2 5 G   B 11 ? G   B 12  . ? 1_555 ? 
8  AC2 5 G   B 12 ? G   B 13  . ? 1_555 ? 
9  AC3 4 A   C 6  ? A   C 20  . ? 1_555 ? 
10 AC3 4 G   C 7  ? G   C 21  . ? 1_555 ? 
11 AC3 4 A   D 10 ? A   D 40  . ? 1_555 ? 
12 AC3 4 U   D 11 ? U   D 41  . ? 1_555 ? 
# 
_pdbx_validate_rmsd_bond.id                        1 
_pdbx_validate_rmsd_bond.PDB_model_num             1 
_pdbx_validate_rmsd_bond.auth_atom_id_1            C2 
_pdbx_validate_rmsd_bond.auth_asym_id_1            A 
_pdbx_validate_rmsd_bond.auth_comp_id_1            U 
_pdbx_validate_rmsd_bond.auth_seq_id_1             -5 
_pdbx_validate_rmsd_bond.PDB_ins_code_1            ? 
_pdbx_validate_rmsd_bond.label_alt_id_1            A 
_pdbx_validate_rmsd_bond.auth_atom_id_2            N3 
_pdbx_validate_rmsd_bond.auth_asym_id_2            A 
_pdbx_validate_rmsd_bond.auth_comp_id_2            U 
_pdbx_validate_rmsd_bond.auth_seq_id_2             -5 
_pdbx_validate_rmsd_bond.PDB_ins_code_2            ? 
_pdbx_validate_rmsd_bond.label_alt_id_2            A 
_pdbx_validate_rmsd_bond.bond_value                1.323 
_pdbx_validate_rmsd_bond.bond_target_value         1.373 
_pdbx_validate_rmsd_bond.bond_deviation            -0.050 
_pdbx_validate_rmsd_bond.bond_standard_deviation   0.007 
_pdbx_validate_rmsd_bond.linker_flag               N 
# 
loop_
_pdbx_validate_rmsd_angle.id 
_pdbx_validate_rmsd_angle.PDB_model_num 
_pdbx_validate_rmsd_angle.auth_atom_id_1 
_pdbx_validate_rmsd_angle.auth_asym_id_1 
_pdbx_validate_rmsd_angle.auth_comp_id_1 
_pdbx_validate_rmsd_angle.auth_seq_id_1 
_pdbx_validate_rmsd_angle.PDB_ins_code_1 
_pdbx_validate_rmsd_angle.label_alt_id_1 
_pdbx_validate_rmsd_angle.auth_atom_id_2 
_pdbx_validate_rmsd_angle.auth_asym_id_2 
_pdbx_validate_rmsd_angle.auth_comp_id_2 
_pdbx_validate_rmsd_angle.auth_seq_id_2 
_pdbx_validate_rmsd_angle.PDB_ins_code_2 
_pdbx_validate_rmsd_angle.label_alt_id_2 
_pdbx_validate_rmsd_angle.auth_atom_id_3 
_pdbx_validate_rmsd_angle.auth_asym_id_3 
_pdbx_validate_rmsd_angle.auth_comp_id_3 
_pdbx_validate_rmsd_angle.auth_seq_id_3 
_pdbx_validate_rmsd_angle.PDB_ins_code_3 
_pdbx_validate_rmsd_angle.label_alt_id_3 
_pdbx_validate_rmsd_angle.angle_value 
_pdbx_validate_rmsd_angle.angle_target_value 
_pdbx_validate_rmsd_angle.angle_deviation 
_pdbx_validate_rmsd_angle.angle_standard_deviation 
_pdbx_validate_rmsd_angle.linker_flag 
1 1 "C4'" A C -4 ? ? "C3'" A C -4 ? ? "C2'" A C -4 ? ? 108.78 102.60 6.18  1.00 N 
2 1 N1    A C -4 ? ? "C1'" A C -4 ? ? "C2'" A C -4 ? ? 105.24 112.00 -6.76 1.10 N 
3 1 "O4'" A C -4 ? ? "C1'" A C -4 ? ? N1    A C -4 ? ? 113.42 108.50 4.92  0.70 N 
# 
loop_
_pdbx_validate_planes.id 
_pdbx_validate_planes.PDB_model_num 
_pdbx_validate_planes.auth_comp_id 
_pdbx_validate_planes.auth_asym_id 
_pdbx_validate_planes.auth_seq_id 
_pdbx_validate_planes.PDB_ins_code 
_pdbx_validate_planes.label_alt_id 
_pdbx_validate_planes.rmsd 
_pdbx_validate_planes.type 
1 1 G A 1  ? ? 0.057 'SIDE CHAIN' 
2 1 U D 37 ? ? 0.081 'SIDE CHAIN' 
# 
_pdbx_struct_mod_residue.id               1 
_pdbx_struct_mod_residue.label_asym_id    A 
_pdbx_struct_mod_residue.label_comp_id    A2M 
_pdbx_struct_mod_residue.label_seq_id     5 
_pdbx_struct_mod_residue.auth_asym_id     A 
_pdbx_struct_mod_residue.auth_comp_id     A2M 
_pdbx_struct_mod_residue.auth_seq_id      -1 
_pdbx_struct_mod_residue.PDB_ins_code     ? 
_pdbx_struct_mod_residue.parent_comp_id   A 
_pdbx_struct_mod_residue.details          ? 
# 
loop_
_chem_comp_atom.comp_id 
_chem_comp_atom.atom_id 
_chem_comp_atom.type_symbol 
_chem_comp_atom.pdbx_aromatic_flag 
_chem_comp_atom.pdbx_stereo_config 
_chem_comp_atom.pdbx_ordinal 
A   OP3    O  N N 1   
A   P      P  N N 2   
A   OP1    O  N N 3   
A   OP2    O  N N 4   
A   "O5'"  O  N N 5   
A   "C5'"  C  N N 6   
A   "C4'"  C  N R 7   
A   "O4'"  O  N N 8   
A   "C3'"  C  N S 9   
A   "O3'"  O  N N 10  
A   "C2'"  C  N R 11  
A   "O2'"  O  N N 12  
A   "C1'"  C  N R 13  
A   N9     N  Y N 14  
A   C8     C  Y N 15  
A   N7     N  Y N 16  
A   C5     C  Y N 17  
A   C6     C  Y N 18  
A   N6     N  N N 19  
A   N1     N  Y N 20  
A   C2     C  Y N 21  
A   N3     N  Y N 22  
A   C4     C  Y N 23  
A   HOP3   H  N N 24  
A   HOP2   H  N N 25  
A   "H5'"  H  N N 26  
A   "H5''" H  N N 27  
A   "H4'"  H  N N 28  
A   "H3'"  H  N N 29  
A   "HO3'" H  N N 30  
A   "H2'"  H  N N 31  
A   "HO2'" H  N N 32  
A   "H1'"  H  N N 33  
A   H8     H  N N 34  
A   H61    H  N N 35  
A   H62    H  N N 36  
A   H2     H  N N 37  
A2M P      P  N N 38  
A2M OP1    O  N N 39  
A2M OP3    O  N N 40  
A2M "O5'"  O  N N 41  
A2M "C5'"  C  N N 42  
A2M "C4'"  C  N R 43  
A2M "O4'"  O  N N 44  
A2M "C3'"  C  N R 45  
A2M "O3'"  O  N N 46  
A2M "C2'"  C  N R 47  
A2M "O2'"  O  N N 48  
A2M "C1'"  C  N R 49  
A2M "CM'"  C  N N 50  
A2M N9     N  Y N 51  
A2M C8     C  Y N 52  
A2M N7     N  Y N 53  
A2M C5     C  Y N 54  
A2M C6     C  Y N 55  
A2M N6     N  N N 56  
A2M N1     N  Y N 57  
A2M C2     C  Y N 58  
A2M N3     N  Y N 59  
A2M C4     C  Y N 60  
A2M HOP3   H  N N 61  
A2M "H5'"  H  N N 62  
A2M "H5''" H  N N 63  
A2M "H4'"  H  N N 64  
A2M "H3'"  H  N N 65  
A2M "HO3'" H  N N 66  
A2M "H2'"  H  N N 67  
A2M "H1'"  H  N N 68  
A2M "HM'1" H  N N 69  
A2M "HM'2" H  N N 70  
A2M "HM'3" H  N N 71  
A2M H8     H  N N 72  
A2M H61    H  N N 73  
A2M H62    H  N N 74  
A2M H2     H  N N 75  
A2M OP2    O  N N 76  
A2M HOP2   H  N N 77  
C   OP3    O  N N 78  
C   P      P  N N 79  
C   OP1    O  N N 80  
C   OP2    O  N N 81  
C   "O5'"  O  N N 82  
C   "C5'"  C  N N 83  
C   "C4'"  C  N R 84  
C   "O4'"  O  N N 85  
C   "C3'"  C  N S 86  
C   "O3'"  O  N N 87  
C   "C2'"  C  N R 88  
C   "O2'"  O  N N 89  
C   "C1'"  C  N R 90  
C   N1     N  N N 91  
C   C2     C  N N 92  
C   O2     O  N N 93  
C   N3     N  N N 94  
C   C4     C  N N 95  
C   N4     N  N N 96  
C   C5     C  N N 97  
C   C6     C  N N 98  
C   HOP3   H  N N 99  
C   HOP2   H  N N 100 
C   "H5'"  H  N N 101 
C   "H5''" H  N N 102 
C   "H4'"  H  N N 103 
C   "H3'"  H  N N 104 
C   "HO3'" H  N N 105 
C   "H2'"  H  N N 106 
C   "HO2'" H  N N 107 
C   "H1'"  H  N N 108 
C   H41    H  N N 109 
C   H42    H  N N 110 
C   H5     H  N N 111 
C   H6     H  N N 112 
G   OP3    O  N N 113 
G   P      P  N N 114 
G   OP1    O  N N 115 
G   OP2    O  N N 116 
G   "O5'"  O  N N 117 
G   "C5'"  C  N N 118 
G   "C4'"  C  N R 119 
G   "O4'"  O  N N 120 
G   "C3'"  C  N S 121 
G   "O3'"  O  N N 122 
G   "C2'"  C  N R 123 
G   "O2'"  O  N N 124 
G   "C1'"  C  N R 125 
G   N9     N  Y N 126 
G   C8     C  Y N 127 
G   N7     N  Y N 128 
G   C5     C  Y N 129 
G   C6     C  N N 130 
G   O6     O  N N 131 
G   N1     N  N N 132 
G   C2     C  N N 133 
G   N2     N  N N 134 
G   N3     N  N N 135 
G   C4     C  Y N 136 
G   HOP3   H  N N 137 
G   HOP2   H  N N 138 
G   "H5'"  H  N N 139 
G   "H5''" H  N N 140 
G   "H4'"  H  N N 141 
G   "H3'"  H  N N 142 
G   "HO3'" H  N N 143 
G   "H2'"  H  N N 144 
G   "HO2'" H  N N 145 
G   "H1'"  H  N N 146 
G   H8     H  N N 147 
G   H1     H  N N 148 
G   H21    H  N N 149 
G   H22    H  N N 150 
HOH O      O  N N 151 
HOH H1     H  N N 152 
HOH H2     H  N N 153 
NCO CO     CO N N 154 
NCO N1     N  N N 155 
NCO N2     N  N N 156 
NCO N3     N  N N 157 
NCO N4     N  N N 158 
NCO N5     N  N N 159 
NCO N6     N  N N 160 
NCO HN11   H  N N 161 
NCO HN12   H  N N 162 
NCO HN13   H  N N 163 
NCO HN21   H  N N 164 
NCO HN22   H  N N 165 
NCO HN23   H  N N 166 
NCO HN31   H  N N 167 
NCO HN32   H  N N 168 
NCO HN33   H  N N 169 
NCO HN41   H  N N 170 
NCO HN42   H  N N 171 
NCO HN43   H  N N 172 
NCO HN51   H  N N 173 
NCO HN52   H  N N 174 
NCO HN53   H  N N 175 
NCO HN61   H  N N 176 
NCO HN62   H  N N 177 
NCO HN63   H  N N 178 
SO4 S      S  N N 179 
SO4 O1     O  N N 180 
SO4 O2     O  N N 181 
SO4 O3     O  N N 182 
SO4 O4     O  N N 183 
U   OP3    O  N N 184 
U   P      P  N N 185 
U   OP1    O  N N 186 
U   OP2    O  N N 187 
U   "O5'"  O  N N 188 
U   "C5'"  C  N N 189 
U   "C4'"  C  N R 190 
U   "O4'"  O  N N 191 
U   "C3'"  C  N S 192 
U   "O3'"  O  N N 193 
U   "C2'"  C  N R 194 
U   "O2'"  O  N N 195 
U   "C1'"  C  N R 196 
U   N1     N  N N 197 
U   C2     C  N N 198 
U   O2     O  N N 199 
U   N3     N  N N 200 
U   C4     C  N N 201 
U   O4     O  N N 202 
U   C5     C  N N 203 
U   C6     C  N N 204 
U   HOP3   H  N N 205 
U   HOP2   H  N N 206 
U   "H5'"  H  N N 207 
U   "H5''" H  N N 208 
U   "H4'"  H  N N 209 
U   "H3'"  H  N N 210 
U   "HO3'" H  N N 211 
U   "H2'"  H  N N 212 
U   "HO2'" H  N N 213 
U   "H1'"  H  N N 214 
U   H3     H  N N 215 
U   H5     H  N N 216 
U   H6     H  N N 217 
# 
loop_
_chem_comp_bond.comp_id 
_chem_comp_bond.atom_id_1 
_chem_comp_bond.atom_id_2 
_chem_comp_bond.value_order 
_chem_comp_bond.pdbx_aromatic_flag 
_chem_comp_bond.pdbx_stereo_config 
_chem_comp_bond.pdbx_ordinal 
A   OP3   P      sing N N 1   
A   OP3   HOP3   sing N N 2   
A   P     OP1    doub N N 3   
A   P     OP2    sing N N 4   
A   P     "O5'"  sing N N 5   
A   OP2   HOP2   sing N N 6   
A   "O5'" "C5'"  sing N N 7   
A   "C5'" "C4'"  sing N N 8   
A   "C5'" "H5'"  sing N N 9   
A   "C5'" "H5''" sing N N 10  
A   "C4'" "O4'"  sing N N 11  
A   "C4'" "C3'"  sing N N 12  
A   "C4'" "H4'"  sing N N 13  
A   "O4'" "C1'"  sing N N 14  
A   "C3'" "O3'"  sing N N 15  
A   "C3'" "C2'"  sing N N 16  
A   "C3'" "H3'"  sing N N 17  
A   "O3'" "HO3'" sing N N 18  
A   "C2'" "O2'"  sing N N 19  
A   "C2'" "C1'"  sing N N 20  
A   "C2'" "H2'"  sing N N 21  
A   "O2'" "HO2'" sing N N 22  
A   "C1'" N9     sing N N 23  
A   "C1'" "H1'"  sing N N 24  
A   N9    C8     sing Y N 25  
A   N9    C4     sing Y N 26  
A   C8    N7     doub Y N 27  
A   C8    H8     sing N N 28  
A   N7    C5     sing Y N 29  
A   C5    C6     sing Y N 30  
A   C5    C4     doub Y N 31  
A   C6    N6     sing N N 32  
A   C6    N1     doub Y N 33  
A   N6    H61    sing N N 34  
A   N6    H62    sing N N 35  
A   N1    C2     sing Y N 36  
A   C2    N3     doub Y N 37  
A   C2    H2     sing N N 38  
A   N3    C4     sing Y N 39  
A2M P     OP1    doub N N 40  
A2M P     OP3    sing N N 41  
A2M P     "O5'"  sing N N 42  
A2M OP3   HOP3   sing N N 43  
A2M "O5'" "C5'"  sing N N 44  
A2M "C5'" "C4'"  sing N N 45  
A2M "C5'" "H5'"  sing N N 46  
A2M "C5'" "H5''" sing N N 47  
A2M "C4'" "O4'"  sing N N 48  
A2M "C4'" "C3'"  sing N N 49  
A2M "C4'" "H4'"  sing N N 50  
A2M "O4'" "C1'"  sing N N 51  
A2M "C3'" "O3'"  sing N N 52  
A2M "C3'" "C2'"  sing N N 53  
A2M "C3'" "H3'"  sing N N 54  
A2M "O3'" "HO3'" sing N N 55  
A2M "C2'" "O2'"  sing N N 56  
A2M "C2'" "C1'"  sing N N 57  
A2M "C2'" "H2'"  sing N N 58  
A2M "O2'" "CM'"  sing N N 59  
A2M "C1'" N9     sing N N 60  
A2M "C1'" "H1'"  sing N N 61  
A2M "CM'" "HM'1" sing N N 62  
A2M "CM'" "HM'2" sing N N 63  
A2M "CM'" "HM'3" sing N N 64  
A2M N9    C8     sing Y N 65  
A2M N9    C4     sing Y N 66  
A2M C8    N7     doub Y N 67  
A2M C8    H8     sing N N 68  
A2M N7    C5     sing Y N 69  
A2M C5    C6     sing Y N 70  
A2M C5    C4     doub Y N 71  
A2M C6    N6     sing N N 72  
A2M C6    N1     doub Y N 73  
A2M N6    H61    sing N N 74  
A2M N6    H62    sing N N 75  
A2M N1    C2     sing Y N 76  
A2M C2    N3     doub Y N 77  
A2M C2    H2     sing N N 78  
A2M N3    C4     sing Y N 79  
A2M P     OP2    sing N N 80  
A2M OP2   HOP2   sing N N 81  
C   OP3   P      sing N N 82  
C   OP3   HOP3   sing N N 83  
C   P     OP1    doub N N 84  
C   P     OP2    sing N N 85  
C   P     "O5'"  sing N N 86  
C   OP2   HOP2   sing N N 87  
C   "O5'" "C5'"  sing N N 88  
C   "C5'" "C4'"  sing N N 89  
C   "C5'" "H5'"  sing N N 90  
C   "C5'" "H5''" sing N N 91  
C   "C4'" "O4'"  sing N N 92  
C   "C4'" "C3'"  sing N N 93  
C   "C4'" "H4'"  sing N N 94  
C   "O4'" "C1'"  sing N N 95  
C   "C3'" "O3'"  sing N N 96  
C   "C3'" "C2'"  sing N N 97  
C   "C3'" "H3'"  sing N N 98  
C   "O3'" "HO3'" sing N N 99  
C   "C2'" "O2'"  sing N N 100 
C   "C2'" "C1'"  sing N N 101 
C   "C2'" "H2'"  sing N N 102 
C   "O2'" "HO2'" sing N N 103 
C   "C1'" N1     sing N N 104 
C   "C1'" "H1'"  sing N N 105 
C   N1    C2     sing N N 106 
C   N1    C6     sing N N 107 
C   C2    O2     doub N N 108 
C   C2    N3     sing N N 109 
C   N3    C4     doub N N 110 
C   C4    N4     sing N N 111 
C   C4    C5     sing N N 112 
C   N4    H41    sing N N 113 
C   N4    H42    sing N N 114 
C   C5    C6     doub N N 115 
C   C5    H5     sing N N 116 
C   C6    H6     sing N N 117 
G   OP3   P      sing N N 118 
G   OP3   HOP3   sing N N 119 
G   P     OP1    doub N N 120 
G   P     OP2    sing N N 121 
G   P     "O5'"  sing N N 122 
G   OP2   HOP2   sing N N 123 
G   "O5'" "C5'"  sing N N 124 
G   "C5'" "C4'"  sing N N 125 
G   "C5'" "H5'"  sing N N 126 
G   "C5'" "H5''" sing N N 127 
G   "C4'" "O4'"  sing N N 128 
G   "C4'" "C3'"  sing N N 129 
G   "C4'" "H4'"  sing N N 130 
G   "O4'" "C1'"  sing N N 131 
G   "C3'" "O3'"  sing N N 132 
G   "C3'" "C2'"  sing N N 133 
G   "C3'" "H3'"  sing N N 134 
G   "O3'" "HO3'" sing N N 135 
G   "C2'" "O2'"  sing N N 136 
G   "C2'" "C1'"  sing N N 137 
G   "C2'" "H2'"  sing N N 138 
G   "O2'" "HO2'" sing N N 139 
G   "C1'" N9     sing N N 140 
G   "C1'" "H1'"  sing N N 141 
G   N9    C8     sing Y N 142 
G   N9    C4     sing Y N 143 
G   C8    N7     doub Y N 144 
G   C8    H8     sing N N 145 
G   N7    C5     sing Y N 146 
G   C5    C6     sing N N 147 
G   C5    C4     doub Y N 148 
G   C6    O6     doub N N 149 
G   C6    N1     sing N N 150 
G   N1    C2     sing N N 151 
G   N1    H1     sing N N 152 
G   C2    N2     sing N N 153 
G   C2    N3     doub N N 154 
G   N2    H21    sing N N 155 
G   N2    H22    sing N N 156 
G   N3    C4     sing N N 157 
HOH O     H1     sing N N 158 
HOH O     H2     sing N N 159 
NCO CO    N1     sing N N 160 
NCO CO    N2     sing N N 161 
NCO CO    N3     sing N N 162 
NCO CO    N4     sing N N 163 
NCO CO    N5     sing N N 164 
NCO CO    N6     sing N N 165 
NCO N1    HN11   sing N N 166 
NCO N1    HN12   sing N N 167 
NCO N1    HN13   sing N N 168 
NCO N2    HN21   sing N N 169 
NCO N2    HN22   sing N N 170 
NCO N2    HN23   sing N N 171 
NCO N3    HN31   sing N N 172 
NCO N3    HN32   sing N N 173 
NCO N3    HN33   sing N N 174 
NCO N4    HN41   sing N N 175 
NCO N4    HN42   sing N N 176 
NCO N4    HN43   sing N N 177 
NCO N5    HN51   sing N N 178 
NCO N5    HN52   sing N N 179 
NCO N5    HN53   sing N N 180 
NCO N6    HN61   sing N N 181 
NCO N6    HN62   sing N N 182 
NCO N6    HN63   sing N N 183 
SO4 S     O1     doub N N 184 
SO4 S     O2     doub N N 185 
SO4 S     O3     sing N N 186 
SO4 S     O4     sing N N 187 
U   OP3   P      sing N N 188 
U   OP3   HOP3   sing N N 189 
U   P     OP1    doub N N 190 
U   P     OP2    sing N N 191 
U   P     "O5'"  sing N N 192 
U   OP2   HOP2   sing N N 193 
U   "O5'" "C5'"  sing N N 194 
U   "C5'" "C4'"  sing N N 195 
U   "C5'" "H5'"  sing N N 196 
U   "C5'" "H5''" sing N N 197 
U   "C4'" "O4'"  sing N N 198 
U   "C4'" "C3'"  sing N N 199 
U   "C4'" "H4'"  sing N N 200 
U   "O4'" "C1'"  sing N N 201 
U   "C3'" "O3'"  sing N N 202 
U   "C3'" "C2'"  sing N N 203 
U   "C3'" "H3'"  sing N N 204 
U   "O3'" "HO3'" sing N N 205 
U   "C2'" "O2'"  sing N N 206 
U   "C2'" "C1'"  sing N N 207 
U   "C2'" "H2'"  sing N N 208 
U   "O2'" "HO2'" sing N N 209 
U   "C1'" N1     sing N N 210 
U   "C1'" "H1'"  sing N N 211 
U   N1    C2     sing N N 212 
U   N1    C6     sing N N 213 
U   C2    O2     doub N N 214 
U   C2    N3     sing N N 215 
U   N3    C4     sing N N 216 
U   N3    H3     sing N N 217 
U   C4    O4     doub N N 218 
U   C4    C5     sing N N 219 
U   C5    C6     doub N N 220 
U   C5    H5     sing N N 221 
U   C6    H6     sing N N 222 
# 
loop_
_ndb_struct_conf_na.entry_id 
_ndb_struct_conf_na.feature 
2OUE 'double helix'         
2OUE 'a-form double helix'  
2OUE 'bulge loop'           
2OUE 'mismatched base pair' 
2OUE 'internal loop'        
# 
loop_
_ndb_struct_na_base_pair.model_number 
_ndb_struct_na_base_pair.i_label_asym_id 
_ndb_struct_na_base_pair.i_label_comp_id 
_ndb_struct_na_base_pair.i_label_seq_id 
_ndb_struct_na_base_pair.i_symmetry 
_ndb_struct_na_base_pair.j_label_asym_id 
_ndb_struct_na_base_pair.j_label_comp_id 
_ndb_struct_na_base_pair.j_label_seq_id 
_ndb_struct_na_base_pair.j_symmetry 
_ndb_struct_na_base_pair.shear 
_ndb_struct_na_base_pair.stretch 
_ndb_struct_na_base_pair.stagger 
_ndb_struct_na_base_pair.buckle 
_ndb_struct_na_base_pair.propeller 
_ndb_struct_na_base_pair.opening 
_ndb_struct_na_base_pair.pair_number 
_ndb_struct_na_base_pair.pair_name 
_ndb_struct_na_base_pair.i_auth_asym_id 
_ndb_struct_na_base_pair.i_auth_seq_id 
_ndb_struct_na_base_pair.i_PDB_ins_code 
_ndb_struct_na_base_pair.j_auth_asym_id 
_ndb_struct_na_base_pair.j_auth_seq_id 
_ndb_struct_na_base_pair.j_PDB_ins_code 
_ndb_struct_na_base_pair.hbond_type_28 
_ndb_struct_na_base_pair.hbond_type_12 
1 A C   2  1_555 B G 12 1_555 0.156  -0.104 -0.267 5.238   -14.666 3.803    1  A_C-4:G13_B  A -4 ? B 13 ? 19 1  
1 A C   3  1_555 B G 11 1_555 0.211  -0.210 -0.136 -2.177  -4.250  3.064    2  A_C-3:G12_B  A -3 ? B 12 ? 19 1  
1 A C   4  1_555 B G 10 1_555 0.376  -0.040 0.016  1.043   0.858   6.957    3  A_C-2:G11_B  A -2 ? B 11 ? 19 1  
1 A A2M 5  1_555 B A 8  1_555 6.647  -3.888 -0.245 12.532  11.401  -28.409  4  A_A2M-1:A9_B A -1 ? B 9  ? ?  10 
1 A U   7  1_555 B G 7  1_555 -7.478 -2.428 -0.312 13.655  1.042   8.066    5  A_U2:G8_B    A 2  ? B 8  ? ?  ?  
1 A C   8  1_555 B A 6  1_555 -2.014 0.458  -0.672 21.334  -17.056 7.083    6  A_C3:A7_B    A 3  ? B 7  ? ?  ?  
1 A C   9  1_555 B G 5  1_555 0.256  -0.040 0.129  3.465   -11.314 3.082    7  A_C4:G6_B    A 4  ? B 6  ? 19 1  
1 A A   10 1_555 B U 4  1_555 0.274  -0.266 0.310  -0.342  -17.181 -1.262   8  A_A5:U5_B    A 5  ? B 5  ? 20 1  
1 A C   11 1_555 B G 3  1_555 0.451  0.121  0.278  4.338   -15.663 6.445    9  A_C6:G4_B    A 6  ? B 4  ? 19 1  
1 A C   12 1_555 B G 2  1_555 0.619  -0.140 0.243  1.823   -16.555 9.868    10 A_C7:G3_B    A 7  ? B 3  ? 19 1  
1 A G   13 1_555 B C 1  1_555 -0.491 -0.050 0.127  0.400   -6.332  11.588   11 A_G8:C2_B    A 8  ? B 2  ? 19 1  
1 C G   1  1_555 D C 19 1_555 -0.221 -0.151 0.670  5.462   -6.680  -0.846   12 C_G15:C49_D  C 15 ? D 49 ? 19 1  
1 C G   2  1_555 D C 18 1_555 -0.432 -0.218 0.637  14.675  -13.913 -0.823   13 C_G16:C48_D  C 16 ? D 48 ? 19 1  
1 C C   3  1_555 D G 17 1_555 0.285  -0.089 0.115  4.751   -16.371 3.153    14 C_C17:G47_D  C 17 ? D 47 ? 19 1  
1 C A   4  1_555 D U 16 1_555 -0.056 -0.162 0.083  -1.028  -10.286 6.660    15 C_A18:U46_D  C 18 ? D 46 ? 20 1  
1 C G   5  1_555 D C 15 1_555 -0.628 -0.245 -0.503 -10.336 -10.630 4.966    16 C_G19:C45_D  C 19 ? D 45 ? 19 1  
1 C A   6  1_555 D C 14 1_555 1.944  0.284  -0.336 -12.688 -7.681  18.486   17 C_A20:C44_D  C 20 ? D 44 ? ?  1  
1 C G   7  1_555 D A 13 1_555 6.952  -4.752 -0.152 -4.163  1.529   -7.134   18 C_G21:A43_D  C 21 ? D 43 ? 11 10 
1 C A   8  1_555 D U 11 1_555 -4.063 -2.066 -0.171 -2.294  -7.396  -97.451  19 C_A22:U41_D  C 22 ? D 41 ? 24 4  
1 C A   9  1_555 D A 10 1_555 -4.277 0.898  -0.254 2.161   -20.784 -97.149  20 C_A23:A40_D  C 23 ? D 40 ? 5  4  
1 C A   10 1_555 D A 8  1_555 5.268  3.376  -0.522 -0.546  -14.256 -154.630 21 C_A24:A38_D  C 24 ? D 38 ? ?  ?  
1 C C   11 1_555 A G 6  1_555 0.179  -0.127 0.055  20.335  -13.057 -2.082   22 C_C25:G1_A   C 25 ? A 1  ? 19 1  
1 C A   12 1_555 D G 6  1_555 0.150  1.300  -0.444 -11.061 -16.138 -19.029  23 C_A26:G36_D  C 26 ? D 36 ? 8  ?  
1 C C   13 1_555 D G 5  1_555 0.156  -0.082 0.134  7.267   -22.989 3.417    24 C_C27:G35_D  C 27 ? D 35 ? 19 1  
1 C A   14 1_555 D U 4  1_555 -0.115 -0.085 0.606  6.649   -20.086 3.956    25 C_A28:U34_D  C 28 ? D 34 ? 20 1  
1 C C   15 1_555 D G 3  1_555 0.242  -0.042 0.021  5.166   -15.932 2.853    26 C_C29:G33_D  C 29 ? D 33 ? 19 1  
1 C G   16 1_555 D C 2  1_555 -0.333 -0.075 0.367  -4.533  -14.562 -2.394   27 C_G30:C32_D  C 30 ? D 32 ? 19 1  
1 C A   17 1_555 D U 1  1_555 0.633  -0.124 0.359  1.683   -5.689  1.640    28 C_A31:U31_D  C 31 ? D 31 ? 20 1  
# 
loop_
_ndb_struct_na_base_pair_step.model_number 
_ndb_struct_na_base_pair_step.i_label_asym_id_1 
_ndb_struct_na_base_pair_step.i_label_comp_id_1 
_ndb_struct_na_base_pair_step.i_label_seq_id_1 
_ndb_struct_na_base_pair_step.i_symmetry_1 
_ndb_struct_na_base_pair_step.j_label_asym_id_1 
_ndb_struct_na_base_pair_step.j_label_comp_id_1 
_ndb_struct_na_base_pair_step.j_label_seq_id_1 
_ndb_struct_na_base_pair_step.j_symmetry_1 
_ndb_struct_na_base_pair_step.i_label_asym_id_2 
_ndb_struct_na_base_pair_step.i_label_comp_id_2 
_ndb_struct_na_base_pair_step.i_label_seq_id_2 
_ndb_struct_na_base_pair_step.i_symmetry_2 
_ndb_struct_na_base_pair_step.j_label_asym_id_2 
_ndb_struct_na_base_pair_step.j_label_comp_id_2 
_ndb_struct_na_base_pair_step.j_label_seq_id_2 
_ndb_struct_na_base_pair_step.j_symmetry_2 
_ndb_struct_na_base_pair_step.shift 
_ndb_struct_na_base_pair_step.slide 
_ndb_struct_na_base_pair_step.rise 
_ndb_struct_na_base_pair_step.tilt 
_ndb_struct_na_base_pair_step.roll 
_ndb_struct_na_base_pair_step.twist 
_ndb_struct_na_base_pair_step.x_displacement 
_ndb_struct_na_base_pair_step.y_displacement 
_ndb_struct_na_base_pair_step.helical_rise 
_ndb_struct_na_base_pair_step.inclination 
_ndb_struct_na_base_pair_step.tip 
_ndb_struct_na_base_pair_step.helical_twist 
_ndb_struct_na_base_pair_step.step_number 
_ndb_struct_na_base_pair_step.step_name 
_ndb_struct_na_base_pair_step.i_auth_asym_id_1 
_ndb_struct_na_base_pair_step.i_auth_seq_id_1 
_ndb_struct_na_base_pair_step.i_PDB_ins_code_1 
_ndb_struct_na_base_pair_step.j_auth_asym_id_1 
_ndb_struct_na_base_pair_step.j_auth_seq_id_1 
_ndb_struct_na_base_pair_step.j_PDB_ins_code_1 
_ndb_struct_na_base_pair_step.i_auth_asym_id_2 
_ndb_struct_na_base_pair_step.i_auth_seq_id_2 
_ndb_struct_na_base_pair_step.i_PDB_ins_code_2 
_ndb_struct_na_base_pair_step.j_auth_asym_id_2 
_ndb_struct_na_base_pair_step.j_auth_seq_id_2 
_ndb_struct_na_base_pair_step.j_PDB_ins_code_2 
1 A C   2  1_555 B G 12 1_555 A C   3  1_555 B G 11 1_555 -0.546 -1.963 3.474 -0.611  10.264 33.049  -4.852 0.826  2.768 17.522 
1.043   34.569  1  AA_C-4C-3:G12G13_BB  A -4 ? B 13 ? A -3 ? B 12 ? 
1 A C   3  1_555 B G 11 1_555 A C   4  1_555 B G 10 1_555 0.682  -1.670 3.300 0.327   7.633  26.568  -5.244 -1.353 2.731 16.188 
-0.694  27.626  2  AA_C-3C-2:G11G12_BB  A -3 ? B 12 ? A -2 ? B 11 ? 
1 A C   4  1_555 B G 10 1_555 A A2M 5  1_555 B A 8  1_555 0.101  -0.708 5.254 -1.356  29.815 70.893  -1.987 -0.146 4.698 24.655 
1.122   76.154  3  AA_C-2A2M-1:A9G11_BB A -2 ? B 11 ? A -1 ? B 9  ? 
1 A A2M 5  1_555 B A 8  1_555 A U   7  1_555 B G 7  1_555 -0.654 0.264  3.353 2.333   3.056  10.222  -3.482 7.157  3.074 16.408 
-12.529 10.919  4  AA_A2M-1U2:G8A9_BB   A -1 ? B 9  ? A 2  ? B 8  ? 
1 A U   7  1_555 B G 7  1_555 A C   8  1_555 B A 6  1_555 -0.208 -0.829 3.215 -2.296  4.739  51.744  -1.254 0.088  3.139 5.414  
2.623   51.993  5  AA_U2C3:A7G8_BB      A 2  ? B 8  ? A 3  ? B 7  ? 
1 A C   8  1_555 B A 6  1_555 A C   9  1_555 B G 5  1_555 -0.204 -1.528 3.860 -8.326  10.656 40.537  -3.316 -0.669 3.350 14.887 
11.633  42.643  6  AA_C3C4:G6A7_BB      A 3  ? B 7  ? A 4  ? B 6  ? 
1 A C   9  1_555 B G 5  1_555 A A   10 1_555 B U 4  1_555 -0.538 -1.721 3.236 -0.621  7.690  34.103  -3.953 0.808  2.802 12.907 
1.043   34.940  7  AA_C4A5:U5G6_BB      A 4  ? B 6  ? A 5  ? B 5  ? 
1 A A   10 1_555 B U 4  1_555 A C   11 1_555 B G 3  1_555 0.180  -1.336 3.074 0.264   3.081  29.090  -3.259 -0.303 2.921 6.111  
-0.523  29.250  8  AA_A5C6:G4U5_BB      A 5  ? B 5  ? A 6  ? B 4  ? 
1 A C   11 1_555 B G 3  1_555 A C   12 1_555 B G 2  1_555 0.139  -2.063 3.078 1.968   8.316  31.711  -4.886 0.046  2.476 14.884 
-3.523  32.813  9  AA_C6C7:G3G4_BB      A 6  ? B 4  ? A 7  ? B 3  ? 
1 A C   12 1_555 B G 2  1_555 A G   13 1_555 B C 1  1_555 0.144  -1.745 3.031 0.845   11.690 27.357  -5.421 -0.135 2.126 23.402 
-1.691  29.718  10 AA_C7G8:C2G3_BB      A 7  ? B 3  ? A 8  ? B 2  ? 
1 C G   1  1_555 D C 19 1_555 C G   2  1_555 D C 18 1_555 -0.562 -1.267 2.940 -2.039  4.718  33.043  -2.887 0.681  2.767 8.233  
3.558   33.430  11 CC_G15G16:C48C49_DD  C 15 ? D 49 ? C 16 ? D 48 ? 
1 C G   2  1_555 D C 18 1_555 C C   3  1_555 D G 17 1_555 0.424  -1.309 3.427 3.929   9.917  37.860  -3.135 -0.160 3.030 14.925 
-5.913  39.281  12 CC_G16C17:G47C48_DD  C 16 ? D 48 ? C 17 ? D 47 ? 
1 C C   3  1_555 D G 17 1_555 C A   4  1_555 D U 16 1_555 0.351  -1.702 3.142 -0.958  13.492 29.744  -5.031 -0.766 2.174 24.736 
1.756   32.612  13 CC_C17A18:U46G47_DD  C 17 ? D 47 ? C 18 ? D 46 ? 
1 C A   4  1_555 D U 16 1_555 C G   5  1_555 D C 15 1_555 0.029  -1.981 3.583 0.755   6.908  27.513  -5.674 0.119  3.005 14.239 
-1.557  28.361  14 CC_A18G19:C45U46_DD  C 18 ? D 46 ? C 19 ? D 45 ? 
1 C G   5  1_555 D C 15 1_555 C A   6  1_555 D C 14 1_555 0.879  -1.240 3.398 0.781   7.890  39.498  -2.701 -1.189 3.120 11.534 
-1.141  40.255  15 CC_G19A20:C44C45_DD  C 19 ? D 45 ? C 20 ? D 44 ? 
1 C A   6  1_555 D C 14 1_555 C G   7  1_555 D A 13 1_555 -0.684 -0.862 3.131 5.457   5.146  61.131  -1.069 0.909  2.992 5.039  
-5.344  61.545  16 CC_A20G21:A43C44_DD  C 20 ? D 44 ? C 21 ? D 43 ? 
1 C G   7  1_555 D A 13 1_555 C A   8  1_555 D U 11 1_555 -2.171 -0.322 3.492 4.143   1.415  10.213  -3.664 17.075 2.363 7.514  
-21.991 11.109  17 CC_G21A22:U41A43_DD  C 21 ? D 43 ? C 22 ? D 41 ? 
1 C A   8  1_555 D U 11 1_555 C A   9  1_555 D A 10 1_555 -0.244 -2.118 3.408 -10.164 2.094  44.161  -2.943 -0.620 3.285 2.741  
13.302  45.305  18 CC_A22A23:A40U41_DD  C 22 ? D 41 ? C 23 ? D 40 ? 
1 C A   9  1_555 D A 10 1_555 C A   10 1_555 D A 8  1_555 -3.182 -3.265 3.631 -3.302  1.523  76.361  -2.689 2.463  3.689 1.231  
2.670   76.434  19 CC_A23A24:A38A40_DD  C 23 ? D 40 ? C 24 ? D 38 ? 
1 C A   10 1_555 D A 8  1_555 C C   11 1_555 A G 6  1_555 2.522  -0.231 2.864 0.275   3.433  -30.780 -0.147 4.770  2.850 -6.442 
0.517   -30.967 20 CC_A24C25:G1A38_AD   C 24 ? D 38 ? C 25 ? A 1  ? 
1 C C   11 1_555 A G 6  1_555 C A   12 1_555 D G 6  1_555 0.227  -2.102 3.898 5.818   6.450  46.445  -3.233 0.265  3.593 8.095  
-7.303  47.206  21 CC_C25A26:G36G1_DA   C 25 ? A 1  ? C 26 ? D 36 ? 
1 C A   12 1_555 D G 6  1_555 C C   13 1_555 D G 5  1_555 1.144  -0.762 2.832 -4.225  4.079  28.971  -2.208 -2.984 2.515 8.049  
8.337   29.547  22 CC_A26C27:G35G36_DD  C 26 ? D 36 ? C 27 ? D 35 ? 
1 C C   13 1_555 D G 5  1_555 C A   14 1_555 D U 4  1_555 0.284  -1.181 3.112 -2.373  9.712  34.178  -3.209 -0.776 2.663 16.103 
3.934   35.568  23 CC_C27A28:U34G35_DD  C 27 ? D 35 ? C 28 ? D 34 ? 
1 C A   14 1_555 D U 4  1_555 C C   15 1_555 D G 3  1_555 0.159  -1.176 3.321 4.582   -0.375 33.690  -1.951 0.475  3.326 -0.642 
-7.861  33.993  24 CC_A28C29:G33U34_DD  C 28 ? D 34 ? C 29 ? D 33 ? 
1 C C   15 1_555 D G 3  1_555 C G   16 1_555 D C 2  1_555 0.082  -1.678 3.265 -1.099  11.598 32.708  -4.445 -0.293 2.537 19.827 
1.878   34.668  25 CC_C29G30:C32G33_DD  C 29 ? D 33 ? C 30 ? D 32 ? 
1 C G   16 1_555 D C 2  1_555 C A   17 1_555 D U 1  1_555 0.599  -1.620 3.011 3.741   1.190  34.945  -2.845 -0.477 3.002 1.974  
-6.205  35.158  26 CC_G30A31:U31C32_DD  C 30 ? D 32 ? C 31 ? D 31 ? 
# 
_atom_sites.entry_id                    2OUE 
_atom_sites.fract_transf_matrix[1][1]   -0.00473741 
_atom_sites.fract_transf_matrix[1][2]   0.00541796 
_atom_sites.fract_transf_matrix[1][3]   0.01007267 
_atom_sites.fract_transf_matrix[2][1]   -0.00630292 
_atom_sites.fract_transf_matrix[2][2]   -0.00672817 
_atom_sites.fract_transf_matrix[2][3]   0.00826253 
_atom_sites.fract_transf_matrix[3][1]   0.00646005 
_atom_sites.fract_transf_matrix[3][2]   -0.00139746 
_atom_sites.fract_transf_matrix[3][3]   0.00378999 
_atom_sites.fract_transf_vector[1]      0.434525 
_atom_sites.fract_transf_vector[2]      0.210890 
_atom_sites.fract_transf_vector[3]      0.385995 
# 
loop_
_atom_type.symbol 
C  
CO 
N  
O  
P  
S  
# 
loop_
_atom_site.group_PDB 
_atom_site.id 
_atom_site.type_symbol 
_atom_site.label_atom_id 
_atom_site.label_alt_id 
_atom_site.label_comp_id 
_atom_site.label_asym_id 
_atom_site.label_entity_id 
_atom_site.label_seq_id 
_atom_site.pdbx_PDB_ins_code 
_atom_site.Cartn_x 
_atom_site.Cartn_y 
_atom_site.Cartn_z 
_atom_site.occupancy 
_atom_site.B_iso_or_equiv 
_atom_site.pdbx_formal_charge 
_atom_site.auth_seq_id 
_atom_site.auth_comp_id 
_atom_site.auth_asym_id 
_atom_site.auth_atom_id 
_atom_site.pdbx_PDB_model_num 
ATOM   1    O  "O5'" A U   A 1 1  ? 1.080   -2.419  19.548  0.50 82.47  ? -5  U   A "O5'" 1 
ATOM   2    O  "O5'" B U   A 1 1  ? 0.269   -2.941  19.912  0.50 81.58  ? -5  U   A "O5'" 1 
ATOM   3    C  "C5'" A U   A 1 1  ? -0.228  -3.019  19.471  0.50 75.89  ? -5  U   A "C5'" 1 
ATOM   4    C  "C5'" B U   A 1 1  ? 0.560   -3.970  20.865  0.50 76.74  ? -5  U   A "C5'" 1 
ATOM   5    C  "C4'" A U   A 1 1  ? -0.135  -4.502  19.732  0.50 74.62  ? -5  U   A "C4'" 1 
ATOM   6    C  "C4'" B U   A 1 1  ? 0.321   -5.356  20.308  0.50 74.78  ? -5  U   A "C4'" 1 
ATOM   7    O  "O4'" A U   A 1 1  ? -1.494  -4.997  19.950  0.50 74.03  ? -5  U   A "O4'" 1 
ATOM   8    O  "O4'" B U   A 1 1  ? -1.065  -5.762  20.507  0.50 74.61  ? -5  U   A "O4'" 1 
ATOM   9    C  "C3'" A U   A 1 1  ? 0.358   -5.359  18.576  0.50 74.59  ? -5  U   A "C3'" 1 
ATOM   10   C  "C3'" B U   A 1 1  ? 0.533   -5.487  18.812  0.50 73.51  ? -5  U   A "C3'" 1 
ATOM   11   O  "O3'" A U   A 1 1  ? 1.776   -5.478  18.479  0.50 74.54  ? -5  U   A "O3'" 1 
ATOM   12   O  "O3'" B U   A 1 1  ? 1.903   -5.641  18.500  0.50 73.45  ? -5  U   A "O3'" 1 
ATOM   13   C  "C2'" A U   A 1 1  ? -0.290  -6.708  18.862  0.50 73.94  ? -5  U   A "C2'" 1 
ATOM   14   C  "C2'" B U   A 1 1  ? -0.339  -6.694  18.487  0.50 72.00  ? -5  U   A "C2'" 1 
ATOM   15   O  "O2'" A U   A 1 1  ? 0.426   -7.491  19.804  0.50 75.08  ? -5  U   A "O2'" 1 
ATOM   16   O  "O2'" B U   A 1 1  ? 0.193   -7.927  18.936  0.50 74.24  ? -5  U   A "O2'" 1 
ATOM   17   C  "C1'" A U   A 1 1  ? -1.632  -6.286  19.446  0.50 73.34  ? -5  U   A "C1'" 1 
ATOM   18   C  "C1'" B U   A 1 1  ? -1.574  -6.356  19.316  0.50 71.30  ? -5  U   A "C1'" 1 
ATOM   19   N  N1    A U   A 1 1  ? -2.694  -6.178  18.443  0.50 68.57  ? -5  U   A N1    1 
ATOM   20   N  N1    B U   A 1 1  ? -2.338  -5.310  18.634  0.50 65.81  ? -5  U   A N1    1 
ATOM   21   C  C2    A U   A 1 1  ? -3.326  -7.329  17.993  0.50 68.43  ? -5  U   A C2    1 
ATOM   22   C  C2    B U   A 1 1  ? -3.354  -5.647  17.753  0.50 66.11  ? -5  U   A C2    1 
ATOM   23   O  O2    A U   A 1 1  ? -2.957  -8.438  18.395  0.50 68.76  ? -5  U   A O2    1 
ATOM   24   O  O2    B U   A 1 1  ? -3.701  -6.803  17.522  0.50 67.30  ? -5  U   A O2    1 
ATOM   25   N  N3    A U   A 1 1  ? -4.361  -7.159  17.188  0.50 65.72  ? -5  U   A N3    1 
ATOM   26   N  N3    B U   A 1 1  ? -3.953  -4.564  17.152  0.50 63.84  ? -5  U   A N3    1 
ATOM   27   C  C4    A U   A 1 1  ? -4.862  -5.941  16.747  0.50 65.11  ? -5  U   A C4    1 
ATOM   28   C  C4    B U   A 1 1  ? -3.640  -3.221  17.355  0.50 62.59  ? -5  U   A C4    1 
ATOM   29   O  O4    A U   A 1 1  ? -5.823  -5.919  15.985  0.50 60.95  ? -5  U   A O4    1 
ATOM   30   O  O4    B U   A 1 1  ? -4.246  -2.350  16.735  0.50 60.01  ? -5  U   A O4    1 
ATOM   31   C  C5    A U   A 1 1  ? -4.157  -4.791  17.179  0.50 66.27  ? -5  U   A C5    1 
ATOM   32   C  C5    B U   A 1 1  ? -2.594  -2.984  18.288  0.50 62.36  ? -5  U   A C5    1 
ATOM   33   C  C6    A U   A 1 1  ? -3.105  -4.946  18.003  0.50 67.45  ? -5  U   A C6    1 
ATOM   34   C  C6    B U   A 1 1  ? -2.005  -4.004  18.876  0.50 64.51  ? -5  U   A C6    1 
ATOM   35   P  P     . C   A 1 2  ? 2.466   -5.101  17.095  1.00 74.62  ? -4  C   A P     1 
ATOM   36   O  OP1   . C   A 1 2  ? 3.847   -5.657  17.077  1.00 69.46  ? -4  C   A OP1   1 
ATOM   37   O  OP2   . C   A 1 2  ? 2.253   -3.624  16.950  1.00 78.92  ? -4  C   A OP2   1 
ATOM   38   O  "O5'" . C   A 1 2  ? 1.599   -5.904  16.021  1.00 66.06  ? -4  C   A "O5'" 1 
ATOM   39   C  "C5'" . C   A 1 2  ? 1.762   -7.284  15.994  1.00 53.00  ? -4  C   A "C5'" 1 
ATOM   40   C  "C4'" . C   A 1 2  ? 0.748   -8.004  15.153  1.00 53.26  ? -4  C   A "C4'" 1 
ATOM   41   O  "O4'" . C   A 1 2  ? -0.583  -7.543  15.536  1.00 59.08  ? -4  C   A "O4'" 1 
ATOM   42   C  "C3'" . C   A 1 2  ? 0.842   -7.732  13.657  1.00 52.84  ? -4  C   A "C3'" 1 
ATOM   43   O  "O3'" . C   A 1 2  ? 1.818   -8.317  12.806  1.00 55.16  ? -4  C   A "O3'" 1 
ATOM   44   C  "C2'" . C   A 1 2  ? -0.534  -7.373  13.140  1.00 53.91  ? -4  C   A "C2'" 1 
ATOM   45   O  "O2'" . C   A 1 2  ? -1.107  -8.533  12.564  1.00 48.47  ? -4  C   A "O2'" 1 
ATOM   46   C  "C1'" . C   A 1 2  ? -1.347  -7.186  14.394  1.00 53.75  ? -4  C   A "C1'" 1 
ATOM   47   N  N1    . C   A 1 2  ? -1.757  -5.771  14.383  1.00 52.22  ? -4  C   A N1    1 
ATOM   48   C  C2    . C   A 1 2  ? -2.860  -5.419  13.565  1.00 49.71  ? -4  C   A C2    1 
ATOM   49   O  O2    . C   A 1 2  ? -3.471  -6.316  12.953  1.00 46.29  ? -4  C   A O2    1 
ATOM   50   N  N3    . C   A 1 2  ? -3.219  -4.126  13.459  1.00 44.78  ? -4  C   A N3    1 
ATOM   51   C  C4    . C   A 1 2  ? -2.540  -3.191  14.126  1.00 53.89  ? -4  C   A C4    1 
ATOM   52   N  N4    . C   A 1 2  ? -2.926  -1.919  13.980  1.00 45.92  ? -4  C   A N4    1 
ATOM   53   C  C5    . C   A 1 2  ? -1.433  -3.517  14.975  1.00 49.81  ? -4  C   A C5    1 
ATOM   54   C  C6    . C   A 1 2  ? -1.087  -4.811  15.081  1.00 51.00  ? -4  C   A C6    1 
ATOM   55   P  P     . C   A 1 3  ? 2.574   -7.393  11.705  1.00 54.28  ? -3  C   A P     1 
ATOM   56   O  OP1   . C   A 1 3  ? 3.965   -7.868  11.513  1.00 65.15  ? -3  C   A OP1   1 
ATOM   57   O  OP2   . C   A 1 3  ? 2.334   -5.974  12.056  1.00 55.63  ? -3  C   A OP2   1 
ATOM   58   O  "O5'" . C   A 1 3  ? 1.769   -7.717  10.378  1.00 53.18  ? -3  C   A "O5'" 1 
ATOM   59   C  "C5'" . C   A 1 3  ? 0.387   -7.899  10.469  1.00 48.86  ? -3  C   A "C5'" 1 
ATOM   60   C  "C4'" . C   A 1 3  ? -0.205  -8.163  9.140   1.00 48.72  ? -3  C   A "C4'" 1 
ATOM   61   O  "O4'" . C   A 1 3  ? -1.565  -7.713  9.267   1.00 54.51  ? -3  C   A "O4'" 1 
ATOM   62   C  "C3'" . C   A 1 3  ? 0.396   -7.456  7.946   1.00 49.92  ? -3  C   A "C3'" 1 
ATOM   63   O  "O3'" . C   A 1 3  ? 1.338   -8.148  7.141   1.00 52.86  ? -3  C   A "O3'" 1 
ATOM   64   C  "C2'" . C   A 1 3  ? -0.736  -6.699  7.266   1.00 53.03  ? -3  C   A "C2'" 1 
ATOM   65   O  "O2'" . C   A 1 3  ? -1.212  -7.502  6.204   1.00 46.57  ? -3  C   A "O2'" 1 
ATOM   66   C  "C1'" . C   A 1 3  ? -1.857  -6.738  8.294   1.00 53.56  ? -3  C   A "C1'" 1 
ATOM   67   N  N1    . C   A 1 3  ? -1.858  -5.414  8.970   1.00 51.56  ? -3  C   A N1    1 
ATOM   68   C  C2    . C   A 1 3  ? -2.689  -4.399  8.484   1.00 53.46  ? -3  C   A C2    1 
ATOM   69   O  O2    . C   A 1 3  ? -3.401  -4.632  7.501   1.00 53.99  ? -3  C   A O2    1 
ATOM   70   N  N3    . C   A 1 3  ? -2.689  -3.189  9.096   1.00 51.95  ? -3  C   A N3    1 
ATOM   71   C  C4    . C   A 1 3  ? -1.891  -2.973  10.148  1.00 55.40  ? -3  C   A C4    1 
ATOM   72   N  N4    . C   A 1 3  ? -1.919  -1.759  10.726  1.00 52.29  ? -3  C   A N4    1 
ATOM   73   C  C5    . C   A 1 3  ? -1.028  -3.987  10.656  1.00 48.66  ? -3  C   A C5    1 
ATOM   74   C  C6    . C   A 1 3  ? -1.047  -5.178  10.047  1.00 51.80  ? -3  C   A C6    1 
ATOM   75   P  P     . C   A 1 4  ? 2.332   -7.305  6.186   1.00 58.80  ? -2  C   A P     1 
ATOM   76   O  OP1   . C   A 1 4  ? 3.186   -8.210  5.382   1.00 62.21  ? -2  C   A OP1   1 
ATOM   77   O  OP2   . C   A 1 4  ? 2.960   -6.211  6.981   1.00 54.67  ? -2  C   A OP2   1 
ATOM   78   O  "O5'" . C   A 1 4  ? 1.325   -6.650  5.157   1.00 58.96  ? -2  C   A "O5'" 1 
ATOM   79   C  "C5'" . C   A 1 4  ? 1.648   -5.448  4.542   1.00 50.96  ? -2  C   A "C5'" 1 
ATOM   80   C  "C4'" . C   A 1 4  ? 0.507   -4.995  3.719   1.00 57.25  ? -2  C   A "C4'" 1 
ATOM   81   O  "O4'" . C   A 1 4  ? -0.546  -4.616  4.628   1.00 53.89  ? -2  C   A "O4'" 1 
ATOM   82   C  "C3'" . C   A 1 4  ? 0.871   -3.778  2.914   1.00 57.84  ? -2  C   A "C3'" 1 
ATOM   83   O  "O3'" . C   A 1 4  ? 1.343   -4.025  1.609   1.00 65.08  ? -2  C   A "O3'" 1 
ATOM   84   C  "C2'" . C   A 1 4  ? -0.165  -2.708  3.213   1.00 58.72  ? -2  C   A "C2'" 1 
ATOM   85   O  "O2'" . C   A 1 4  ? -1.044  -2.596  2.114   1.00 57.95  ? -2  C   A "O2'" 1 
ATOM   86   C  "C1'" . C   A 1 4  ? -0.958  -3.294  4.381   1.00 60.17  ? -2  C   A "C1'" 1 
ATOM   87   N  N1    . C   A 1 4  ? -0.686  -2.498  5.591   1.00 56.86  ? -2  C   A N1    1 
ATOM   88   C  C2    . C   A 1 4  ? -1.262  -1.238  5.701   1.00 57.50  ? -2  C   A C2    1 
ATOM   89   O  O2    . C   A 1 4  ? -2.009  -0.846  4.800   1.00 60.09  ? -2  C   A O2    1 
ATOM   90   N  N3    . C   A 1 4  ? -0.998  -0.477  6.777   1.00 56.45  ? -2  C   A N3    1 
ATOM   91   C  C4    . C   A 1 4  ? -0.197  -0.930  7.726   1.00 56.91  ? -2  C   A C4    1 
ATOM   92   N  N4    . C   A 1 4  ? 0.030   -0.138  8.764   1.00 54.14  ? -2  C   A N4    1 
ATOM   93   C  C5    . C   A 1 4  ? 0.402   -2.216  7.651   1.00 54.85  ? -2  C   A C5    1 
ATOM   94   C  C6    . C   A 1 4  ? 0.130   -2.964  6.578   1.00 56.21  ? -2  C   A C6    1 
HETATM 95   P  P     . A2M A 1 5  ? 2.913   -3.896  1.314   1.00 67.15  ? -1  A2M A P     1 
HETATM 96   O  OP1   . A2M A 1 5  ? 3.122   -4.295  -0.097  1.00 72.88  ? -1  A2M A OP1   1 
HETATM 97   O  "O5'" . A2M A 1 5  ? 3.202   -2.341  1.494   1.00 62.01  ? -1  A2M A "O5'" 1 
HETATM 98   C  "C5'" . A2M A 1 5  ? 2.489   -1.368  0.737   1.00 63.58  ? -1  A2M A "C5'" 1 
HETATM 99   C  "C4'" . A2M A 1 5  ? 2.864   0.017   1.195   1.00 64.70  ? -1  A2M A "C4'" 1 
HETATM 100  O  "O4'" . A2M A 1 5  ? 2.600   0.127   2.614   1.00 60.93  ? -1  A2M A "O4'" 1 
HETATM 101  C  "C3'" . A2M A 1 5  ? 4.357   0.272   1.013   1.00 65.71  ? -1  A2M A "C3'" 1 
HETATM 102  O  "O3'" . A2M A 1 5  ? 4.534   1.566   0.395   1.00 74.43  ? -1  A2M A "O3'" 1 
HETATM 103  C  "C2'" . A2M A 1 5  ? 4.968   -0.057  2.374   1.00 66.63  ? -1  A2M A "C2'" 1 
HETATM 104  O  "O2'" . A2M A 1 5  ? 6.117   0.642   2.780   1.00 68.99  ? -1  A2M A "O2'" 1 
HETATM 105  C  "C1'" . A2M A 1 5  ? 3.804   0.258   3.306   1.00 64.44  ? -1  A2M A "C1'" 1 
HETATM 106  C  "CM'" . A2M A 1 5  ? 7.305   -0.230  2.806   1.00 60.84  ? -1  A2M A "CM'" 1 
HETATM 107  N  N9    . A2M A 1 5  ? 3.709   -0.391  4.605   1.00 61.62  ? -1  A2M A N9    1 
HETATM 108  C  C8    . A2M A 1 5  ? 3.703   -1.711  4.941   1.00 59.56  ? -1  A2M A C8    1 
HETATM 109  N  N7    . A2M A 1 5  ? 3.677   -1.922  6.235   1.00 61.07  ? -1  A2M A N7    1 
HETATM 110  C  C5    . A2M A 1 5  ? 3.648   -0.647  6.779   1.00 59.76  ? -1  A2M A C5    1 
HETATM 111  C  C6    . A2M A 1 5  ? 3.628   -0.179  8.106   1.00 62.93  ? -1  A2M A C6    1 
HETATM 112  N  N6    . A2M A 1 5  ? 3.634   -0.978  9.172   1.00 65.85  ? -1  A2M A N6    1 
HETATM 113  N  N1    . A2M A 1 5  ? 3.600   1.159   8.304   1.00 62.06  ? -1  A2M A N1    1 
HETATM 114  C  C2    . A2M A 1 5  ? 3.588   1.957   7.233   1.00 60.65  ? -1  A2M A C2    1 
HETATM 115  N  N3    . A2M A 1 5  ? 3.606   1.635   5.944   1.00 60.48  ? -1  A2M A N3    1 
HETATM 116  C  C4    . A2M A 1 5  ? 3.642   0.302   5.786   1.00 60.69  ? -1  A2M A C4    1 
HETATM 117  O  OP2   . A2M A 1 5  ? 3.658   -4.587  2.380   1.00 63.60  ? -1  A2M A OP2   1 
ATOM   118  P  P     . G   A 1 6  ? 5.967   2.320   0.385   1.00 75.01  ? 1   G   A P     1 
ATOM   119  O  OP1   . G   A 1 6  ? 6.885   1.466   -0.421  1.00 75.27  ? 1   G   A OP1   1 
ATOM   120  O  OP2   . G   A 1 6  ? 6.386   2.837   1.722   1.00 64.88  ? 1   G   A OP2   1 
ATOM   121  O  "O5'" . G   A 1 6  ? 5.672   3.655   -0.420  1.00 74.02  ? 1   G   A "O5'" 1 
ATOM   122  C  "C5'" . G   A 1 6  ? 4.743   3.642   -1.472  1.00 68.49  ? 1   G   A "C5'" 1 
ATOM   123  C  "C4'" . G   A 1 6  ? 5.344   4.242   -2.704  1.00 63.94  ? 1   G   A "C4'" 1 
ATOM   124  O  "O4'" . G   A 1 6  ? 4.409   4.056   -3.776  1.00 58.05  ? 1   G   A "O4'" 1 
ATOM   125  C  "C3'" . G   A 1 6  ? 5.558   5.740   -2.539  1.00 60.85  ? 1   G   A "C3'" 1 
ATOM   126  O  "O3'" . G   A 1 6  ? 6.744   6.143   -3.241  1.00 63.58  ? 1   G   A "O3'" 1 
ATOM   127  C  "C2'" . G   A 1 6  ? 4.300   6.367   -3.132  1.00 58.70  ? 1   G   A "C2'" 1 
ATOM   128  O  "O2'" . G   A 1 6  ? 4.565   7.535   -3.876  1.00 68.43  ? 1   G   A "O2'" 1 
ATOM   129  C  "C1'" . G   A 1 6  ? 3.868   5.291   -4.130  1.00 57.00  ? 1   G   A "C1'" 1 
ATOM   130  N  N9    . G   A 1 6  ? 2.455   5.126   -4.418  1.00 56.35  ? 1   G   A N9    1 
ATOM   131  C  C8    . G   A 1 6  ? 1.905   4.818   -5.637  1.00 52.81  ? 1   G   A C8    1 
ATOM   132  N  N7    . G   A 1 6  ? 0.605   4.834   -5.623  1.00 55.02  ? 1   G   A N7    1 
ATOM   133  C  C5    . G   A 1 6  ? 0.283   5.157   -4.314  1.00 51.82  ? 1   G   A C5    1 
ATOM   134  C  C6    . G   A 1 6  ? -0.971  5.351   -3.706  1.00 51.84  ? 1   G   A C6    1 
ATOM   135  O  O6    . G   A 1 6  ? -2.096  5.327   -4.230  1.00 57.63  ? 1   G   A O6    1 
ATOM   136  N  N1    . G   A 1 6  ? -0.841  5.619   -2.348  1.00 53.43  ? 1   G   A N1    1 
ATOM   137  C  C2    . G   A 1 6  ? 0.345   5.707   -1.667  1.00 51.92  ? 1   G   A C2    1 
ATOM   138  N  N2    . G   A 1 6  ? 0.259   5.934   -0.347  1.00 52.21  ? 1   G   A N2    1 
ATOM   139  N  N3    . G   A 1 6  ? 1.525   5.572   -2.235  1.00 50.96  ? 1   G   A N3    1 
ATOM   140  C  C4    . G   A 1 6  ? 1.418   5.298   -3.551  1.00 54.21  ? 1   G   A C4    1 
ATOM   141  P  P     . U   A 1 7  ? 8.095   6.524   -2.461  1.00 66.47  ? 2   U   A P     1 
ATOM   142  O  OP1   . U   A 1 7  ? 9.056   6.947   -3.504  1.00 72.41  ? 2   U   A OP1   1 
ATOM   143  O  OP2   . U   A 1 7  ? 8.451   5.416   -1.550  1.00 67.89  ? 2   U   A OP2   1 
ATOM   144  O  "O5'" . U   A 1 7  ? 7.730   7.820   -1.621  1.00 61.56  ? 2   U   A "O5'" 1 
ATOM   145  C  "C5'" . U   A 1 7  ? 7.493   9.042   -2.283  1.00 63.59  ? 2   U   A "C5'" 1 
ATOM   146  C  "C4'" . U   A 1 7  ? 7.295   10.140  -1.285  1.00 69.49  ? 2   U   A "C4'" 1 
ATOM   147  O  "O4'" . U   A 1 7  ? 6.149   9.819   -0.461  1.00 67.47  ? 2   U   A "O4'" 1 
ATOM   148  C  "C3'" . U   A 1 7  ? 8.421   10.299  -0.287  1.00 71.24  ? 2   U   A "C3'" 1 
ATOM   149  O  "O3'" . U   A 1 7  ? 9.493   11.062  -0.813  1.00 70.35  ? 2   U   A "O3'" 1 
ATOM   150  C  "C2'" . U   A 1 7  ? 7.720   10.988  0.871   1.00 69.74  ? 2   U   A "C2'" 1 
ATOM   151  O  "O2'" . U   A 1 7  ? 7.536   12.373  0.665   1.00 79.07  ? 2   U   A "O2'" 1 
ATOM   152  C  "C1'" . U   A 1 7  ? 6.369   10.280  0.859   1.00 69.13  ? 2   U   A "C1'" 1 
ATOM   153  N  N1    . U   A 1 7  ? 6.355   9.123   1.762   1.00 68.81  ? 2   U   A N1    1 
ATOM   154  C  C2    . U   A 1 7  ? 6.265   9.371   3.119   1.00 67.86  ? 2   U   A C2    1 
ATOM   155  O  O2    . U   A 1 7  ? 6.176   10.499  3.583   1.00 65.87  ? 2   U   A O2    1 
ATOM   156  N  N3    . U   A 1 7  ? 6.278   8.254   3.912   1.00 67.30  ? 2   U   A N3    1 
ATOM   157  C  C4    . U   A 1 7  ? 6.361   6.945   3.496   1.00 68.72  ? 2   U   A C4    1 
ATOM   158  O  O4    . U   A 1 7  ? 6.382   6.046   4.335   1.00 69.04  ? 2   U   A O4    1 
ATOM   159  C  C5    . U   A 1 7  ? 6.440   6.770   2.081   1.00 67.56  ? 2   U   A C5    1 
ATOM   160  C  C6    . U   A 1 7  ? 6.436   7.839   1.281   1.00 68.05  ? 2   U   A C6    1 
ATOM   161  P  P     . C   A 1 8  ? 11.000  10.713  -0.372  1.00 73.40  ? 3   C   A P     1 
ATOM   162  O  OP1   . C   A 1 8  ? 11.896  11.707  -1.008  1.00 80.25  ? 3   C   A OP1   1 
ATOM   163  O  OP2   . C   A 1 8  ? 11.228  9.266   -0.610  1.00 70.49  ? 3   C   A OP2   1 
ATOM   164  O  "O5'" . C   A 1 8  ? 11.005  10.978  1.195   1.00 71.55  ? 3   C   A "O5'" 1 
ATOM   165  C  "C5'" . C   A 1 8  ? 10.613  12.243  1.709   1.00 73.95  ? 3   C   A "C5'" 1 
ATOM   166  C  "C4'" . C   A 1 8  ? 10.624  12.222  3.216   1.00 77.46  ? 3   C   A "C4'" 1 
ATOM   167  O  "O4'" . C   A 1 8  ? 9.523   11.412  3.710   1.00 77.56  ? 3   C   A "O4'" 1 
ATOM   168  C  "C3'" . C   A 1 8  ? 11.841  11.557  3.819   1.00 81.14  ? 3   C   A "C3'" 1 
ATOM   169  O  "O3'" . C   A 1 8  ? 12.960  12.404  3.854   1.00 84.64  ? 3   C   A "O3'" 1 
ATOM   170  C  "C2'" . C   A 1 8  ? 11.352  11.156  5.199   1.00 77.92  ? 3   C   A "C2'" 1 
ATOM   171  O  "O2'" . C   A 1 8  ? 11.348  12.232  6.109   1.00 76.36  ? 3   C   A "O2'" 1 
ATOM   172  C  "C1'" . C   A 1 8  ? 9.927   10.715  4.880   1.00 76.42  ? 3   C   A "C1'" 1 
ATOM   173  N  N1    . C   A 1 8  ? 9.890   9.276   4.589   1.00 74.81  ? 3   C   A N1    1 
ATOM   174  C  C2    . C   A 1 8  ? 9.736   8.385   5.653   1.00 72.72  ? 3   C   A C2    1 
ATOM   175  O  O2    . C   A 1 8  ? 9.636   8.842   6.803   1.00 74.30  ? 3   C   A O2    1 
ATOM   176  N  N3    . C   A 1 8  ? 9.698   7.056   5.404   1.00 71.19  ? 3   C   A N3    1 
ATOM   177  C  C4    . C   A 1 8  ? 9.805   6.613   4.150   1.00 70.03  ? 3   C   A C4    1 
ATOM   178  N  N4    . C   A 1 8  ? 9.742   5.290   3.945   1.00 66.94  ? 3   C   A N4    1 
ATOM   179  C  C5    . C   A 1 8  ? 9.973   7.504   3.046   1.00 69.06  ? 3   C   A C5    1 
ATOM   180  C  C6    . C   A 1 8  ? 10.009  8.812   3.308   1.00 69.86  ? 3   C   A C6    1 
ATOM   181  P  P     . C   A 1 9  ? 14.412  11.758  3.705   1.00 88.80  ? 4   C   A P     1 
ATOM   182  O  OP1   . C   A 1 9  ? 15.366  12.887  3.697   1.00 93.14  ? 4   C   A OP1   1 
ATOM   183  O  OP2   . C   A 1 9  ? 14.383  10.811  2.558   1.00 81.39  ? 4   C   A OP2   1 
ATOM   184  O  "O5'" . C   A 1 9  ? 14.569  10.928  5.057   1.00 90.83  ? 4   C   A "O5'" 1 
ATOM   185  C  "C5'" . C   A 1 9  ? 14.539  11.584  6.323   1.00 90.83  ? 4   C   A "C5'" 1 
ATOM   186  C  "C4'" . C   A 1 9  ? 14.839  10.604  7.433   1.00 93.67  ? 4   C   A "C4'" 1 
ATOM   187  O  "O4'" . C   A 1 9  ? 13.726  9.680   7.554   1.00 94.87  ? 4   C   A "O4'" 1 
ATOM   188  C  "C3'" . C   A 1 9  ? 16.046  9.697   7.219   1.00 95.48  ? 4   C   A "C3'" 1 
ATOM   189  O  "O3'" . C   A 1 9  ? 17.289  10.300  7.572   1.00 99.73  ? 4   C   A "O3'" 1 
ATOM   190  C  "C2'" . C   A 1 9  ? 15.720  8.511   8.115   1.00 95.59  ? 4   C   A "C2'" 1 
ATOM   191  O  "O2'" . C   A 1 9  ? 16.011  8.734   9.481   1.00 97.82  ? 4   C   A "O2'" 1 
ATOM   192  C  "C1'" . C   A 1 9  ? 14.211  8.394   7.907   1.00 92.27  ? 4   C   A "C1'" 1 
ATOM   193  N  N1    . C   A 1 9  ? 13.906  7.462   6.817   1.00 87.86  ? 4   C   A N1    1 
ATOM   194  C  C2    . C   A 1 9  ? 13.978  6.099   7.074   1.00 87.81  ? 4   C   A C2    1 
ATOM   195  O  O2    . C   A 1 9  ? 14.281  5.724   8.216   1.00 89.64  ? 4   C   A O2    1 
ATOM   196  N  N3    . C   A 1 9  ? 13.717  5.224   6.082   1.00 86.27  ? 4   C   A N3    1 
ATOM   197  C  C4    . C   A 1 9  ? 13.397  5.671   4.869   1.00 84.73  ? 4   C   A C4    1 
ATOM   198  N  N4    . C   A 1 9  ? 13.156  4.771   3.920   1.00 83.03  ? 4   C   A N4    1 
ATOM   199  C  C5    . C   A 1 9  ? 13.311  7.060   4.579   1.00 83.09  ? 4   C   A C5    1 
ATOM   200  C  C6    . C   A 1 9  ? 13.569  7.913   5.573   1.00 86.81  ? 4   C   A C6    1 
ATOM   201  P  P     . A   A 1 10 ? 18.670  9.668   7.024   1.00 102.60 ? 5   A   A P     1 
ATOM   202  O  OP1   . A   A 1 10 ? 19.769  10.533  7.502   1.00 105.84 ? 5   A   A OP1   1 
ATOM   203  O  OP2   . A   A 1 10 ? 18.553  9.366   5.574   1.00 99.00  ? 5   A   A OP2   1 
ATOM   204  O  "O5'" . A   A 1 10 ? 18.781  8.274   7.777   1.00 102.66 ? 5   A   A "O5'" 1 
ATOM   205  C  "C5'" . A   A 1 10 ? 19.024  8.220   9.174   1.00 104.44 ? 5   A   A "C5'" 1 
ATOM   206  C  "C4'" . A   A 1 10 ? 19.311  6.801   9.581   1.00 106.77 ? 5   A   A "C4'" 1 
ATOM   207  O  "O4'" . A   A 1 10 ? 18.110  6.007   9.391   1.00 104.03 ? 5   A   A "O4'" 1 
ATOM   208  C  "C3'" . A   A 1 10 ? 20.352  6.094   8.729   1.00 108.38 ? 5   A   A "C3'" 1 
ATOM   209  O  "O3'" . A   A 1 10 ? 21.686  6.403   9.104   1.00 111.30 ? 5   A   A "O3'" 1 
ATOM   210  C  "C2'" . A   A 1 10 ? 19.990  4.630   8.935   1.00 107.19 ? 5   A   A "C2'" 1 
ATOM   211  O  "O2'" . A   A 1 10 ? 20.460  4.095   10.159  1.00 109.36 ? 5   A   A "O2'" 1 
ATOM   212  C  "C1'" . A   A 1 10 ? 18.464  4.707   8.944   1.00 103.81 ? 5   A   A "C1'" 1 
ATOM   213  N  N9    . A   A 1 10 ? 17.948  4.544   7.588   1.00 99.46  ? 5   A   A N9    1 
ATOM   214  C  C8    . A   A 1 10 ? 17.617  5.520   6.680   1.00 98.41  ? 5   A   A C8    1 
ATOM   215  N  N7    . A   A 1 10 ? 17.191  5.051   5.533   1.00 97.22  ? 5   A   A N7    1 
ATOM   216  C  C5    . A   A 1 10 ? 17.241  3.674   5.697   1.00 95.89  ? 5   A   A C5    1 
ATOM   217  C  C6    . A   A 1 10 ? 16.912  2.603   4.844   1.00 95.06  ? 5   A   A C6    1 
ATOM   218  N  N6    . A   A 1 10 ? 16.442  2.761   3.605   1.00 92.50  ? 5   A   A N6    1 
ATOM   219  N  N1    . A   A 1 10 ? 17.084  1.348   5.317   1.00 95.03  ? 5   A   A N1    1 
ATOM   220  C  C2    . A   A 1 10 ? 17.551  1.190   6.565   1.00 95.20  ? 5   A   A C2    1 
ATOM   221  N  N3    . A   A 1 10 ? 17.890  2.115   7.462   1.00 96.13  ? 5   A   A N3    1 
ATOM   222  C  C4    . A   A 1 10 ? 17.709  3.349   6.959   1.00 96.72  ? 5   A   A C4    1 
ATOM   223  P  P     . C   A 1 11 ? 22.831  6.432   7.978   1.00 113.53 ? 6   C   A P     1 
ATOM   224  O  OP1   . C   A 1 11 ? 24.013  7.097   8.573   1.00 113.92 ? 6   C   A OP1   1 
ATOM   225  O  OP2   . C   A 1 11 ? 22.225  6.984   6.740   1.00 114.23 ? 6   C   A OP2   1 
ATOM   226  O  "O5'" . C   A 1 11 ? 23.172  4.894   7.735   1.00 109.66 ? 6   C   A "O5'" 1 
ATOM   227  C  "C5'" . C   A 1 11 ? 23.696  4.105   8.793   1.00 106.20 ? 6   C   A "C5'" 1 
ATOM   228  C  "C4'" . C   A 1 11 ? 23.520  2.638   8.502   1.00 106.33 ? 6   C   A "C4'" 1 
ATOM   229  O  "O4'" . C   A 1 11 ? 22.103  2.346   8.374   1.00 105.05 ? 6   C   A "O4'" 1 
ATOM   230  C  "C3'" . C   A 1 11 ? 24.100  2.149   7.189   1.00 107.25 ? 6   C   A "C3'" 1 
ATOM   231  O  "O3'" . C   A 1 11 ? 25.487  1.893   7.231   1.00 110.81 ? 6   C   A "O3'" 1 
ATOM   232  C  "C2'" . C   A 1 11 ? 23.288  0.891   6.925   1.00 106.95 ? 6   C   A "C2'" 1 
ATOM   233  O  "O2'" . C   A 1 11 ? 23.717  -0.239  7.663   1.00 106.17 ? 6   C   A "O2'" 1 
ATOM   234  C  "C1'" . C   A 1 11 ? 21.906  1.347   7.382   1.00 104.12 ? 6   C   A "C1'" 1 
ATOM   235  N  N1    . C   A 1 11 ? 21.236  1.961   6.229   1.00 100.79 ? 6   C   A N1    1 
ATOM   236  C  C2    . C   A 1 11 ? 20.664  1.122   5.265   1.00 99.84  ? 6   C   A C2    1 
ATOM   237  O  O2    . C   A 1 11 ? 20.691  -0.106  5.444   1.00 98.42  ? 6   C   A O2    1 
ATOM   238  N  N3    . C   A 1 11 ? 20.103  1.669   4.166   1.00 98.93  ? 6   C   A N3    1 
ATOM   239  C  C4    . C   A 1 11 ? 20.093  2.996   4.014   1.00 98.47  ? 6   C   A C4    1 
ATOM   240  N  N4    . C   A 1 11 ? 19.554  3.488   2.899   1.00 96.85  ? 6   C   A N4    1 
ATOM   241  C  C5    . C   A 1 11 ? 20.642  3.875   4.996   1.00 98.42  ? 6   C   A C5    1 
ATOM   242  C  C6    . C   A 1 11 ? 21.195  3.319   6.079   1.00 99.73  ? 6   C   A C6    1 
ATOM   243  P  P     . C   A 1 12 ? 26.327  1.951   5.867   1.00 114.52 ? 7   C   A P     1 
ATOM   244  O  OP1   . C   A 1 12 ? 27.756  1.738   6.201   1.00 115.63 ? 7   C   A OP1   1 
ATOM   245  O  OP2   . C   A 1 12 ? 25.910  3.184   5.144   1.00 113.98 ? 7   C   A OP2   1 
ATOM   246  O  "O5'" . C   A 1 12 ? 25.806  0.697   5.035   1.00 109.69 ? 7   C   A "O5'" 1 
ATOM   247  C  "C5'" . C   A 1 12 ? 26.035  -0.620  5.510   1.00 107.39 ? 7   C   A "C5'" 1 
ATOM   248  C  "C4'" . C   A 1 12 ? 25.561  -1.634  4.500   1.00 107.42 ? 7   C   A "C4'" 1 
ATOM   249  O  "O4'" . C   A 1 12 ? 24.121  -1.516  4.349   1.00 107.01 ? 7   C   A "O4'" 1 
ATOM   250  C  "C3'" . C   A 1 12 ? 26.081  -1.459  3.081   1.00 107.59 ? 7   C   A "C3'" 1 
ATOM   251  O  "O3'" . C   A 1 12 ? 27.389  -1.975  2.881   1.00 110.98 ? 7   C   A "O3'" 1 
ATOM   252  C  "C2'" . C   A 1 12 ? 25.026  -2.191  2.263   1.00 106.47 ? 7   C   A "C2'" 1 
ATOM   253  O  "O2'" . C   A 1 12 ? 25.159  -3.602  2.302   1.00 105.56 ? 7   C   A "O2'" 1 
ATOM   254  C  "C1'" . C   A 1 12 ? 23.754  -1.776  2.998   1.00 104.32 ? 7   C   A "C1'" 1 
ATOM   255  N  N1    . C   A 1 12 ? 23.188  -0.546  2.411   1.00 100.34 ? 7   C   A N1    1 
ATOM   256  C  C2    . C   A 1 12 ? 22.376  -0.650  1.265   1.00 99.66  ? 7   C   A C2    1 
ATOM   257  O  O2    . C   A 1 12 ? 22.145  -1.776  0.789   1.00 96.51  ? 7   C   A O2    1 
ATOM   258  N  N3    . C   A 1 12 ? 21.867  0.476   0.712   1.00 98.76  ? 7   C   A N3    1 
ATOM   259  C  C4    . C   A 1 12 ? 22.137  1.668   1.256   1.00 98.47  ? 7   C   A C4    1 
ATOM   260  N  N4    . C   A 1 12 ? 21.614  2.749   0.681   1.00 96.75  ? 7   C   A N4    1 
ATOM   261  C  C5    . C   A 1 12 ? 22.955  1.802   2.418   1.00 98.87  ? 7   C   A C5    1 
ATOM   262  C  C6    . C   A 1 12 ? 23.453  0.680   2.960   1.00 99.53  ? 7   C   A C6    1 
ATOM   263  P  P     . G   A 1 13 ? 28.288  -1.410  1.667   1.00 111.98 ? 8   G   A P     1 
ATOM   264  O  OP1   . G   A 1 13 ? 29.620  -2.069  1.751   1.00 112.29 ? 8   G   A OP1   1 
ATOM   265  O  OP2   . G   A 1 13 ? 28.196  0.080   1.675   1.00 107.46 ? 8   G   A OP2   1 
ATOM   266  O  "O5'" . G   A 1 13 ? 27.567  -1.958  0.354   1.00 108.75 ? 8   G   A "O5'" 1 
ATOM   267  C  "C5'" . G   A 1 13 ? 27.660  -3.334  -0.008  1.00 101.77 ? 8   G   A "C5'" 1 
ATOM   268  C  "C4'" . G   A 1 13 ? 27.032  -3.550  -1.359  1.00 99.75  ? 8   G   A "C4'" 1 
ATOM   269  O  "O4'" . G   A 1 13 ? 25.623  -3.205  -1.282  1.00 97.31  ? 8   G   A "O4'" 1 
ATOM   270  C  "C3'" . G   A 1 13 ? 27.561  -2.643  -2.461  1.00 100.48 ? 8   G   A "C3'" 1 
ATOM   271  O  "O3'" . G   A 1 13 ? 28.869  -2.938  -2.962  1.00 102.03 ? 8   G   A "O3'" 1 
ATOM   272  C  "C2'" . G   A 1 13 ? 26.405  -2.633  -3.455  1.00 99.35  ? 8   G   A "C2'" 1 
ATOM   273  O  "O2'" . G   A 1 13 ? 26.332  -3.783  -4.278  1.00 99.49  ? 8   G   A "O2'" 1 
ATOM   274  C  "C1'" . G   A 1 13 ? 25.207  -2.617  -2.506  1.00 94.35  ? 8   G   A "C1'" 1 
ATOM   275  N  N9    . G   A 1 13 ? 24.730  -1.259  -2.250  1.00 87.13  ? 8   G   A N9    1 
ATOM   276  C  C8    . G   A 1 13 ? 25.059  -0.422  -1.206  1.00 84.37  ? 8   G   A C8    1 
ATOM   277  N  N7    . G   A 1 13 ? 24.456  0.737   -1.269  1.00 82.89  ? 8   G   A N7    1 
ATOM   278  C  C5    . G   A 1 13 ? 23.681  0.659   -2.422  1.00 81.42  ? 8   G   A C5    1 
ATOM   279  C  C6    . G   A 1 13 ? 22.795  1.613   -3.020  1.00 79.97  ? 8   G   A C6    1 
ATOM   280  O  O6    . G   A 1 13 ? 22.507  2.758   -2.627  1.00 78.05  ? 8   G   A O6    1 
ATOM   281  N  N1    . G   A 1 13 ? 22.225  1.117   -4.197  1.00 77.86  ? 8   G   A N1    1 
ATOM   282  C  C2    . G   A 1 13 ? 22.475  -0.129  -4.737  1.00 80.57  ? 8   G   A C2    1 
ATOM   283  N  N2    . G   A 1 13 ? 21.858  -0.424  -5.897  1.00 78.57  ? 8   G   A N2    1 
ATOM   284  N  N3    . G   A 1 13 ? 23.281  -1.023  -4.185  1.00 82.05  ? 8   G   A N3    1 
ATOM   285  C  C4    . G   A 1 13 ? 23.845  -0.566  -3.041  1.00 83.72  ? 8   G   A C4    1 
ATOM   286  O  "O5'" . C   B 2 1  ? 15.958  4.585   -9.049  1.00 94.38  ? 2   C   B "O5'" 1 
ATOM   287  C  "C5'" . C   B 2 1  ? 15.952  3.781   -10.231 1.00 95.08  ? 2   C   B "C5'" 1 
ATOM   288  C  "C4'" . C   B 2 1  ? 16.816  2.549   -10.089 1.00 95.00  ? 2   C   B "C4'" 1 
ATOM   289  O  "O4'" . C   B 2 1  ? 18.180  2.958   -9.808  1.00 93.34  ? 2   C   B "O4'" 1 
ATOM   290  C  "C3'" . C   B 2 1  ? 16.477  1.650   -8.914  1.00 98.32  ? 2   C   B "C3'" 1 
ATOM   291  O  "O3'" . C   B 2 1  ? 15.389  0.778   -9.173  1.00 102.43 ? 2   C   B "O3'" 1 
ATOM   292  C  "C2'" . C   B 2 1  ? 17.788  0.914   -8.669  1.00 96.87  ? 2   C   B "C2'" 1 
ATOM   293  O  "O2'" . C   B 2 1  ? 18.038  -0.157  -9.559  1.00 100.97 ? 2   C   B "O2'" 1 
ATOM   294  C  "C1'" . C   B 2 1  ? 18.793  2.031   -8.920  1.00 90.43  ? 2   C   B "C1'" 1 
ATOM   295  N  N1    . C   B 2 1  ? 19.127  2.727   -7.668  1.00 84.90  ? 2   C   B N1    1 
ATOM   296  C  C2    . C   B 2 1  ? 20.029  2.117   -6.787  1.00 83.59  ? 2   C   B C2    1 
ATOM   297  O  O2    . C   B 2 1  ? 20.506  1.011   -7.098  1.00 83.03  ? 2   C   B O2    1 
ATOM   298  N  N3    . C   B 2 1  ? 20.352  2.747   -5.624  1.00 80.91  ? 2   C   B N3    1 
ATOM   299  C  C4    . C   B 2 1  ? 19.808  3.941   -5.336  1.00 81.98  ? 2   C   B C4    1 
ATOM   300  N  N4    . C   B 2 1  ? 20.152  4.536   -4.180  1.00 81.81  ? 2   C   B N4    1 
ATOM   301  C  C5    . C   B 2 1  ? 18.885  4.582   -6.219  1.00 81.82  ? 2   C   B C5    1 
ATOM   302  C  C6    . C   B 2 1  ? 18.573  3.944   -7.362  1.00 83.46  ? 2   C   B C6    1 
ATOM   303  P  P     . G   B 2 2  ? 14.502  0.243   -7.944  1.00 104.97 ? 3   G   B P     1 
ATOM   304  O  OP1   . G   B 2 2  ? 13.303  -0.401  -8.540  1.00 104.77 ? 3   G   B OP1   1 
ATOM   305  O  OP2   . G   B 2 2  ? 14.332  1.356   -6.961  1.00 99.59  ? 3   G   B OP2   1 
ATOM   306  O  "O5'" . G   B 2 2  ? 15.426  -0.881  -7.294  1.00 99.69  ? 3   G   B "O5'" 1 
ATOM   307  C  "C5'" . G   B 2 2  ? 15.851  -1.991  -8.072  1.00 96.54  ? 3   G   B "C5'" 1 
ATOM   308  C  "C4'" . G   B 2 2  ? 16.792  -2.859  -7.282  1.00 96.31  ? 3   G   B "C4'" 1 
ATOM   309  O  "O4'" . G   B 2 2  ? 18.040  -2.141  -7.070  1.00 93.51  ? 3   G   B "O4'" 1 
ATOM   310  C  "C3'" . G   B 2 2  ? 16.341  -3.189  -5.869  1.00 98.28  ? 3   G   B "C3'" 1 
ATOM   311  O  "O3'" . G   B 2 2  ? 15.370  -4.221  -5.771  1.00 103.32 ? 3   G   B "O3'" 1 
ATOM   312  C  "C2'" . G   B 2 2  ? 17.659  -3.529  -5.184  1.00 94.43  ? 3   G   B "C2'" 1 
ATOM   313  O  "O2'" . G   B 2 2  ? 18.144  -4.823  -5.492  1.00 93.59  ? 3   G   B "O2'" 1 
ATOM   314  C  "C1'" . G   B 2 2  ? 18.577  -2.478  -5.797  1.00 87.74  ? 3   G   B "C1'" 1 
ATOM   315  N  N9    . G   B 2 2  ? 18.575  -1.291  -4.957  1.00 79.33  ? 3   G   B N9    1 
ATOM   316  C  C8    . G   B 2 2  ? 17.877  -0.123  -5.151  1.00 78.45  ? 3   G   B C8    1 
ATOM   317  N  N7    . G   B 2 2  ? 18.087  0.760   -4.213  1.00 75.07  ? 3   G   B N7    1 
ATOM   318  C  C5    . G   B 2 2  ? 18.981  0.137   -3.348  1.00 74.08  ? 3   G   B C5    1 
ATOM   319  C  C6    . G   B 2 2  ? 19.586  0.607   -2.145  1.00 73.86  ? 3   G   B C6    1 
ATOM   320  O  O6    . G   B 2 2  ? 19.456  1.712   -1.591  1.00 73.87  ? 3   G   B O6    1 
ATOM   321  N  N1    . G   B 2 2  ? 20.416  -0.362  -1.580  1.00 73.12  ? 3   G   B N1    1 
ATOM   322  C  C2    . G   B 2 2  ? 20.633  -1.616  -2.101  1.00 76.35  ? 3   G   B C2    1 
ATOM   323  N  N2    . G   B 2 2  ? 21.442  -2.424  -1.396  1.00 76.66  ? 3   G   B N2    1 
ATOM   324  N  N3    . G   B 2 2  ? 20.090  -2.055  -3.228  1.00 75.61  ? 3   G   B N3    1 
ATOM   325  C  C4    . G   B 2 2  ? 19.281  -1.132  -3.792  1.00 75.77  ? 3   G   B C4    1 
ATOM   326  P  P     . G   B 2 3  ? 14.432  -4.290  -4.464  1.00 106.49 ? 4   G   B P     1 
ATOM   327  O  OP1   . G   B 2 3  ? 13.537  -5.463  -4.620  1.00 106.71 ? 4   G   B OP1   1 
ATOM   328  O  OP2   . G   B 2 3  ? 13.848  -2.937  -4.240  1.00 101.16 ? 4   G   B OP2   1 
ATOM   329  O  "O5'" . G   B 2 3  ? 15.455  -4.607  -3.284  1.00 101.71 ? 4   G   B "O5'" 1 
ATOM   330  C  "C5'" . G   B 2 3  ? 16.251  -5.780  -3.338  1.00 100.17 ? 4   G   B "C5'" 1 
ATOM   331  C  "C4'" . G   B 2 3  ? 17.001  -5.975  -2.047  1.00 101.83 ? 4   G   B "C4'" 1 
ATOM   332  O  "O4'" . G   B 2 3  ? 18.101  -5.025  -1.953  1.00 100.75 ? 4   G   B "O4'" 1 
ATOM   333  C  "C3'" . G   B 2 3  ? 16.191  -5.695  -0.798  1.00 102.13 ? 4   G   B "C3'" 1 
ATOM   334  O  "O3'" . G   B 2 3  ? 15.327  -6.760  -0.451  1.00 108.19 ? 4   G   B "O3'" 1 
ATOM   335  C  "C2'" . G   B 2 3  ? 17.275  -5.424  0.237   1.00 99.42  ? 4   G   B "C2'" 1 
ATOM   336  O  "O2'" . G   B 2 3  ? 17.869  -6.598  0.757   1.00 98.34  ? 4   G   B "O2'" 1 
ATOM   337  C  "C1'" . G   B 2 3  ? 18.286  -4.642  -0.598  1.00 95.25  ? 4   G   B "C1'" 1 
ATOM   338  N  N9    . G   B 2 3  ? 18.022  -3.216  -0.472  1.00 88.92  ? 4   G   B N9    1 
ATOM   339  C  C8    . G   B 2 3  ? 17.265  -2.421  -1.302  1.00 86.25  ? 4   G   B C8    1 
ATOM   340  N  N7    . G   B 2 3  ? 17.179  -1.185  -0.889  1.00 84.53  ? 4   G   B N7    1 
ATOM   341  C  C5    . G   B 2 3  ? 17.938  -1.161  0.276   1.00 83.89  ? 4   G   B C5    1 
ATOM   342  C  C6    . G   B 2 3  ? 18.222  -0.090  1.180   1.00 83.11  ? 4   G   B C6    1 
ATOM   343  O  O6    . G   B 2 3  ? 17.858  1.091   1.117   1.00 82.51  ? 4   G   B O6    1 
ATOM   344  N  N1    . G   B 2 3  ? 19.018  -0.514  2.243   1.00 82.69  ? 4   G   B N1    1 
ATOM   345  C  C2    . G   B 2 3  ? 19.486  -1.795  2.418   1.00 84.25  ? 4   G   B C2    1 
ATOM   346  N  N2    . G   B 2 3  ? 20.217  -2.009  3.523   1.00 83.07  ? 4   G   B N2    1 
ATOM   347  N  N3    . G   B 2 3  ? 19.246  -2.795  1.576   1.00 83.77  ? 4   G   B N3    1 
ATOM   348  C  C4    . G   B 2 3  ? 18.468  -2.408  0.541   1.00 85.42  ? 4   G   B C4    1 
ATOM   349  P  P     . U   B 2 4  ? 14.211  -6.527  0.679   1.00 110.25 ? 5   U   B P     1 
ATOM   350  O  OP1   . U   B 2 4  ? 12.975  -7.259  0.290   1.00 107.85 ? 5   U   B OP1   1 
ATOM   351  O  OP2   . U   B 2 4  ? 14.139  -5.067  0.948   1.00 108.35 ? 5   U   B OP2   1 
ATOM   352  O  "O5'" . U   B 2 4  ? 14.863  -7.208  1.958   1.00 103.82 ? 5   U   B "O5'" 1 
ATOM   353  C  "C5'" . U   B 2 4  ? 14.480  -6.788  3.244   1.00 101.74 ? 5   U   B "C5'" 1 
ATOM   354  C  "C4'" . U   B 2 4  ? 15.687  -6.432  4.067   1.00 101.38 ? 5   U   B "C4'" 1 
ATOM   355  O  "O4'" . U   B 2 4  ? 16.560  -5.532  3.338   1.00 99.65  ? 5   U   B "O4'" 1 
ATOM   356  C  "C3'" . U   B 2 4  ? 15.326  -5.645  5.300   1.00 101.64 ? 5   U   B "C3'" 1 
ATOM   357  O  "O3'" . U   B 2 4  ? 14.799  -6.484  6.286   1.00 103.61 ? 5   U   B "O3'" 1 
ATOM   358  C  "C2'" . U   B 2 4  ? 16.613  -4.923  5.636   1.00 98.50  ? 5   U   B "C2'" 1 
ATOM   359  O  "O2'" . U   B 2 4  ? 17.532  -5.758  6.306   1.00 98.97  ? 5   U   B "O2'" 1 
ATOM   360  C  "C1'" . U   B 2 4  ? 17.100  -4.564  4.233   1.00 95.67  ? 5   U   B "C1'" 1 
ATOM   361  N  N1    . U   B 2 4  ? 16.580  -3.252  3.820   1.00 90.82  ? 5   U   B N1    1 
ATOM   362  C  C2    . U   B 2 4  ? 16.932  -2.139  4.571   1.00 89.65  ? 5   U   B C2    1 
ATOM   363  O  O2    . U   B 2 4  ? 17.641  -2.206  5.566   1.00 89.32  ? 5   U   B O2    1 
ATOM   364  N  N3    . U   B 2 4  ? 16.414  -0.946  4.117   1.00 87.83  ? 5   U   B N3    1 
ATOM   365  C  C4    . U   B 2 4  ? 15.590  -0.757  3.016   1.00 88.07  ? 5   U   B C4    1 
ATOM   366  O  O4    . U   B 2 4  ? 15.210  0.381   2.727   1.00 87.46  ? 5   U   B O4    1 
ATOM   367  C  C5    . U   B 2 4  ? 15.267  -1.955  2.299   1.00 87.78  ? 5   U   B C5    1 
ATOM   368  C  C6    . U   B 2 4  ? 15.762  -3.131  2.713   1.00 89.19  ? 5   U   B C6    1 
ATOM   369  P  P     . G   B 2 5  ? 13.269  -6.296  6.687   1.00 104.48 ? 6   G   B P     1 
ATOM   370  O  OP1   . G   B 2 5  ? 12.770  -7.610  7.162   1.00 106.13 ? 6   G   B OP1   1 
ATOM   371  O  OP2   . G   B 2 5  ? 12.598  -5.617  5.546   1.00 104.64 ? 6   G   B OP2   1 
ATOM   372  O  "O5'" . G   B 2 5  ? 13.364  -5.266  7.890   1.00 98.61  ? 6   G   B "O5'" 1 
ATOM   373  C  "C5'" . G   B 2 5  ? 14.277  -5.514  8.935   1.00 94.27  ? 6   G   B "C5'" 1 
ATOM   374  C  "C4'" . G   B 2 5  ? 14.733  -4.230  9.557   1.00 90.75  ? 6   G   B "C4'" 1 
ATOM   375  O  "O4'" . G   B 2 5  ? 15.451  -3.450  8.566   1.00 88.20  ? 6   G   B "O4'" 1 
ATOM   376  C  "C3'" . G   B 2 5  ? 13.601  -3.300  9.942   1.00 89.40  ? 6   G   B "C3'" 1 
ATOM   377  O  "O3'" . G   B 2 5  ? 12.958  -3.653  11.146  1.00 91.69  ? 6   G   B "O3'" 1 
ATOM   378  C  "C2'" . G   B 2 5  ? 14.295  -1.955  10.007  1.00 88.05  ? 6   G   B "C2'" 1 
ATOM   379  O  "O2'" . G   B 2 5  ? 15.022  -1.760  11.202  1.00 87.67  ? 6   G   B "O2'" 1 
ATOM   380  C  "C1'" . G   B 2 5  ? 15.238  -2.071  8.816   1.00 86.48  ? 6   G   B "C1'" 1 
ATOM   381  N  N9    . G   B 2 5  ? 14.631  -1.440  7.653   1.00 82.80  ? 6   G   B N9    1 
ATOM   382  C  C8    . G   B 2 5  ? 14.093  -2.018  6.527   1.00 80.75  ? 6   G   B C8    1 
ATOM   383  N  N7    . G   B 2 5  ? 13.617  -1.138  5.684   1.00 80.20  ? 6   G   B N7    1 
ATOM   384  C  C5    . G   B 2 5  ? 13.868  0.091   6.292   1.00 79.14  ? 6   G   B C5    1 
ATOM   385  C  C6    . G   B 2 5  ? 13.593  1.427   5.859   1.00 78.16  ? 6   G   B C6    1 
ATOM   386  O  O6    . G   B 2 5  ? 13.070  1.806   4.802   1.00 78.95  ? 6   G   B O6    1 
ATOM   387  N  N1    . G   B 2 5  ? 14.001  2.368   6.805   1.00 78.13  ? 6   G   B N1    1 
ATOM   388  C  C2    . G   B 2 5  ? 14.601  2.075   8.005   1.00 77.44  ? 6   G   B C2    1 
ATOM   389  N  N2    . G   B 2 5  ? 14.907  3.116   8.805   1.00 74.95  ? 6   G   B N2    1 
ATOM   390  N  N3    . G   B 2 5  ? 14.879  0.848   8.404   1.00 78.78  ? 6   G   B N3    1 
ATOM   391  C  C4    . G   B 2 5  ? 14.486  -0.085  7.506   1.00 79.20  ? 6   G   B C4    1 
ATOM   392  P  P     . A   B 2 6  ? 11.366  -3.472  11.259  1.00 90.15  ? 7   A   B P     1 
ATOM   393  O  OP1   . A   B 2 6  ? 10.914  -4.223  12.458  1.00 93.90  ? 7   A   B OP1   1 
ATOM   394  O  OP2   . A   B 2 6  ? 10.794  -3.802  9.920   1.00 84.83  ? 7   A   B OP2   1 
ATOM   395  O  "O5'" . A   B 2 6  ? 11.192  -1.917  11.558  1.00 83.34  ? 7   A   B "O5'" 1 
ATOM   396  C  "C5'" . A   B 2 6  ? 11.813  -1.344  12.699  1.00 82.05  ? 7   A   B "C5'" 1 
ATOM   397  C  "C4'" . A   B 2 6  ? 11.862  0.158   12.582  1.00 80.92  ? 7   A   B "C4'" 1 
ATOM   398  O  "O4'" . A   B 2 6  ? 12.584  0.510   11.375  1.00 80.73  ? 7   A   B "O4'" 1 
ATOM   399  C  "C3'" . A   B 2 6  ? 10.525  0.863   12.438  1.00 79.00  ? 7   A   B "C3'" 1 
ATOM   400  O  "O3'" . A   B 2 6  ? 9.906   1.092   13.700  1.00 80.40  ? 7   A   B "O3'" 1 
ATOM   401  C  "C2'" . A   B 2 6  ? 10.926  2.164   11.755  1.00 80.07  ? 7   A   B "C2'" 1 
ATOM   402  O  "O2'" . A   B 2 6  ? 11.467  3.124   12.646  1.00 78.53  ? 7   A   B "O2'" 1 
ATOM   403  C  "C1'" . A   B 2 6  ? 12.010  1.671   10.796  1.00 77.39  ? 7   A   B "C1'" 1 
ATOM   404  N  N9    . A   B 2 6  ? 11.471  1.312   9.483   1.00 75.11  ? 7   A   B N9    1 
ATOM   405  C  C8    . A   B 2 6  ? 11.253  0.055   8.962   1.00 73.95  ? 7   A   B C8    1 
ATOM   406  N  N7    . A   B 2 6  ? 10.777  0.063   7.738   1.00 74.44  ? 7   A   B N7    1 
ATOM   407  C  C5    . A   B 2 6  ? 10.671  1.416   7.433   1.00 72.97  ? 7   A   B C5    1 
ATOM   408  C  C6    . A   B 2 6  ? 10.238  2.090   6.281   1.00 71.43  ? 7   A   B C6    1 
ATOM   409  N  N6    . A   B 2 6  ? 9.835   1.467   5.169   1.00 70.25  ? 7   A   B N6    1 
ATOM   410  N  N1    . A   B 2 6  ? 10.241  3.446   6.308   1.00 72.87  ? 7   A   B N1    1 
ATOM   411  C  C2    . A   B 2 6  ? 10.664  4.071   7.423   1.00 74.85  ? 7   A   B C2    1 
ATOM   412  N  N3    . A   B 2 6  ? 11.108  3.546   8.565   1.00 75.02  ? 7   A   B N3    1 
ATOM   413  C  C4    . A   B 2 6  ? 11.086  2.196   8.504   1.00 74.49  ? 7   A   B C4    1 
ATOM   414  P  P     . G   B 2 7  ? 8.310   0.966   13.837  1.00 80.83  ? 8   G   B P     1 
ATOM   415  O  OP1   . G   B 2 7  ? 7.900   1.329   15.221  1.00 78.62  ? 8   G   B OP1   1 
ATOM   416  O  OP2   . G   B 2 7  ? 7.912   -0.350  13.258  1.00 77.07  ? 8   G   B OP2   1 
ATOM   417  O  "O5'" . G   B 2 7  ? 7.750   2.107   12.886  1.00 78.14  ? 8   G   B "O5'" 1 
ATOM   418  C  "C5'" . G   B 2 7  ? 8.171   3.454   13.041  1.00 75.71  ? 8   G   B "C5'" 1 
ATOM   419  C  "C4'" . G   B 2 7  ? 7.733   4.266   11.848  1.00 76.87  ? 8   G   B "C4'" 1 
ATOM   420  O  "O4'" . G   B 2 7  ? 8.413   3.792   10.654  1.00 74.00  ? 8   G   B "O4'" 1 
ATOM   421  C  "C3'" . G   B 2 7  ? 6.261   4.135   11.507  1.00 73.83  ? 8   G   B "C3'" 1 
ATOM   422  O  "O3'" . G   B 2 7  ? 5.503   5.037   12.302  1.00 73.22  ? 8   G   B "O3'" 1 
ATOM   423  C  "C2'" . G   B 2 7  ? 6.247   4.519   10.035  1.00 73.94  ? 8   G   B "C2'" 1 
ATOM   424  O  "O2'" . G   B 2 7  ? 6.406   5.916   9.919   1.00 77.05  ? 8   G   B "O2'" 1 
ATOM   425  C  "C1'" . G   B 2 7  ? 7.542   3.880   9.541   1.00 71.60  ? 8   G   B "C1'" 1 
ATOM   426  N  N9    . G   B 2 7  ? 7.398   2.546   8.966   1.00 68.80  ? 8   G   B N9    1 
ATOM   427  C  C8    . G   B 2 7  ? 7.542   1.343   9.615   1.00 66.33  ? 8   G   B C8    1 
ATOM   428  N  N7    . G   B 2 7  ? 7.426   0.314   8.819   1.00 66.29  ? 8   G   B N7    1 
ATOM   429  C  C5    . G   B 2 7  ? 7.169   0.870   7.573   1.00 64.96  ? 8   G   B C5    1 
ATOM   430  C  C6    . G   B 2 7  ? 6.964   0.249   6.314   1.00 64.67  ? 8   G   B C6    1 
ATOM   431  O  O6    . G   B 2 7  ? 6.965   -0.958  6.039   1.00 67.74  ? 8   G   B O6    1 
ATOM   432  N  N1    . G   B 2 7  ? 6.746   1.187   5.310   1.00 63.45  ? 8   G   B N1    1 
ATOM   433  C  C2    . G   B 2 7  ? 6.731   2.545   5.484   1.00 63.93  ? 8   G   B C2    1 
ATOM   434  N  N2    . G   B 2 7  ? 6.516   3.281   4.376   1.00 63.31  ? 8   G   B N2    1 
ATOM   435  N  N3    . G   B 2 7  ? 6.917   3.140   6.654   1.00 65.17  ? 8   G   B N3    1 
ATOM   436  C  C4    . G   B 2 7  ? 7.132   2.246   7.647   1.00 67.31  ? 8   G   B C4    1 
ATOM   437  P  P     . A   B 2 8  ? 3.910   5.054   12.174  1.00 71.65  ? 9   A   B P     1 
ATOM   438  O  OP1   . A   B 2 8  ? 3.333   5.210   13.528  1.00 73.07  ? 9   A   B OP1   1 
ATOM   439  O  OP2   . A   B 2 8  ? 3.554   3.857   11.347  1.00 67.66  ? 9   A   B OP2   1 
ATOM   440  O  "O5'" . A   B 2 8  ? 3.625   6.399   11.370  1.00 69.66  ? 9   A   B "O5'" 1 
ATOM   441  C  "C5'" . A   B 2 8  ? 4.060   7.660   11.875  1.00 63.53  ? 9   A   B "C5'" 1 
ATOM   442  C  "C4'" . A   B 2 8  ? 3.756   8.747   10.874  1.00 63.70  ? 9   A   B "C4'" 1 
ATOM   443  O  "O4'" . A   B 2 8  ? 4.534   8.517   9.677   1.00 67.52  ? 9   A   B "O4'" 1 
ATOM   444  C  "C3'" . A   B 2 8  ? 2.325   8.812   10.389  1.00 65.86  ? 9   A   B "C3'" 1 
ATOM   445  O  "O3'" . A   B 2 8  ? 1.544   9.575   11.288  1.00 66.60  ? 9   A   B "O3'" 1 
ATOM   446  C  "C2'" . A   B 2 8  ? 2.478   9.488   9.035   1.00 63.93  ? 9   A   B "C2'" 1 
ATOM   447  O  "O2'" . A   B 2 8  ? 2.676   10.884  9.151   1.00 67.13  ? 9   A   B "O2'" 1 
ATOM   448  C  "C1'" . A   B 2 8  ? 3.775   8.855   8.533   1.00 67.07  ? 9   A   B "C1'" 1 
ATOM   449  N  N9    . A   B 2 8  ? 3.631   7.631   7.739   1.00 66.14  ? 9   A   B N9    1 
ATOM   450  C  C8    . A   B 2 8  ? 3.897   6.359   8.175   1.00 65.04  ? 9   A   B C8    1 
ATOM   451  N  N7    . A   B 2 8  ? 3.787   5.444   7.248   1.00 63.69  ? 9   A   B N7    1 
ATOM   452  C  C5    . A   B 2 8  ? 3.400   6.153   6.127   1.00 63.40  ? 9   A   B C5    1 
ATOM   453  C  C6    . A   B 2 8  ? 3.137   5.753   4.811   1.00 61.86  ? 9   A   B C6    1 
ATOM   454  N  N6    . A   B 2 8  ? 3.244   4.488   4.386   1.00 55.18  ? 9   A   B N6    1 
ATOM   455  N  N1    . A   B 2 8  ? 2.761   6.710   3.933   1.00 65.31  ? 9   A   B N1    1 
ATOM   456  C  C2    . A   B 2 8  ? 2.669   7.979   4.362   1.00 66.94  ? 9   A   B C2    1 
ATOM   457  N  N3    . A   B 2 8  ? 2.901   8.478   5.571   1.00 66.49  ? 9   A   B N3    1 
ATOM   458  C  C4    . A   B 2 8  ? 3.271   7.503   6.419   1.00 64.53  ? 9   A   B C4    1 
ATOM   459  P  P     . A   B 2 9  ? 0.040   9.121   11.604  1.00 73.81  ? 10  A   B P     1 
ATOM   460  O  OP1   . A   B 2 9  ? -0.522  10.061  12.605  1.00 76.55  ? 10  A   B OP1   1 
ATOM   461  O  OP2   . A   B 2 9  ? 0.028   7.667   11.880  1.00 74.31  ? 10  A   B OP2   1 
ATOM   462  O  "O5'" . A   B 2 9  ? -0.709  9.344   10.222  1.00 72.87  ? 10  A   B "O5'" 1 
ATOM   463  C  "C5'" . A   B 2 9  ? -0.816  10.642  9.665   1.00 66.17  ? 10  A   B "C5'" 1 
ATOM   464  C  "C4'" . A   B 2 9  ? -1.396  10.559  8.283   1.00 63.67  ? 10  A   B "C4'" 1 
ATOM   465  O  "O4'" . A   B 2 9  ? -0.434  9.939   7.399   1.00 60.71  ? 10  A   B "O4'" 1 
ATOM   466  C  "C3'" . A   B 2 9  ? -2.623  9.682   8.173   1.00 63.20  ? 10  A   B "C3'" 1 
ATOM   467  O  "O3'" . A   B 2 9  ? -3.783  10.414  8.509   1.00 61.59  ? 10  A   B "O3'" 1 
ATOM   468  C  "C2'" . A   B 2 9  ? -2.608  9.300   6.704   1.00 63.07  ? 10  A   B "C2'" 1 
ATOM   469  O  "O2'" . A   B 2 9  ? -3.104  10.336  5.891   1.00 60.93  ? 10  A   B "O2'" 1 
ATOM   470  C  "C1'" . A   B 2 9  ? -1.110  9.136   6.454   1.00 60.97  ? 10  A   B "C1'" 1 
ATOM   471  N  N9    . A   B 2 9  ? -0.628  7.764   6.601   1.00 61.89  ? 10  A   B N9    1 
ATOM   472  C  C8    . A   B 2 9  ? -0.013  7.192   7.685   1.00 61.18  ? 10  A   B C8    1 
ATOM   473  N  N7    . A   B 2 9  ? 0.336   5.944   7.495   1.00 58.86  ? 10  A   B N7    1 
ATOM   474  C  C5    . A   B 2 9  ? -0.087  5.678   6.201   1.00 59.73  ? 10  A   B C5    1 
ATOM   475  C  C6    . A   B 2 9  ? 0.005   4.537   5.396   1.00 57.59  ? 10  A   B C6    1 
ATOM   476  N  N6    . A   B 2 9  ? 0.595   3.406   5.787   1.00 57.01  ? 10  A   B N6    1 
ATOM   477  N  N1    . A   B 2 9  ? -0.525  4.599   4.154   1.00 59.84  ? 10  A   B N1    1 
ATOM   478  C  C2    . A   B 2 9  ? -1.085  5.744   3.754   1.00 59.63  ? 10  A   B C2    1 
ATOM   479  N  N3    . A   B 2 9  ? -1.216  6.886   4.413   1.00 58.11  ? 10  A   B N3    1 
ATOM   480  C  C4    . A   B 2 9  ? -0.692  6.785   5.645   1.00 59.98  ? 10  A   B C4    1 
ATOM   481  P  P     . G   B 2 10 ? -4.960  9.695   9.315   1.00 66.18  ? 11  G   B P     1 
ATOM   482  O  OP1   . G   B 2 10 ? -5.977  10.718  9.647   1.00 69.68  ? 11  G   B OP1   1 
ATOM   483  O  OP2   . G   B 2 10 ? -4.318  8.914   10.399  1.00 69.10  ? 11  G   B OP2   1 
ATOM   484  O  "O5'" . G   B 2 10 ? -5.586  8.676   8.266   1.00 66.06  ? 11  G   B "O5'" 1 
ATOM   485  C  "C5'" . G   B 2 10 ? -6.242  9.150   7.102   1.00 63.24  ? 11  G   B "C5'" 1 
ATOM   486  C  "C4'" . G   B 2 10 ? -6.388  8.039   6.095   1.00 64.23  ? 11  G   B "C4'" 1 
ATOM   487  O  "O4'" . G   B 2 10 ? -5.070  7.615   5.670   1.00 61.44  ? 11  G   B "O4'" 1 
ATOM   488  C  "C3'" . G   B 2 10 ? -7.039  6.762   6.598   1.00 63.08  ? 11  G   B "C3'" 1 
ATOM   489  O  "O3'" . G   B 2 10 ? -8.454  6.824   6.576   1.00 59.53  ? 11  G   B "O3'" 1 
ATOM   490  C  "C2'" . G   B 2 10 ? -6.503  5.734   5.621   1.00 59.87  ? 11  G   B "C2'" 1 
ATOM   491  O  "O2'" . G   B 2 10 ? -7.143  5.815   4.373   1.00 61.02  ? 11  G   B "O2'" 1 
ATOM   492  C  "C1'" . G   B 2 10 ? -5.069  6.218   5.453   1.00 61.75  ? 11  G   B "C1'" 1 
ATOM   493  N  N9    . G   B 2 10 ? -4.195  5.607   6.444   1.00 60.10  ? 11  G   B N9    1 
ATOM   494  C  C8    . G   B 2 10 ? -3.744  6.161   7.615   1.00 59.59  ? 11  G   B C8    1 
ATOM   495  N  N7    . G   B 2 10 ? -2.951  5.369   8.285   1.00 56.96  ? 11  G   B N7    1 
ATOM   496  C  C5    . G   B 2 10 ? -2.883  4.220   7.510   1.00 53.91  ? 11  G   B C5    1 
ATOM   497  C  C6    . G   B 2 10 ? -2.170  3.016   7.714   1.00 53.85  ? 11  G   B C6    1 
ATOM   498  O  O6    . G   B 2 10 ? -1.418  2.704   8.660   1.00 54.07  ? 11  G   B O6    1 
ATOM   499  N  N1    . G   B 2 10 ? -2.389  2.122   6.669   1.00 51.58  ? 11  G   B N1    1 
ATOM   500  C  C2    . G   B 2 10 ? -3.183  2.361   5.569   1.00 51.45  ? 11  G   B C2    1 
ATOM   501  N  N2    . G   B 2 10 ? -3.264  1.389   4.651   1.00 50.63  ? 11  G   B N2    1 
ATOM   502  N  N3    . G   B 2 10 ? -3.848  3.473   5.375   1.00 52.11  ? 11  G   B N3    1 
ATOM   503  C  C4    . G   B 2 10 ? -3.655  4.354   6.373   1.00 55.82  ? 11  G   B C4    1 
ATOM   504  P  P     . G   B 2 11 ? -9.301  5.896   7.573   1.00 59.94  ? 12  G   B P     1 
ATOM   505  O  OP1   . G   B 2 11 ? -10.717 6.319   7.537   1.00 67.67  ? 12  G   B OP1   1 
ATOM   506  O  OP2   . G   B 2 11 ? -8.573  5.892   8.864   1.00 63.32  ? 12  G   B OP2   1 
ATOM   507  O  "O5'" . G   B 2 11 ? -9.223  4.458   6.891   1.00 59.48  ? 12  G   B "O5'" 1 
ATOM   508  C  "C5'" . G   B 2 11 ? -9.782  4.257   5.603   1.00 58.85  ? 12  G   B "C5'" 1 
ATOM   509  C  "C4'" . G   B 2 11 ? -9.442  2.889   5.069   1.00 60.66  ? 12  G   B "C4'" 1 
ATOM   510  O  "O4'" . G   B 2 11 ? -8.006  2.769   4.922   1.00 60.70  ? 12  G   B "O4'" 1 
ATOM   511  C  "C3'" . G   B 2 11 ? -9.790  1.721   5.965   1.00 62.44  ? 12  G   B "C3'" 1 
ATOM   512  O  "O3'" . G   B 2 11 ? -11.145 1.361   5.885   1.00 62.00  ? 12  G   B "O3'" 1 
ATOM   513  C  "C2'" . G   B 2 11 ? -8.871  0.636   5.438   1.00 58.72  ? 12  G   B "C2'" 1 
ATOM   514  O  "O2'" . G   B 2 11 ? -9.308  0.111   4.199   1.00 66.46  ? 12  G   B "O2'" 1 
ATOM   515  C  "C1'" . G   B 2 11 ? -7.608  1.440   5.195   1.00 56.45  ? 12  G   B "C1'" 1 
ATOM   516  N  N9    . G   B 2 11 ? -6.774  1.432   6.387   1.00 55.54  ? 12  G   B N9    1 
ATOM   517  C  C8    . G   B 2 11 ? -6.611  2.435   7.310   1.00 52.50  ? 12  G   B C8    1 
ATOM   518  N  N7    . G   B 2 11 ? -5.752  2.134   8.247   1.00 52.06  ? 12  G   B N7    1 
ATOM   519  C  C5    . G   B 2 11 ? -5.329  0.848   7.923   1.00 49.72  ? 12  G   B C5    1 
ATOM   520  C  C6    . G   B 2 11 ? -4.376  -0.012  8.556   1.00 46.75  ? 12  G   B C6    1 
ATOM   521  O  O6    . G   B 2 11 ? -3.680  0.203   9.558   1.00 47.84  ? 12  G   B O6    1 
ATOM   522  N  N1    . G   B 2 11 ? -4.269  -1.228  7.894   1.00 43.46  ? 12  G   B N1    1 
ATOM   523  C  C2    . G   B 2 11 ? -4.980  -1.585  6.775   1.00 50.91  ? 12  G   B C2    1 
ATOM   524  N  N2    . G   B 2 11 ? -4.754  -2.816  6.293   1.00 46.41  ? 12  G   B N2    1 
ATOM   525  N  N3    . G   B 2 11 ? -5.854  -0.796  6.172   1.00 48.84  ? 12  G   B N3    1 
ATOM   526  C  C4    . G   B 2 11 ? -5.973  0.396   6.793   1.00 49.67  ? 12  G   B C4    1 
ATOM   527  P  P     . G   B 2 12 ? -11.849 0.675   7.148   1.00 61.80  ? 13  G   B P     1 
ATOM   528  O  OP1   . G   B 2 12 ? -13.263 0.496   6.743   1.00 67.90  ? 13  G   B OP1   1 
ATOM   529  O  OP2   . G   B 2 12 ? -11.525 1.471   8.358   1.00 55.73  ? 13  G   B OP2   1 
ATOM   530  O  "O5'" . G   B 2 12 ? -11.141 -0.751  7.272   1.00 62.06  ? 13  G   B "O5'" 1 
ATOM   531  C  "C5'" . G   B 2 12 ? -11.306 -1.730  6.256   1.00 57.91  ? 13  G   B "C5'" 1 
ATOM   532  C  "C4'" . G   B 2 12 ? -10.470 -2.965  6.538   1.00 59.52  ? 13  G   B "C4'" 1 
ATOM   533  O  "O4'" . G   B 2 12 ? -9.071  -2.591  6.638   1.00 57.36  ? 13  G   B "O4'" 1 
ATOM   534  C  "C3'" . G   B 2 12 ? -10.733 -3.665  7.861   1.00 58.00  ? 13  G   B "C3'" 1 
ATOM   535  O  "O3'" . G   B 2 12 ? -11.877 -4.496  7.883   1.00 63.03  ? 13  G   B "O3'" 1 
ATOM   536  C  "C2'" . G   B 2 12 ? -9.443  -4.434  8.092   1.00 56.45  ? 13  G   B "C2'" 1 
ATOM   537  O  "O2'" . G   B 2 12 ? -9.364  -5.611  7.319   1.00 59.83  ? 13  G   B "O2'" 1 
ATOM   538  C  "C1'" . G   B 2 12 ? -8.413  -3.444  7.561   1.00 51.98  ? 13  G   B "C1'" 1 
ATOM   539  N  N9    . G   B 2 12 ? -7.814  -2.647  8.621   1.00 48.22  ? 13  G   B N9    1 
ATOM   540  C  C8    . G   B 2 12 ? -8.084  -1.341  8.948   1.00 44.60  ? 13  G   B C8    1 
ATOM   541  N  N7    . G   B 2 12 ? -7.390  -0.915  9.972   1.00 48.96  ? 13  G   B N7    1 
ATOM   542  C  C5    . G   B 2 12 ? -6.607  -2.008  10.339  1.00 44.29  ? 13  G   B C5    1 
ATOM   543  C  C6    . G   B 2 12 ? -5.651  -2.149  11.380  1.00 50.68  ? 13  G   B C6    1 
ATOM   544  O  O6    . G   B 2 12 ? -5.302  -1.310  12.236  1.00 49.99  ? 13  G   B O6    1 
ATOM   545  N  N1    . G   B 2 12 ? -5.084  -3.426  11.380  1.00 47.38  ? 13  G   B N1    1 
ATOM   546  C  C2    . G   B 2 12 ? -5.409  -4.434  10.503  1.00 52.62  ? 13  G   B C2    1 
ATOM   547  N  N2    . G   B 2 12 ? -4.761  -5.598  10.668  1.00 45.49  ? 13  G   B N2    1 
ATOM   548  N  N3    . G   B 2 12 ? -6.301  -4.313  9.539   1.00 43.75  ? 13  G   B N3    1 
ATOM   549  C  C4    . G   B 2 12 ? -6.855  -3.081  9.513   1.00 47.57  ? 13  G   B C4    1 
ATOM   550  O  "O5'" . G   C 3 1  ? -9.776  -14.919 9.465   1.00 56.56  ? 15  G   C "O5'" 1 
ATOM   551  C  "C5'" . G   C 3 1  ? -9.105  -15.023 10.709  1.00 60.21  ? 15  G   C "C5'" 1 
ATOM   552  C  "C4'" . G   C 3 1  ? -8.230  -16.247 10.719  1.00 61.31  ? 15  G   C "C4'" 1 
ATOM   553  O  "O4'" . G   C 3 1  ? -9.074  -17.428 10.704  1.00 65.16  ? 15  G   C "O4'" 1 
ATOM   554  C  "C3'" . G   C 3 1  ? -7.336  -16.416 9.501   1.00 60.42  ? 15  G   C "C3'" 1 
ATOM   555  O  "O3'" . G   C 3 1  ? -6.124  -15.687 9.658   1.00 60.34  ? 15  G   C "O3'" 1 
ATOM   556  C  "C2'" . G   C 3 1  ? -7.085  -17.921 9.503   1.00 63.56  ? 15  G   C "C2'" 1 
ATOM   557  O  "O2'" . G   C 3 1  ? -6.095  -18.292 10.449  1.00 65.46  ? 15  G   C "O2'" 1 
ATOM   558  C  "C1'" . G   C 3 1  ? -8.446  -18.454 9.956   1.00 63.96  ? 15  G   C "C1'" 1 
ATOM   559  N  N9    . G   C 3 1  ? -9.331  -18.827 8.859   1.00 64.98  ? 15  G   C N9    1 
ATOM   560  C  C8    . G   C 3 1  ? -10.431 -18.140 8.415   1.00 62.43  ? 15  G   C C8    1 
ATOM   561  N  N7    . G   C 3 1  ? -11.028 -18.723 7.412   1.00 61.53  ? 15  G   C N7    1 
ATOM   562  C  C5    . G   C 3 1  ? -10.273 -19.864 7.180   1.00 61.96  ? 15  G   C C5    1 
ATOM   563  C  C6    . G   C 3 1  ? -10.435 -20.891 6.216   1.00 61.10  ? 15  G   C C6    1 
ATOM   564  O  O6    . G   C 3 1  ? -11.312 -21.003 5.355   1.00 60.35  ? 15  G   C O6    1 
ATOM   565  N  N1    . G   C 3 1  ? -9.440  -21.857 6.326   1.00 59.10  ? 15  G   C N1    1 
ATOM   566  C  C2    . G   C 3 1  ? -8.421  -21.841 7.249   1.00 63.40  ? 15  G   C C2    1 
ATOM   567  N  N2    . G   C 3 1  ? -7.540  -22.860 7.197   1.00 59.35  ? 15  G   C N2    1 
ATOM   568  N  N3    . G   C 3 1  ? -8.267  -20.892 8.159   1.00 64.11  ? 15  G   C N3    1 
ATOM   569  C  C4    . G   C 3 1  ? -9.221  -19.941 8.065   1.00 62.70  ? 15  G   C C4    1 
ATOM   570  P  P     . G   C 3 2  ? -5.328  -15.150 8.362   1.00 61.85  ? 16  G   C P     1 
ATOM   571  O  OP1   . G   C 3 2  ? -4.337  -14.166 8.871   1.00 70.55  ? 16  G   C OP1   1 
ATOM   572  O  OP2   . G   C 3 2  ? -6.295  -14.755 7.300   1.00 61.00  ? 16  G   C OP2   1 
ATOM   573  O  "O5'" . G   C 3 2  ? -4.516  -16.411 7.839   1.00 66.89  ? 16  G   C "O5'" 1 
ATOM   574  C  "C5'" . G   C 3 2  ? -3.505  -17.010 8.637   1.00 65.52  ? 16  G   C "C5'" 1 
ATOM   575  C  "C4'" . G   C 3 2  ? -3.017  -18.260 7.969   1.00 68.27  ? 16  G   C "C4'" 1 
ATOM   576  O  "O4'" . G   C 3 2  ? -4.061  -19.267 8.023   1.00 73.50  ? 16  G   C "O4'" 1 
ATOM   577  C  "C3'" . G   C 3 2  ? -2.741  -18.097 6.487   1.00 70.86  ? 16  G   C "C3'" 1 
ATOM   578  O  "O3'" . G   C 3 2  ? -1.469  -17.537 6.224   1.00 66.21  ? 16  G   C "O3'" 1 
ATOM   579  C  "C2'" . G   C 3 2  ? -2.873  -19.521 5.980   1.00 70.14  ? 16  G   C "C2'" 1 
ATOM   580  O  "O2'" . G   C 3 2  ? -1.717  -20.288 6.250   1.00 69.95  ? 16  G   C "O2'" 1 
ATOM   581  C  "C1'" . G   C 3 2  ? -4.058  -20.011 6.814   1.00 74.16  ? 16  G   C "C1'" 1 
ATOM   582  N  N9    . G   C 3 2  ? -5.311  -19.741 6.117   1.00 74.15  ? 16  G   C N9    1 
ATOM   583  C  C8    . G   C 3 2  ? -6.129  -18.649 6.266   1.00 73.60  ? 16  G   C C8    1 
ATOM   584  N  N7    . G   C 3 2  ? -7.184  -18.691 5.500   1.00 74.70  ? 16  G   C N7    1 
ATOM   585  C  C5    . G   C 3 2  ? -7.054  -19.886 4.806   1.00 73.68  ? 16  G   C C5    1 
ATOM   586  C  C6    . G   C 3 2  ? -7.898  -20.487 3.834   1.00 72.23  ? 16  G   C C6    1 
ATOM   587  O  O6    . G   C 3 2  ? -8.970  -20.076 3.386   1.00 71.12  ? 16  G   C O6    1 
ATOM   588  N  N1    . G   C 3 2  ? -7.379  -21.696 3.384   1.00 72.13  ? 16  G   C N1    1 
ATOM   589  C  C2    . G   C 3 2  ? -6.203  -22.259 3.812   1.00 74.58  ? 16  G   C C2    1 
ATOM   590  N  N2    . G   C 3 2  ? -5.860  -23.424 3.246   1.00 72.34  ? 16  G   C N2    1 
ATOM   591  N  N3    . G   C 3 2  ? -5.416  -21.718 4.724   1.00 74.99  ? 16  G   C N3    1 
ATOM   592  C  C4    . G   C 3 2  ? -5.899  -20.541 5.173   1.00 73.36  ? 16  G   C C4    1 
ATOM   593  P  P     . C   C 3 3  ? -1.261  -16.639 4.903   1.00 67.35  ? 17  C   C P     1 
ATOM   594  O  OP1   . C   C 3 3  ? 0.101   -16.050 4.954   1.00 72.14  ? 17  C   C OP1   1 
ATOM   595  O  OP2   . C   C 3 3  ? -2.449  -15.756 4.749   1.00 71.20  ? 17  C   C OP2   1 
ATOM   596  O  "O5'" . C   C 3 3  ? -1.316  -17.681 3.702   1.00 68.97  ? 17  C   C "O5'" 1 
ATOM   597  C  "C5'" . C   C 3 3  ? -0.312  -18.671 3.547   1.00 68.93  ? 17  C   C "C5'" 1 
ATOM   598  C  "C4'" . C   C 3 3  ? -0.699  -19.622 2.454   1.00 69.66  ? 17  C   C "C4'" 1 
ATOM   599  O  "O4'" . C   C 3 3  ? -1.926  -20.290 2.852   1.00 73.46  ? 17  C   C "O4'" 1 
ATOM   600  C  "C3'" . C   C 3 3  ? -1.074  -18.975 1.134   1.00 69.61  ? 17  C   C "C3'" 1 
ATOM   601  O  "O3'" . C   C 3 3  ? 0.025   -18.596 0.326   1.00 73.36  ? 17  C   C "O3'" 1 
ATOM   602  C  "C2'" . C   C 3 3  ? -1.939  -20.046 0.500   1.00 69.57  ? 17  C   C "C2'" 1 
ATOM   603  O  "O2'" . C   C 3 3  ? -1.151  -21.118 0.017   1.00 66.02  ? 17  C   C "O2'" 1 
ATOM   604  C  "C1'" . C   C 3 3  ? -2.743  -20.509 1.711   1.00 69.61  ? 17  C   C "C1'" 1 
ATOM   605  N  N1    . C   C 3 3  ? -3.969  -19.704 1.846   1.00 67.71  ? 17  C   C N1    1 
ATOM   606  C  C2    . C   C 3 3  ? -5.067  -20.045 1.068   1.00 67.84  ? 17  C   C C2    1 
ATOM   607  O  O2    . C   C 3 3  ? -4.965  -21.006 0.290   1.00 68.41  ? 17  C   C O2    1 
ATOM   608  N  N3    . C   C 3 3  ? -6.205  -19.322 1.174   1.00 65.61  ? 17  C   C N3    1 
ATOM   609  C  C4    . C   C 3 3  ? -6.257  -18.287 2.012   1.00 66.73  ? 17  C   C C4    1 
ATOM   610  N  N4    . C   C 3 3  ? -7.399  -17.606 2.084   1.00 60.46  ? 17  C   C N4    1 
ATOM   611  C  C5    . C   C 3 3  ? -5.144  -17.908 2.816   1.00 66.34  ? 17  C   C C5    1 
ATOM   612  C  C6    . C   C 3 3  ? -4.033  -18.641 2.705   1.00 68.88  ? 17  C   C C6    1 
ATOM   613  P  P     . A   C 3 4  ? -0.104  -17.291 -0.611  1.00 76.43  ? 18  A   C P     1 
ATOM   614  O  OP1   . A   C 3 4  ? 1.246   -16.986 -1.148  1.00 75.66  ? 18  A   C OP1   1 
ATOM   615  O  OP2   . A   C 3 4  ? -0.854  -16.243 0.144   1.00 75.13  ? 18  A   C OP2   1 
ATOM   616  O  "O5'" . A   C 3 4  ? -1.046  -17.756 -1.807  1.00 71.50  ? 18  A   C "O5'" 1 
ATOM   617  C  "C5'" . A   C 3 4  ? -0.672  -18.839 -2.643  1.00 72.17  ? 18  A   C "C5'" 1 
ATOM   618  C  "C4'" . A   C 3 4  ? -1.801  -19.188 -3.575  1.00 71.85  ? 18  A   C "C4'" 1 
ATOM   619  O  "O4'" . A   C 3 4  ? -2.931  -19.662 -2.799  1.00 74.62  ? 18  A   C "O4'" 1 
ATOM   620  C  "C3'" . A   C 3 4  ? -2.381  -18.008 -4.324  1.00 74.26  ? 18  A   C "C3'" 1 
ATOM   621  O  "O3'" . A   C 3 4  ? -1.618  -17.657 -5.455  1.00 80.07  ? 18  A   C "O3'" 1 
ATOM   622  C  "C2'" . A   C 3 4  ? -3.771  -18.502 -4.684  1.00 74.33  ? 18  A   C "C2'" 1 
ATOM   623  O  "O2'" . A   C 3 4  ? -3.777  -19.407 -5.767  1.00 76.06  ? 18  A   C "O2'" 1 
ATOM   624  C  "C1'" . A   C 3 4  ? -4.136  -19.253 -3.417  1.00 71.14  ? 18  A   C "C1'" 1 
ATOM   625  N  N9    . A   C 3 4  ? -4.853  -18.375 -2.510  1.00 66.95  ? 18  A   C N9    1 
ATOM   626  C  C8    . A   C 3 4  ? -4.431  -17.742 -1.372  1.00 65.42  ? 18  A   C C8    1 
ATOM   627  N  N7    . A   C 3 4  ? -5.373  -17.049 -0.779  1.00 66.99  ? 18  A   C N7    1 
ATOM   628  C  C5    . A   C 3 4  ? -6.488  -17.237 -1.591  1.00 63.90  ? 18  A   C C5    1 
ATOM   629  C  C6    . A   C 3 4  ? -7.818  -16.784 -1.512  1.00 63.19  ? 18  A   C C6    1 
ATOM   630  N  N6    . A   C 3 4  ? -8.291  -16.029 -0.520  1.00 61.24  ? 18  A   C N6    1 
ATOM   631  N  N1    . A   C 3 4  ? -8.663  -17.147 -2.497  1.00 62.67  ? 18  A   C N1    1 
ATOM   632  C  C2    . A   C 3 4  ? -8.204  -17.920 -3.482  1.00 62.88  ? 18  A   C C2    1 
ATOM   633  N  N3    . A   C 3 4  ? -6.988  -18.418 -3.662  1.00 64.11  ? 18  A   C N3    1 
ATOM   634  C  C4    . A   C 3 4  ? -6.171  -18.036 -2.668  1.00 64.85  ? 18  A   C C4    1 
ATOM   635  P  P     . G   C 3 5  ? -1.617  -16.133 -5.953  1.00 81.38  ? 19  G   C P     1 
ATOM   636  O  OP1   . G   C 3 5  ? -0.515  -16.022 -6.952  1.00 81.16  ? 19  G   C OP1   1 
ATOM   637  O  OP2   . G   C 3 5  ? -1.609  -15.270 -4.732  1.00 82.00  ? 19  G   C OP2   1 
ATOM   638  O  "O5'" . G   C 3 5  ? -3.040  -15.946 -6.659  1.00 81.50  ? 19  G   C "O5'" 1 
ATOM   639  C  "C5'" . G   C 3 5  ? -3.397  -16.758 -7.761  1.00 77.07  ? 19  G   C "C5'" 1 
ATOM   640  C  "C4'" . G   C 3 5  ? -4.853  -16.590 -8.124  1.00 77.23  ? 19  G   C "C4'" 1 
ATOM   641  O  "O4'" . G   C 3 5  ? -5.691  -17.035 -7.019  1.00 76.10  ? 19  G   C "O4'" 1 
ATOM   642  C  "C3'" . G   C 3 5  ? -5.306  -15.155 -8.318  1.00 75.20  ? 19  G   C "C3'" 1 
ATOM   643  O  "O3'" . G   C 3 5  ? -4.963  -14.614 -9.577  1.00 81.66  ? 19  G   C "O3'" 1 
ATOM   644  C  "C2'" . G   C 3 5  ? -6.811  -15.258 -8.131  1.00 75.29  ? 19  G   C "C2'" 1 
ATOM   645  O  "O2'" . G   C 3 5  ? -7.507  -15.730 -9.266  1.00 74.71  ? 19  G   C "O2'" 1 
ATOM   646  C  "C1'" . G   C 3 5  ? -6.894  -16.286 -7.013  1.00 75.66  ? 19  G   C "C1'" 1 
ATOM   647  N  N9    . G   C 3 5  ? -7.059  -15.597 -5.745  1.00 74.69  ? 19  G   C N9    1 
ATOM   648  C  C8    . G   C 3 5  ? -6.139  -15.388 -4.748  1.00 71.54  ? 19  G   C C8    1 
ATOM   649  N  N7    . G   C 3 5  ? -6.622  -14.692 -3.752  1.00 72.15  ? 19  G   C N7    1 
ATOM   650  C  C5    . G   C 3 5  ? -7.942  -14.440 -4.116  1.00 72.19  ? 19  G   C C5    1 
ATOM   651  C  C6    . G   C 3 5  ? -8.975  -13.728 -3.442  1.00 70.46  ? 19  G   C C6    1 
ATOM   652  O  O6    . G   C 3 5  ? -8.935  -13.163 -2.341  1.00 68.24  ? 19  G   C O6    1 
ATOM   653  N  N1    . G   C 3 5  ? -10.153 -13.705 -4.188  1.00 72.57  ? 19  G   C N1    1 
ATOM   654  C  C2    . G   C 3 5  ? -10.318 -14.282 -5.419  1.00 71.90  ? 19  G   C C2    1 
ATOM   655  N  N2    . G   C 3 5  ? -11.518 -14.117 -5.993  1.00 71.82  ? 19  G   C N2    1 
ATOM   656  N  N3    . G   C 3 5  ? -9.375  -14.958 -6.046  1.00 70.97  ? 19  G   C N3    1 
ATOM   657  C  C4    . G   C 3 5  ? -8.221  -14.993 -5.342  1.00 72.09  ? 19  G   C C4    1 
ATOM   658  P  P     . A   C 3 6  ? -4.633  -13.041 -9.694  1.00 83.14  ? 20  A   C P     1 
ATOM   659  O  OP1   . A   C 3 6  ? -4.141  -12.788 -11.079 1.00 80.58  ? 20  A   C OP1   1 
ATOM   660  O  OP2   . A   C 3 6  ? -3.771  -12.679 -8.526  1.00 81.96  ? 20  A   C OP2   1 
ATOM   661  O  "O5'" . A   C 3 6  ? -6.052  -12.327 -9.525  1.00 74.63  ? 20  A   C "O5'" 1 
ATOM   662  C  "C5'" . A   C 3 6  ? -7.094  -12.559 -10.464 1.00 69.86  ? 20  A   C "C5'" 1 
ATOM   663  C  "C4'" . A   C 3 6  ? -8.387  -11.983 -9.961  1.00 69.63  ? 20  A   C "C4'" 1 
ATOM   664  O  "O4'" . A   C 3 6  ? -8.718  -12.612 -8.700  1.00 69.39  ? 20  A   C "O4'" 1 
ATOM   665  C  "C3'" . A   C 3 6  ? -8.341  -10.511 -9.615  1.00 70.88  ? 20  A   C "C3'" 1 
ATOM   666  O  "O3'" . A   C 3 6  ? -8.485  -9.676  -10.739 1.00 71.83  ? 20  A   C "O3'" 1 
ATOM   667  C  "C2'" . A   C 3 6  ? -9.489  -10.374 -8.633  1.00 69.93  ? 20  A   C "C2'" 1 
ATOM   668  O  "O2'" . A   C 3 6  ? -10.750 -10.352 -9.259  1.00 74.88  ? 20  A   C "O2'" 1 
ATOM   669  C  "C1'" . A   C 3 6  ? -9.340  -11.667 -7.843  1.00 70.61  ? 20  A   C "C1'" 1 
ATOM   670  N  N9    . A   C 3 6  ? -8.483  -11.462 -6.675  1.00 68.46  ? 20  A   C N9    1 
ATOM   671  C  C8    . A   C 3 6  ? -7.173  -11.837 -6.481  1.00 66.67  ? 20  A   C C8    1 
ATOM   672  N  N7    . A   C 3 6  ? -6.701  -11.525 -5.298  1.00 65.76  ? 20  A   C N7    1 
ATOM   673  C  C5    . A   C 3 6  ? -7.770  -10.901 -4.670  1.00 63.86  ? 20  A   C C5    1 
ATOM   674  C  C6    . A   C 3 6  ? -7.921  -10.355 -3.388  1.00 62.14  ? 20  A   C C6    1 
ATOM   675  N  N6    . A   C 3 6  ? -6.957  -10.370 -2.460  1.00 59.03  ? 20  A   C N6    1 
ATOM   676  N  N1    . A   C 3 6  ? -9.115  -9.791  -3.083  1.00 62.81  ? 20  A   C N1    1 
ATOM   677  C  C2    . A   C 3 6  ? -10.088 -9.791  -4.014  1.00 66.09  ? 20  A   C C2    1 
ATOM   678  N  N3    . A   C 3 6  ? -10.069 -10.287 -5.247  1.00 66.13  ? 20  A   C N3    1 
ATOM   679  C  C4    . A   C 3 6  ? -8.869  -10.837 -5.514  1.00 66.26  ? 20  A   C C4    1 
ATOM   680  P  P     . G   C 3 7  ? -7.686  -8.290  -10.775 1.00 76.16  ? 21  G   C P     1 
ATOM   681  O  OP1   . G   C 3 7  ? -8.005  -7.568  -12.035 1.00 79.23  ? 21  G   C OP1   1 
ATOM   682  O  OP2   . G   C 3 7  ? -6.272  -8.621  -10.453 1.00 71.67  ? 21  G   C OP2   1 
ATOM   683  O  "O5'" . G   C 3 7  ? -8.317  -7.474  -9.558  1.00 75.65  ? 21  G   C "O5'" 1 
ATOM   684  C  "C5'" . G   C 3 7  ? -9.717  -7.206  -9.504  1.00 71.62  ? 21  G   C "C5'" 1 
ATOM   685  C  "C4'" . G   C 3 7  ? -10.075 -6.486  -8.218  1.00 72.34  ? 21  G   C "C4'" 1 
ATOM   686  O  "O4'" . G   C 3 7  ? -9.892  -7.373  -7.080  1.00 73.68  ? 21  G   C "O4'" 1 
ATOM   687  C  "C3'" . G   C 3 7  ? -9.219  -5.281  -7.881  1.00 71.09  ? 21  G   C "C3'" 1 
ATOM   688  O  "O3'" . G   C 3 7  ? -9.664  -4.125  -8.555  1.00 71.69  ? 21  G   C "O3'" 1 
ATOM   689  C  "C2'" . G   C 3 7  ? -9.404  -5.165  -6.377  1.00 68.59  ? 21  G   C "C2'" 1 
ATOM   690  O  "O2'" . G   C 3 7  ? -10.652 -4.588  -6.063  1.00 65.70  ? 21  G   C "O2'" 1 
ATOM   691  C  "C1'" . G   C 3 7  ? -9.415  -6.634  -5.966  1.00 68.17  ? 21  G   C "C1'" 1 
ATOM   692  N  N9    . G   C 3 7  ? -8.083  -7.126  -5.630  1.00 64.99  ? 21  G   C N9    1 
ATOM   693  C  C8    . G   C 3 7  ? -7.159  -7.678  -6.492  1.00 62.96  ? 21  G   C C8    1 
ATOM   694  N  N7    . G   C 3 7  ? -6.059  -8.054  -5.897  1.00 61.61  ? 21  G   C N7    1 
ATOM   695  C  C5    . G   C 3 7  ? -6.263  -7.727  -4.556  1.00 60.76  ? 21  G   C C5    1 
ATOM   696  C  C6    . G   C 3 7  ? -5.412  -7.904  -3.410  1.00 60.15  ? 21  G   C C6    1 
ATOM   697  O  O6    . G   C 3 7  ? -4.267  -8.400  -3.360  1.00 62.45  ? 21  G   C O6    1 
ATOM   698  N  N1    . G   C 3 7  ? -6.019  -7.426  -2.241  1.00 59.31  ? 21  G   C N1    1 
ATOM   699  C  C2    . G   C 3 7  ? -7.271  -6.844  -2.177  1.00 63.83  ? 21  G   C C2    1 
ATOM   700  N  N2    . G   C 3 7  ? -7.671  -6.428  -0.960  1.00 62.22  ? 21  G   C N2    1 
ATOM   701  N  N3    . G   C 3 7  ? -8.069  -6.677  -3.231  1.00 62.44  ? 21  G   C N3    1 
ATOM   702  C  C4    . G   C 3 7  ? -7.505  -7.141  -4.379  1.00 61.73  ? 21  G   C C4    1 
ATOM   703  P  P     . A   C 3 8  ? -8.594  -3.204  -9.311  1.00 73.73  ? 22  A   C P     1 
ATOM   704  O  OP1   . A   C 3 8  ? -8.506  -3.663  -10.716 1.00 73.82  ? 22  A   C OP1   1 
ATOM   705  O  OP2   . A   C 3 8  ? -7.361  -3.153  -8.482  1.00 70.83  ? 22  A   C OP2   1 
ATOM   706  O  "O5'" . A   C 3 8  ? -9.287  -1.774  -9.299  1.00 70.75  ? 22  A   C "O5'" 1 
ATOM   707  C  "C5'" . A   C 3 8  ? -9.044  -0.850  -8.249  1.00 68.34  ? 22  A   C "C5'" 1 
ATOM   708  C  "C4'" . A   C 3 8  ? -10.306 -0.628  -7.456  1.00 71.05  ? 22  A   C "C4'" 1 
ATOM   709  O  "O4'" . A   C 3 8  ? -10.514 -1.744  -6.547  1.00 70.42  ? 22  A   C "O4'" 1 
ATOM   710  C  "C3'" . A   C 3 8  ? -10.254 0.581   -6.548  1.00 69.56  ? 22  A   C "C3'" 1 
ATOM   711  O  "O3'" . A   C 3 8  ? -10.606 1.738   -7.288  1.00 68.89  ? 22  A   C "O3'" 1 
ATOM   712  C  "C2'" . A   C 3 8  ? -11.284 0.238   -5.480  1.00 68.86  ? 22  A   C "C2'" 1 
ATOM   713  O  "O2'" . A   C 3 8  ? -12.605 0.518   -5.881  1.00 74.55  ? 22  A   C "O2'" 1 
ATOM   714  C  "C1'" . A   C 3 8  ? -11.074 -1.271  -5.329  1.00 68.29  ? 22  A   C "C1'" 1 
ATOM   715  N  N9    . A   C 3 8  ? -10.166 -1.622  -4.230  1.00 65.69  ? 22  A   C N9    1 
ATOM   716  C  C8    . A   C 3 8  ? -8.916  -2.184  -4.314  1.00 63.23  ? 22  A   C C8    1 
ATOM   717  N  N7    . A   C 3 8  ? -8.343  -2.373  -3.151  1.00 63.37  ? 22  A   C N7    1 
ATOM   718  C  C5    . A   C 3 8  ? -9.278  -1.905  -2.239  1.00 64.67  ? 22  A   C C5    1 
ATOM   719  C  C6    . A   C 3 8  ? -9.270  -1.820  -0.836  1.00 65.12  ? 22  A   C C6    1 
ATOM   720  N  N6    . A   C 3 8  ? -8.245  -2.225  -0.080  1.00 65.37  ? 22  A   C N6    1 
ATOM   721  N  N1    . A   C 3 8  ? -10.361 -1.300  -0.228  1.00 63.59  ? 22  A   C N1    1 
ATOM   722  C  C2    . A   C 3 8  ? -11.379 -0.900  -0.989  1.00 61.77  ? 22  A   C C2    1 
ATOM   723  N  N3    . A   C 3 8  ? -11.504 -0.926  -2.315  1.00 63.95  ? 22  A   C N3    1 
ATOM   724  C  C4    . A   C 3 8  ? -10.407 -1.444  -2.887  1.00 62.21  ? 22  A   C C4    1 
ATOM   725  P  P     . A   C 3 9  ? -9.892  3.136   -6.961  1.00 72.50  ? 23  A   C P     1 
ATOM   726  O  OP1   . A   C 3 9  ? -10.429 4.163   -7.894  1.00 75.51  ? 23  A   C OP1   1 
ATOM   727  O  OP2   . A   C 3 9  ? -8.420  2.910   -6.890  1.00 68.86  ? 23  A   C OP2   1 
ATOM   728  O  "O5'" . A   C 3 9  ? -10.447 3.474   -5.512  1.00 70.93  ? 23  A   C "O5'" 1 
ATOM   729  C  "C5'" . A   C 3 9  ? -11.843 3.613   -5.302  1.00 66.77  ? 23  A   C "C5'" 1 
ATOM   730  C  "C4'" . A   C 3 9  ? -12.139 3.717   -3.833  1.00 69.15  ? 23  A   C "C4'" 1 
ATOM   731  O  "O4'" . A   C 3 9  ? -11.822 2.452   -3.198  1.00 69.86  ? 23  A   C "O4'" 1 
ATOM   732  C  "C3'" . A   C 3 9  ? -11.311 4.737   -3.069  1.00 69.59  ? 23  A   C "C3'" 1 
ATOM   733  O  "O3'" . A   C 3 9  ? -11.862 6.043   -3.179  1.00 66.79  ? 23  A   C "O3'" 1 
ATOM   734  C  "C2'" . A   C 3 9  ? -11.384 4.198   -1.648  1.00 67.02  ? 23  A   C "C2'" 1 
ATOM   735  O  "O2'" . A   C 3 9  ? -12.607 4.506   -1.021  1.00 68.89  ? 23  A   C "O2'" 1 
ATOM   736  C  "C1'" . A   C 3 9  ? -11.312 2.691   -1.898  1.00 67.91  ? 23  A   C "C1'" 1 
ATOM   737  N  N9    . A   C 3 9  ? -9.942  2.188   -1.836  1.00 66.18  ? 23  A   C N9    1 
ATOM   738  C  C8    . A   C 3 9  ? -9.102  1.863   -2.869  1.00 63.62  ? 23  A   C C8    1 
ATOM   739  N  N7    . A   C 3 9  ? -7.920  1.457   -2.479  1.00 63.03  ? 23  A   C N7    1 
ATOM   740  C  C5    . A   C 3 9  ? -7.989  1.512   -1.093  1.00 58.63  ? 23  A   C C5    1 
ATOM   741  C  C6    . A   C 3 9  ? -7.061  1.211   -0.083  1.00 59.78  ? 23  A   C C6    1 
ATOM   742  N  N6    . A   C 3 9  ? -5.817  0.782   -0.323  1.00 54.96  ? 23  A   C N6    1 
ATOM   743  N  N1    . A   C 3 9  ? -7.454  1.370   1.200   1.00 60.07  ? 23  A   C N1    1 
ATOM   744  C  C2    . A   C 3 9  ? -8.692  1.806   1.441   1.00 60.06  ? 23  A   C C2    1 
ATOM   745  N  N3    . A   C 3 9  ? -9.650  2.126   0.581   1.00 60.95  ? 23  A   C N3    1 
ATOM   746  C  C4    . A   C 3 9  ? -9.229  1.955   -0.685  1.00 60.83  ? 23  A   C C4    1 
ATOM   747  P  P     . A   C 3 10 ? -10.935 7.332   -2.904  1.00 69.19  ? 24  A   C P     1 
ATOM   748  O  OP1   . A   C 3 10 ? -11.812 8.535   -2.930  1.00 76.49  ? 24  A   C OP1   1 
ATOM   749  O  OP2   . A   C 3 10 ? -9.719  7.287   -3.765  1.00 68.79  ? 24  A   C OP2   1 
ATOM   750  O  "O5'" . A   C 3 10 ? -10.459 7.139   -1.400  1.00 73.79  ? 24  A   C "O5'" 1 
ATOM   751  C  "C5'" . A   C 3 10 ? -11.343 7.390   -0.311  1.00 68.08  ? 24  A   C "C5'" 1 
ATOM   752  C  "C4'" . A   C 3 10 ? -10.585 7.287   0.982   1.00 65.90  ? 24  A   C "C4'" 1 
ATOM   753  O  "O4'" . A   C 3 10 ? -10.131 5.920   1.156   1.00 62.85  ? 24  A   C "O4'" 1 
ATOM   754  C  "C3'" . A   C 3 10 ? -9.314  8.104   1.015   1.00 64.53  ? 24  A   C "C3'" 1 
ATOM   755  O  "O3'" . A   C 3 10 ? -9.569  9.445   1.374   1.00 61.54  ? 24  A   C "O3'" 1 
ATOM   756  C  "C2'" . A   C 3 10 ? -8.506  7.371   2.069   1.00 64.51  ? 24  A   C "C2'" 1 
ATOM   757  O  "O2'" . A   C 3 10 ? -8.987  7.665   3.365   1.00 67.46  ? 24  A   C "O2'" 1 
ATOM   758  C  "C1'" . A   C 3 10 ? -8.840  5.920   1.733   1.00 61.14  ? 24  A   C "C1'" 1 
ATOM   759  N  N9    . A   C 3 10 ? -7.911  5.377   0.743   1.00 60.24  ? 24  A   C N9    1 
ATOM   760  C  C8    . A   C 3 10 ? -8.115  5.253   -0.606  1.00 56.83  ? 24  A   C C8    1 
ATOM   761  N  N7    . A   C 3 10 ? -7.102  4.727   -1.249  1.00 57.00  ? 24  A   C N7    1 
ATOM   762  C  C5    . A   C 3 10 ? -6.162  4.487   -0.255  1.00 53.13  ? 24  A   C C5    1 
ATOM   763  C  C6    . A   C 3 10 ? -4.858  3.936   -0.288  1.00 55.81  ? 24  A   C C6    1 
ATOM   764  N  N6    . A   C 3 10 ? -4.251  3.526   -1.409  1.00 53.28  ? 24  A   C N6    1 
ATOM   765  N  N1    . A   C 3 10 ? -4.190  3.831   0.885   1.00 55.52  ? 24  A   C N1    1 
ATOM   766  C  C2    . A   C 3 10 ? -4.793  4.262   2.007   1.00 55.91  ? 24  A   C C2    1 
ATOM   767  N  N3    . A   C 3 10 ? -6.005  4.802   2.162   1.00 57.31  ? 24  A   C N3    1 
ATOM   768  C  C4    . A   C 3 10 ? -6.646  4.885   0.979   1.00 55.43  ? 24  A   C C4    1 
ATOM   769  P  P     . C   C 3 11 ? -8.552  10.588  0.899   1.00 65.33  ? 25  C   C P     1 
ATOM   770  O  OP1   . C   C 3 11 ? -8.964  11.863  1.540   1.00 65.65  ? 25  C   C OP1   1 
ATOM   771  O  OP2   . C   C 3 11 ? -8.432  10.498  -0.584  1.00 67.64  ? 25  C   C OP2   1 
ATOM   772  O  "O5'" . C   C 3 11 ? -7.144  10.139  1.500   1.00 60.71  ? 25  C   C "O5'" 1 
ATOM   773  C  "C5'" . C   C 3 11 ? -6.887  10.190  2.896   1.00 57.84  ? 25  C   C "C5'" 1 
ATOM   774  C  "C4'" . C   C 3 11 ? -5.501  9.672   3.185   1.00 59.15  ? 25  C   C "C4'" 1 
ATOM   775  O  "O4'" . C   C 3 11 ? -5.408  8.315   2.697   1.00 59.42  ? 25  C   C "O4'" 1 
ATOM   776  C  "C3'" . C   C 3 11 ? -4.374  10.392  2.467   1.00 58.02  ? 25  C   C "C3'" 1 
ATOM   777  O  "O3'" . C   C 3 11 ? -3.970  11.540  3.198   1.00 65.39  ? 25  C   C "O3'" 1 
ATOM   778  C  "C2'" . C   C 3 11 ? -3.286  9.334   2.451   1.00 57.43  ? 25  C   C "C2'" 1 
ATOM   779  O  "O2'" . C   C 3 11 ? -2.652  9.194   3.698   1.00 54.03  ? 25  C   C "O2'" 1 
ATOM   780  C  "C1'" . C   C 3 11 ? -4.109  8.079   2.205   1.00 56.57  ? 25  C   C "C1'" 1 
ATOM   781  N  N1    . C   C 3 11 ? -4.199  7.758   0.785   1.00 54.81  ? 25  C   C N1    1 
ATOM   782  C  C2    . C   C 3 11 ? -3.130  7.082   0.198   1.00 50.40  ? 25  C   C C2    1 
ATOM   783  O  O2    . C   C 3 11 ? -2.138  6.804   0.900   1.00 53.00  ? 25  C   C O2    1 
ATOM   784  N  N3    . C   C 3 11 ? -3.196  6.745   -1.104  1.00 53.59  ? 25  C   C N3    1 
ATOM   785  C  C4    . C   C 3 11 ? -4.273  7.061   -1.819  1.00 53.05  ? 25  C   C C4    1 
ATOM   786  N  N4    . C   C 3 11 ? -4.296  6.677   -3.100  1.00 49.76  ? 25  C   C N4    1 
ATOM   787  C  C5    . C   C 3 11 ? -5.374  7.772   -1.250  1.00 50.42  ? 25  C   C C5    1 
ATOM   788  C  C6    . C   C 3 11 ? -5.294  8.098   0.045   1.00 53.20  ? 25  C   C C6    1 
ATOM   789  P  P     . A   C 3 12 ? -3.122  12.691  2.475   1.00 61.82  ? 26  A   C P     1 
ATOM   790  O  OP1   . A   C 3 12 ? -2.868  13.731  3.492   1.00 62.35  ? 26  A   C OP1   1 
ATOM   791  O  OP2   . A   C 3 12 ? -3.800  13.039  1.213   1.00 62.40  ? 26  A   C OP2   1 
ATOM   792  O  "O5'" . A   C 3 12 ? -1.735  12.004  2.115   1.00 59.25  ? 26  A   C "O5'" 1 
ATOM   793  C  "C5'" . A   C 3 12 ? -0.755  11.799  3.116   1.00 52.80  ? 26  A   C "C5'" 1 
ATOM   794  C  "C4'" . A   C 3 12 ? 0.433   11.098  2.525   1.00 58.21  ? 26  A   C "C4'" 1 
ATOM   795  O  "O4'" . A   C 3 12 ? -0.037  9.898   1.881   1.00 57.00  ? 26  A   C "O4'" 1 
ATOM   796  C  "C3'" . A   C 3 12 ? 1.113   11.837  1.395   1.00 57.10  ? 26  A   C "C3'" 1 
ATOM   797  O  "O3'" . A   C 3 12 ? 2.003   12.829  1.854   1.00 67.57  ? 26  A   C "O3'" 1 
ATOM   798  C  "C2'" . A   C 3 12 ? 1.794   10.718  0.630   1.00 55.10  ? 26  A   C "C2'" 1 
ATOM   799  O  "O2'" . A   C 3 12 ? 2.977   10.237  1.226   1.00 62.06  ? 26  A   C "O2'" 1 
ATOM   800  C  "C1'" . A   C 3 12 ? 0.722   9.649   0.716   1.00 54.20  ? 26  A   C "C1'" 1 
ATOM   801  N  N9    . A   C 3 12 ? -0.184  9.729   -0.411  1.00 54.02  ? 26  A   C N9    1 
ATOM   802  C  C8    . A   C 3 12 ? -1.470  10.192  -0.426  1.00 51.99  ? 26  A   C C8    1 
ATOM   803  N  N7    . A   C 3 12 ? -2.059  10.067  -1.585  1.00 52.50  ? 26  A   C N7    1 
ATOM   804  C  C5    . A   C 3 12 ? -1.086  9.497   -2.389  1.00 49.16  ? 26  A   C C5    1 
ATOM   805  C  C6    . A   C 3 12 ? -1.095  9.092   -3.720  1.00 52.86  ? 26  A   C C6    1 
ATOM   806  N  N6    . A   C 3 12 ? -2.169  9.190   -4.506  1.00 48.73  ? 26  A   C N6    1 
ATOM   807  N  N1    . A   C 3 12 ? 0.044   8.570   -4.227  1.00 50.95  ? 26  A   C N1    1 
ATOM   808  C  C2    . A   C 3 12 ? 1.117   8.464   -3.423  1.00 51.14  ? 26  A   C C2    1 
ATOM   809  N  N3    . A   C 3 12 ? 1.238   8.799   -2.142  1.00 52.65  ? 26  A   C N3    1 
ATOM   810  C  C4    . A   C 3 12 ? 0.083   9.311   -1.683  1.00 52.83  ? 26  A   C C4    1 
ATOM   811  P  P     . C   C 3 13 ? 2.134   14.191  1.024   1.00 63.36  ? 27  C   C P     1 
ATOM   812  O  OP1   . C   C 3 13 ? 3.044   15.037  1.817   1.00 66.21  ? 27  C   C OP1   1 
ATOM   813  O  OP2   . C   C 3 13 ? 0.759   14.670  0.710   1.00 63.18  ? 27  C   C OP2   1 
ATOM   814  O  "O5'" . C   C 3 13 ? 2.855   13.729  -0.325  1.00 61.24  ? 27  C   C "O5'" 1 
ATOM   815  C  "C5'" . C   C 3 13 ? 4.129   13.101  -0.277  1.00 58.94  ? 27  C   C "C5'" 1 
ATOM   816  C  "C4'" . C   C 3 13 ? 4.519   12.565  -1.631  1.00 59.61  ? 27  C   C "C4'" 1 
ATOM   817  O  "O4'" . C   C 3 13 ? 3.594   11.521  -2.022  1.00 57.91  ? 27  C   C "O4'" 1 
ATOM   818  C  "C3'" . C   C 3 13 ? 4.418   13.549  -2.776  1.00 58.78  ? 27  C   C "C3'" 1 
ATOM   819  O  "O3'" . C   C 3 13 ? 5.512   14.448  -2.830  1.00 68.19  ? 27  C   C "O3'" 1 
ATOM   820  C  "C2'" . C   C 3 13 ? 4.311   12.628  -3.984  1.00 58.09  ? 27  C   C "C2'" 1 
ATOM   821  O  "O2'" . C   C 3 13 ? 5.531   12.039  -4.380  1.00 59.28  ? 27  C   C "O2'" 1 
ATOM   822  C  "C1'" . C   C 3 13 ? 3.414   11.536  -3.431  1.00 56.89  ? 27  C   C "C1'" 1 
ATOM   823  N  N1    . C   C 3 13 ? 2.012   11.827  -3.735  1.00 54.51  ? 27  C   C N1    1 
ATOM   824  C  C2    . C   C 3 13 ? 1.494   11.401  -4.967  1.00 52.46  ? 27  C   C C2    1 
ATOM   825  O  O2    . C   C 3 13 ? 2.246   10.804  -5.762  1.00 55.89  ? 27  C   C O2    1 
ATOM   826  N  N3    . C   C 3 13 ? 0.194   11.649  -5.265  1.00 52.39  ? 27  C   C N3    1 
ATOM   827  C  C4    . C   C 3 13 ? -0.576  12.303  -4.391  1.00 53.63  ? 27  C   C C4    1 
ATOM   828  N  N4    . C   C 3 13 ? -1.859  12.518  -4.726  1.00 55.80  ? 27  C   C N4    1 
ATOM   829  C  C5    . C   C 3 13 ? -0.066  12.762  -3.134  1.00 55.73  ? 27  C   C C5    1 
ATOM   830  C  C6    . C   C 3 13 ? 1.220   12.502  -2.850  1.00 53.35  ? 27  C   C C6    1 
ATOM   831  P  P     . A   C 3 14 ? 5.303   15.926  -3.451  1.00 62.03  ? 28  A   C P     1 
ATOM   832  O  OP1   . A   C 3 14 ? 6.576   16.659  -3.236  1.00 68.30  ? 28  A   C OP1   1 
ATOM   833  O  OP2   . A   C 3 14 ? 4.029   16.504  -2.946  1.00 62.91  ? 28  A   C OP2   1 
ATOM   834  O  "O5'" . A   C 3 14 ? 5.163   15.654  -5.011  1.00 55.48  ? 28  A   C "O5'" 1 
ATOM   835  C  "C5'" . A   C 3 14 ? 6.252   15.119  -5.728  1.00 54.86  ? 28  A   C "C5'" 1 
ATOM   836  C  "C4'" . A   C 3 14 ? 5.852   14.834  -7.141  1.00 56.96  ? 28  A   C "C4'" 1 
ATOM   837  O  "O4'" . A   C 3 14 ? 4.820   13.821  -7.133  1.00 61.58  ? 28  A   C "O4'" 1 
ATOM   838  C  "C3'" . A   C 3 14 ? 5.218   15.994  -7.888  1.00 61.59  ? 28  A   C "C3'" 1 
ATOM   839  O  "O3'" . A   C 3 14 ? 6.177   16.889  -8.424  1.00 61.88  ? 28  A   C "O3'" 1 
ATOM   840  C  "C2'" . A   C 3 14 ? 4.440   15.268  -8.970  1.00 60.23  ? 28  A   C "C2'" 1 
ATOM   841  O  "O2'" . A   C 3 14 ? 5.300   14.790  -9.988  1.00 60.48  ? 28  A   C "O2'" 1 
ATOM   842  C  "C1'" . A   C 3 14 ? 3.896   14.081  -8.178  1.00 62.71  ? 28  A   C "C1'" 1 
ATOM   843  N  N9    . A   C 3 14 ? 2.607   14.404  -7.572  1.00 58.56  ? 28  A   C N9    1 
ATOM   844  C  C8    . A   C 3 14 ? 2.364   14.873  -6.308  1.00 56.72  ? 28  A   C C8    1 
ATOM   845  N  N7    . A   C 3 14 ? 1.092   15.053  -6.045  1.00 54.14  ? 28  A   C N7    1 
ATOM   846  C  C5    . A   C 3 14 ? 0.453   14.678  -7.219  1.00 53.39  ? 28  A   C C5    1 
ATOM   847  C  C6    . A   C 3 14 ? -0.905  14.627  -7.585  1.00 53.07  ? 28  A   C C6    1 
ATOM   848  N  N6    . A   C 3 14 ? -1.909  14.937  -6.759  1.00 48.17  ? 28  A   C N6    1 
ATOM   849  N  N1    . A   C 3 14 ? -1.201  14.231  -8.839  1.00 54.37  ? 28  A   C N1    1 
ATOM   850  C  C2    . A   C 3 14 ? -0.196  13.891  -9.657  1.00 55.78  ? 28  A   C C2    1 
ATOM   851  N  N3    . A   C 3 14 ? 1.115   13.878  -9.425  1.00 56.55  ? 28  A   C N3    1 
ATOM   852  C  C4    . A   C 3 14 ? 1.375   14.289  -8.172  1.00 52.92  ? 28  A   C C4    1 
ATOM   853  P  P     . C   C 3 15 ? 5.813   18.445  -8.567  1.00 64.22  ? 29  C   C P     1 
ATOM   854  O  OP1   . C   C 3 15 ? 7.062   19.120  -8.978  1.00 70.85  ? 29  C   C OP1   1 
ATOM   855  O  OP2   . C   C 3 15 ? 5.099   18.902  -7.354  1.00 61.84  ? 29  C   C OP2   1 
ATOM   856  O  "O5'" . C   C 3 15 ? 4.802   18.474  -9.797  1.00 61.45  ? 29  C   C "O5'" 1 
ATOM   857  C  "C5'" . C   C 3 15 ? 5.261   18.096  -11.088 1.00 55.19  ? 29  C   C "C5'" 1 
ATOM   858  C  "C4'" . C   C 3 15 ? 4.106   17.876  -12.044 1.00 59.58  ? 29  C   C "C4'" 1 
ATOM   859  O  "O4'" . C   C 3 15 ? 3.265   16.798  -11.551 1.00 62.43  ? 29  C   C "O4'" 1 
ATOM   860  C  "C3'" . C   C 3 15 ? 3.139   19.034  -12.232 1.00 57.47  ? 29  C   C "C3'" 1 
ATOM   861  O  "O3'" . C   C 3 15 ? 3.616   19.990  -13.172 1.00 55.07  ? 29  C   C "O3'" 1 
ATOM   862  C  "C2'" . C   C 3 15 ? 1.900   18.315  -12.742 1.00 60.35  ? 29  C   C "C2'" 1 
ATOM   863  O  "O2'" . C   C 3 15 ? 2.023   17.946  -14.097 1.00 62.51  ? 29  C   C "O2'" 1 
ATOM   864  C  "C1'" . C   C 3 15 ? 1.918   17.055  -11.884 1.00 56.74  ? 29  C   C "C1'" 1 
ATOM   865  N  N1    . C   C 3 15 ? 1.178   17.312  -10.655 1.00 53.88  ? 29  C   C N1    1 
ATOM   866  C  C2    . C   C 3 15 ? -0.207  17.144  -10.675 1.00 51.77  ? 29  C   C C2    1 
ATOM   867  O  O2    . C   C 3 15 ? -0.744  16.738  -11.726 1.00 52.45  ? 29  C   C O2    1 
ATOM   868  N  N3    . C   C 3 15 ? -0.924  17.423  -9.561  1.00 47.69  ? 29  C   C N3    1 
ATOM   869  C  C4    . C   C 3 15 ? -0.300  17.851  -8.460  1.00 51.36  ? 29  C   C C4    1 
ATOM   870  N  N4    . C   C 3 15 ? -1.047  18.121  -7.387  1.00 48.53  ? 29  C   C N4    1 
ATOM   871  C  C5    . C   C 3 15 ? 1.119   18.019  -8.412  1.00 46.94  ? 29  C   C C5    1 
ATOM   872  C  C6    . C   C 3 15 ? 1.810   17.735  -9.521  1.00 47.00  ? 29  C   C C6    1 
ATOM   873  P  P     . G   C 3 16 ? 3.130   21.520  -13.068 1.00 55.84  ? 30  G   C P     1 
ATOM   874  O  OP1   . G   C 3 16 ? 3.919   22.288  -14.060 1.00 64.12  ? 30  G   C OP1   1 
ATOM   875  O  OP2   . G   C 3 16 ? 3.132   21.944  -11.635 1.00 54.72  ? 30  G   C OP2   1 
ATOM   876  O  "O5'" . G   C 3 16 ? 1.623   21.463  -13.584 1.00 60.22  ? 30  G   C "O5'" 1 
ATOM   877  C  "C5'" . G   C 3 16 ? 1.335   21.051  -14.915 1.00 55.13  ? 30  G   C "C5'" 1 
ATOM   878  C  "C4'" . G   C 3 16 ? -0.157  20.979  -15.145 1.00 62.95  ? 30  G   C "C4'" 1 
ATOM   879  O  "O4'" . G   C 3 16 ? -0.711  19.896  -14.347 1.00 64.99  ? 30  G   C "O4'" 1 
ATOM   880  C  "C3'" . G   C 3 16 ? -0.976  22.190  -14.727 1.00 62.27  ? 30  G   C "C3'" 1 
ATOM   881  O  "O3'" . G   C 3 16 ? -0.953  23.247  -15.671 1.00 56.44  ? 30  G   C "O3'" 1 
ATOM   882  C  "C2'" . G   C 3 16 ? -2.358  21.578  -14.553 1.00 62.66  ? 30  G   C "C2'" 1 
ATOM   883  O  "O2'" . G   C 3 16 ? -2.954  21.286  -15.799 1.00 56.05  ? 30  G   C "O2'" 1 
ATOM   884  C  "C1'" . G   C 3 16 ? -2.001  20.254  -13.887 1.00 63.19  ? 30  G   C "C1'" 1 
ATOM   885  N  N9    . G   C 3 16 ? -1.955  20.416  -12.438 1.00 62.27  ? 30  G   C N9    1 
ATOM   886  C  C8    . G   C 3 16 ? -0.848  20.527  -11.627 1.00 59.99  ? 30  G   C C8    1 
ATOM   887  N  N7    . G   C 3 16 ? -1.151  20.682  -10.365 1.00 56.99  ? 30  G   C N7    1 
ATOM   888  C  C5    . G   C 3 16 ? -2.540  20.660  -10.344 1.00 57.02  ? 30  G   C C5    1 
ATOM   889  C  C6    . G   C 3 16 ? -3.453  20.772  -9.259  1.00 54.82  ? 30  G   C C6    1 
ATOM   890  O  O6    . G   C 3 16 ? -3.211  20.891  -8.055  1.00 52.88  ? 30  G   C O6    1 
ATOM   891  N  N1    . G   C 3 16 ? -4.771  20.726  -9.696  1.00 54.17  ? 30  G   C N1    1 
ATOM   892  C  C2    . G   C 3 16 ? -5.165  20.585  -11.005 1.00 60.06  ? 30  G   C C2    1 
ATOM   893  N  N2    . G   C 3 16 ? -6.487  20.596  -11.242 1.00 61.44  ? 30  G   C N2    1 
ATOM   894  N  N3    . G   C 3 16 ? -4.329  20.453  -12.014 1.00 59.13  ? 30  G   C N3    1 
ATOM   895  C  C4    . G   C 3 16 ? -3.044  20.503  -11.616 1.00 59.43  ? 30  G   C C4    1 
ATOM   896  P  P     . A   C 3 17 ? -0.989  24.770  -15.152 1.00 59.59  ? 31  A   C P     1 
ATOM   897  O  OP1   . A   C 3 17 ? -0.758  25.607  -16.357 1.00 62.41  ? 31  A   C OP1   1 
ATOM   898  O  OP2   . A   C 3 17 ? -0.100  24.918  -13.962 1.00 55.51  ? 31  A   C OP2   1 
ATOM   899  O  "O5'" . A   C 3 17 ? -2.479  24.984  -14.618 1.00 59.34  ? 31  A   C "O5'" 1 
ATOM   900  C  "C5'" . A   C 3 17 ? -3.604  24.704  -15.445 1.00 54.41  ? 31  A   C "C5'" 1 
ATOM   901  C  "C4'" . A   C 3 17 ? -4.889  24.812  -14.655 1.00 61.22  ? 31  A   C "C4'" 1 
ATOM   902  O  "O4'" . A   C 3 17 ? -4.942  23.751  -13.667 1.00 61.02  ? 31  A   C "O4'" 1 
ATOM   903  C  "C3'" . A   C 3 17 ? -5.034  26.073  -13.823 1.00 62.53  ? 31  A   C "C3'" 1 
ATOM   904  O  "O3'" . A   C 3 17 ? -5.383  27.254  -14.542 1.00 72.18  ? 31  A   C "O3'" 1 
ATOM   905  C  "C2'" . A   C 3 17 ? -6.045  25.650  -12.769 1.00 62.61  ? 31  A   C "C2'" 1 
ATOM   906  O  "O2'" . A   C 3 17 ? -7.372  25.645  -13.246 1.00 71.02  ? 31  A   C "O2'" 1 
ATOM   907  C  "C1'" . A   C 3 17 ? -5.620  24.210  -12.508 1.00 60.33  ? 31  A   C "C1'" 1 
ATOM   908  N  N9    . A   C 3 17 ? -4.729  24.111  -11.355 1.00 60.00  ? 31  A   C N9    1 
ATOM   909  C  C8    . A   C 3 17 ? -3.361  24.146  -11.338 1.00 59.17  ? 31  A   C C8    1 
ATOM   910  N  N7    . A   C 3 17 ? -2.845  24.076  -10.133 1.00 56.53  ? 31  A   C N7    1 
ATOM   911  C  C5    . A   C 3 17 ? -3.952  23.976  -9.303  1.00 58.17  ? 31  A   C C5    1 
ATOM   912  C  C6    . A   C 3 17 ? -4.084  23.877  -7.907  1.00 54.40  ? 31  A   C C6    1 
ATOM   913  N  N6    . A   C 3 17 ? -3.047  23.866  -7.064  1.00 50.79  ? 31  A   C N6    1 
ATOM   914  N  N1    . A   C 3 17 ? -5.329  23.798  -7.397  1.00 54.69  ? 31  A   C N1    1 
ATOM   915  C  C2    . A   C 3 17 ? -6.362  23.820  -8.236  1.00 53.39  ? 31  A   C C2    1 
ATOM   916  N  N3    . A   C 3 17 ? -6.368  23.911  -9.561  1.00 57.18  ? 31  A   C N3    1 
ATOM   917  C  C4    . A   C 3 17 ? -5.117  23.988  -10.041 1.00 59.08  ? 31  A   C C4    1 
ATOM   918  O  "O5'" . U   D 4 1  ? -8.120  21.488  0.171   1.00 65.82  ? 31  U   D "O5'" 1 
ATOM   919  C  "C5'" . U   D 4 1  ? -9.479  21.813  0.446   1.00 60.54  ? 31  U   D "C5'" 1 
ATOM   920  C  "C4'" . U   D 4 1  ? -10.172 22.220  -0.826  1.00 61.41  ? 31  U   D "C4'" 1 
ATOM   921  O  "O4'" . U   D 4 1  ? -9.531  23.414  -1.340  1.00 65.58  ? 31  U   D "O4'" 1 
ATOM   922  C  "C3'" . U   D 4 1  ? -10.083 21.226  -1.970  1.00 58.41  ? 31  U   D "C3'" 1 
ATOM   923  O  "O3'" . U   D 4 1  ? -11.100 20.240  -1.876  1.00 53.72  ? 31  U   D "O3'" 1 
ATOM   924  C  "C2'" . U   D 4 1  ? -10.290 22.127  -3.175  1.00 58.54  ? 31  U   D "C2'" 1 
ATOM   925  O  "O2'" . U   D 4 1  ? -11.645 22.499  -3.323  1.00 63.69  ? 31  U   D "O2'" 1 
ATOM   926  C  "C1'" . U   D 4 1  ? -9.503  23.368  -2.756  1.00 63.68  ? 31  U   D "C1'" 1 
ATOM   927  N  N1    . U   D 4 1  ? -8.097  23.325  -3.186  1.00 63.03  ? 31  U   D N1    1 
ATOM   928  C  C2    . U   D 4 1  ? -7.817  23.420  -4.545  1.00 61.51  ? 31  U   D C2    1 
ATOM   929  O  O2    . U   D 4 1  ? -8.684  23.566  -5.403  1.00 61.14  ? 31  U   D O2    1 
ATOM   930  N  N3    . U   D 4 1  ? -6.481  23.343  -4.863  1.00 59.80  ? 31  U   D N3    1 
ATOM   931  C  C4    . U   D 4 1  ? -5.428  23.203  -3.986  1.00 63.55  ? 31  U   D C4    1 
ATOM   932  O  O4    . U   D 4 1  ? -4.281  23.138  -4.419  1.00 60.30  ? 31  U   D O4    1 
ATOM   933  C  C5    . U   D 4 1  ? -5.804  23.133  -2.616  1.00 60.11  ? 31  U   D C5    1 
ATOM   934  C  C6    . U   D 4 1  ? -7.090  23.192  -2.272  1.00 58.95  ? 31  U   D C6    1 
ATOM   935  P  P     . C   D 4 2  ? -10.821 18.753  -2.411  1.00 61.32  ? 32  C   D P     1 
ATOM   936  O  OP1   . C   D 4 2  ? -11.899 17.897  -1.864  1.00 61.85  ? 32  C   D OP1   1 
ATOM   937  O  OP2   . C   D 4 2  ? -9.397  18.412  -2.151  1.00 56.60  ? 32  C   D OP2   1 
ATOM   938  O  "O5'" . C   D 4 2  ? -11.039 18.840  -3.984  1.00 51.60  ? 32  C   D "O5'" 1 
ATOM   939  C  "C5'" . C   D 4 2  ? -12.276 19.293  -4.509  1.00 57.74  ? 32  C   D "C5'" 1 
ATOM   940  C  "C4'" . C   D 4 2  ? -12.105 19.734  -5.936  1.00 60.75  ? 32  C   D "C4'" 1 
ATOM   941  O  "O4'" . C   D 4 2  ? -11.208 20.876  -5.984  1.00 60.56  ? 32  C   D "O4'" 1 
ATOM   942  C  "C3'" . C   D 4 2  ? -11.440 18.717  -6.842  1.00 61.01  ? 32  C   D "C3'" 1 
ATOM   943  O  "O3'" . C   D 4 2  ? -12.348 17.759  -7.326  1.00 58.20  ? 32  C   D "O3'" 1 
ATOM   944  C  "C2'" . C   D 4 2  ? -10.898 19.594  -7.953  1.00 57.60  ? 32  C   D "C2'" 1 
ATOM   945  O  "O2'" . C   D 4 2  ? -11.909 20.011  -8.847  1.00 57.63  ? 32  C   D "O2'" 1 
ATOM   946  C  "C1'" . C   D 4 2  ? -10.404 20.792  -7.149  1.00 56.95  ? 32  C   D "C1'" 1 
ATOM   947  N  N1    . C   D 4 2  ? -9.001  20.588  -6.747  1.00 59.35  ? 32  C   D N1    1 
ATOM   948  C  C2    . C   D 4 2  ? -8.019  20.625  -7.738  1.00 58.87  ? 32  C   D C2    1 
ATOM   949  O  O2    . C   D 4 2  ? -8.364  20.787  -8.909  1.00 56.18  ? 32  C   D O2    1 
ATOM   950  N  N3    . C   D 4 2  ? -6.726  20.476  -7.401  1.00 56.48  ? 32  C   D N3    1 
ATOM   951  C  C4    . C   D 4 2  ? -6.390  20.285  -6.132  1.00 58.14  ? 32  C   D C4    1 
ATOM   952  N  N4    . C   D 4 2  ? -5.093  20.165  -5.856  1.00 58.50  ? 32  C   D N4    1 
ATOM   953  C  C5    . C   D 4 2  ? -7.369  20.215  -5.093  1.00 59.97  ? 32  C   D C5    1 
ATOM   954  C  C6    . C   D 4 2  ? -8.653  20.372  -5.445  1.00 57.40  ? 32  C   D C6    1 
ATOM   955  P  P     . G   D 4 3  ? -11.873 16.240  -7.481  1.00 59.13  ? 33  G   D P     1 
ATOM   956  O  OP1   . G   D 4 3  ? -13.123 15.448  -7.516  1.00 64.93  ? 33  G   D OP1   1 
ATOM   957  O  OP2   . G   D 4 3  ? -10.833 15.958  -6.442  1.00 62.86  ? 33  G   D OP2   1 
ATOM   958  O  "O5'" . G   D 4 3  ? -11.195 16.168  -8.919  1.00 59.34  ? 33  G   D "O5'" 1 
ATOM   959  C  "C5'" . G   D 4 3  ? -11.893 16.579  -10.096 1.00 57.90  ? 33  G   D "C5'" 1 
ATOM   960  C  "C4'" . G   D 4 3  ? -10.918 16.717  -11.236 1.00 60.26  ? 33  G   D "C4'" 1 
ATOM   961  O  "O4'" . G   D 4 3  ? -9.966  17.755  -10.913 1.00 61.56  ? 33  G   D "O4'" 1 
ATOM   962  C  "C3'" . G   D 4 3  ? -10.067 15.490  -11.487 1.00 63.80  ? 33  G   D "C3'" 1 
ATOM   963  O  "O3'" . G   D 4 3  ? -10.738 14.619  -12.373 1.00 62.38  ? 33  G   D "O3'" 1 
ATOM   964  C  "C2'" . G   D 4 3  ? -8.827  16.075  -12.141 1.00 59.76  ? 33  G   D "C2'" 1 
ATOM   965  O  "O2'" . G   D 4 3  ? -9.021  16.358  -13.503 1.00 63.13  ? 33  G   D "O2'" 1 
ATOM   966  C  "C1'" . G   D 4 3  ? -8.684  17.387  -11.379 1.00 58.26  ? 33  G   D "C1'" 1 
ATOM   967  N  N9    . G   D 4 3  ? -7.793  17.323  -10.225 1.00 59.68  ? 33  G   D N9    1 
ATOM   968  C  C8    . G   D 4 3  ? -8.142  17.345  -8.893  1.00 56.15  ? 33  G   D C8    1 
ATOM   969  N  N7    . G   D 4 3  ? -7.110  17.361  -8.092  1.00 58.00  ? 33  G   D N7    1 
ATOM   970  C  C5    . G   D 4 3  ? -6.013  17.331  -8.946  1.00 56.45  ? 33  G   D C5    1 
ATOM   971  C  C6    . G   D 4 3  ? -4.620  17.355  -8.666  1.00 58.16  ? 33  G   D C6    1 
ATOM   972  O  O6    . G   D 4 3  ? -4.055  17.427  -7.568  1.00 54.14  ? 33  G   D O6    1 
ATOM   973  N  N1    . G   D 4 3  ? -3.861  17.299  -9.833  1.00 58.29  ? 33  G   D N1    1 
ATOM   974  C  C2    . G   D 4 3  ? -4.372  17.240  -11.106 1.00 60.23  ? 33  G   D C2    1 
ATOM   975  N  N2    . G   D 4 3  ? -3.482  17.196  -12.105 1.00 60.10  ? 33  G   D N2    1 
ATOM   976  N  N3    . G   D 4 3  ? -5.661  17.229  -11.382 1.00 59.94  ? 33  G   D N3    1 
ATOM   977  C  C4    . G   D 4 3  ? -6.420  17.279  -10.264 1.00 59.50  ? 33  G   D C4    1 
ATOM   978  P  P     . U   D 4 4  ? -10.352 13.069  -12.387 1.00 64.15  ? 34  U   D P     1 
ATOM   979  O  OP1   . U   D 4 4  ? -11.194 12.383  -13.402 1.00 66.68  ? 34  U   D OP1   1 
ATOM   980  O  OP2   . U   D 4 4  ? -10.374 12.618  -10.976 1.00 62.06  ? 34  U   D OP2   1 
ATOM   981  O  "O5'" . U   D 4 4  ? -8.840  13.046  -12.878 1.00 70.20  ? 34  U   D "O5'" 1 
ATOM   982  C  "C5'" . U   D 4 4  ? -8.541  13.253  -14.243 1.00 67.46  ? 34  U   D "C5'" 1 
ATOM   983  C  "C4'" . U   D 4 4  ? -7.056  13.327  -14.461 1.00 67.63  ? 34  U   D "C4'" 1 
ATOM   984  O  "O4'" . U   D 4 4  ? -6.498  14.355  -13.600 1.00 64.99  ? 34  U   D "O4'" 1 
ATOM   985  C  "C3'" . U   D 4 4  ? -6.289  12.087  -14.054 1.00 64.93  ? 34  U   D "C3'" 1 
ATOM   986  O  "O3'" . U   D 4 4  ? -6.318  11.106  -15.068 1.00 68.55  ? 34  U   D "O3'" 1 
ATOM   987  C  "C2'" . U   D 4 4  ? -4.891  12.639  -13.850 1.00 64.05  ? 34  U   D "C2'" 1 
ATOM   988  O  "O2'" . U   D 4 4  ? -4.255  12.905  -15.077 1.00 69.02  ? 34  U   D "O2'" 1 
ATOM   989  C  "C1'" . U   D 4 4  ? -5.193  13.979  -13.201 1.00 59.96  ? 34  U   D "C1'" 1 
ATOM   990  N  N1    . U   D 4 4  ? -5.132  13.895  -11.741 1.00 60.40  ? 34  U   D N1    1 
ATOM   991  C  C2    . U   D 4 4  ? -3.879  13.871  -11.177 1.00 61.45  ? 34  U   D C2    1 
ATOM   992  O  O2    . U   D 4 4  ? -2.860  13.871  -11.847 1.00 63.16  ? 34  U   D O2    1 
ATOM   993  N  N3    . U   D 4 4  ? -3.858  13.837  -9.806  1.00 57.63  ? 34  U   D N3    1 
ATOM   994  C  C4    . U   D 4 4  ? -4.947  13.810  -8.961  1.00 57.43  ? 34  U   D C4    1 
ATOM   995  O  O4    . U   D 4 4  ? -4.767  13.847  -7.737  1.00 57.18  ? 34  U   D O4    1 
ATOM   996  C  C5    . U   D 4 4  ? -6.218  13.801  -9.627  1.00 53.14  ? 34  U   D C5    1 
ATOM   997  C  C6    . U   D 4 4  ? -6.264  13.848  -10.963 1.00 58.21  ? 34  U   D C6    1 
ATOM   998  P  P     . G   D 4 5  ? -6.063  9.567   -14.686 1.00 69.66  ? 35  G   D P     1 
ATOM   999  O  OP1   . G   D 4 5  ? -6.370  8.737   -15.879 1.00 68.15  ? 35  G   D OP1   1 
ATOM   1000 O  OP2   . G   D 4 5  ? -6.747  9.288   -13.397 1.00 70.56  ? 35  G   D OP2   1 
ATOM   1001 O  "O5'" . G   D 4 5  ? -4.496  9.495   -14.406 1.00 74.17  ? 35  G   D "O5'" 1 
ATOM   1002 C  "C5'" . G   D 4 5  ? -3.559  9.753   -15.442 1.00 66.74  ? 35  G   D "C5'" 1 
ATOM   1003 C  "C4'" . G   D 4 5  ? -2.151  9.694   -14.906 1.00 66.85  ? 35  G   D "C4'" 1 
ATOM   1004 O  "O4'" . G   D 4 5  ? -1.971  10.742  -13.927 1.00 70.40  ? 35  G   D "O4'" 1 
ATOM   1005 C  "C3'" . G   D 4 5  ? -1.788  8.425   -14.166 1.00 65.51  ? 35  G   D "C3'" 1 
ATOM   1006 O  "O3'" . G   D 4 5  ? -1.380  7.443   -15.105 1.00 67.55  ? 35  G   D "O3'" 1 
ATOM   1007 C  "C2'" . G   D 4 5  ? -0.643  8.899   -13.281 1.00 68.43  ? 35  G   D "C2'" 1 
ATOM   1008 O  "O2'" . G   D 4 5  ? 0.566   9.055   -13.985 1.00 65.84  ? 35  G   D "O2'" 1 
ATOM   1009 C  "C1'" . G   D 4 5  ? -1.117  10.296  -12.900 1.00 66.06  ? 35  G   D "C1'" 1 
ATOM   1010 N  N9    . G   D 4 5  ? -1.846  10.378  -11.643 1.00 64.16  ? 35  G   D N9    1 
ATOM   1011 C  C8    . G   D 4 5  ? -3.204  10.325  -11.463 1.00 61.24  ? 35  G   D C8    1 
ATOM   1012 N  N7    . G   D 4 5  ? -3.559  10.490  -10.221 1.00 60.26  ? 35  G   D N7    1 
ATOM   1013 C  C5    . G   D 4 5  ? -2.361  10.654  -9.544  1.00 58.02  ? 35  G   D C5    1 
ATOM   1014 C  C6    . G   D 4 5  ? -2.106  10.891  -8.177  1.00 55.62  ? 35  G   D C6    1 
ATOM   1015 O  O6    . G   D 4 5  ? -2.920  11.043  -7.257  1.00 58.10  ? 35  G   D O6    1 
ATOM   1016 N  N1    . G   D 4 5  ? -0.743  10.957  -7.913  1.00 56.84  ? 35  G   D N1    1 
ATOM   1017 C  C2    . G   D 4 5  ? 0.247   10.817  -8.845  1.00 57.84  ? 35  G   D C2    1 
ATOM   1018 N  N2    . G   D 4 5  ? 1.505   10.860  -8.385  1.00 56.73  ? 35  G   D N2    1 
ATOM   1019 N  N3    . G   D 4 5  ? 0.025   10.633  -10.129 1.00 60.20  ? 35  G   D N3    1 
ATOM   1020 C  C4    . G   D 4 5  ? -1.294  10.558  -10.405 1.00 61.06  ? 35  G   D C4    1 
ATOM   1021 P  P     . G   D 4 6  ? -1.559  5.882   -14.770 1.00 68.12  ? 36  G   D P     1 
ATOM   1022 O  OP1   . G   D 4 6  ? -1.573  5.143   -16.054 1.00 73.04  ? 36  G   D OP1   1 
ATOM   1023 O  OP2   . G   D 4 6  ? -2.696  5.735   -13.834 1.00 64.44  ? 36  G   D OP2   1 
ATOM   1024 O  "O5'" . G   D 4 6  ? -0.211  5.514   -14.006 1.00 68.32  ? 36  G   D "O5'" 1 
ATOM   1025 C  "C5'" . G   D 4 6  ? 1.044   5.988   -14.482 1.00 62.92  ? 36  G   D "C5'" 1 
ATOM   1026 C  "C4'" . G   D 4 6  ? 2.100   5.822   -13.423 1.00 67.32  ? 36  G   D "C4'" 1 
ATOM   1027 O  "O4'" . G   D 4 6  ? 1.729   6.558   -12.240 1.00 64.98  ? 36  G   D "O4'" 1 
ATOM   1028 C  "C3'" . G   D 4 6  ? 2.229   4.368   -12.996 1.00 61.10  ? 36  G   D "C3'" 1 
ATOM   1029 O  "O3'" . G   D 4 6  ? 3.616   4.138   -12.769 1.00 70.51  ? 36  G   D "O3'" 1 
ATOM   1030 C  "C2'" . G   D 4 6  ? 1.353   4.245   -11.753 1.00 63.85  ? 36  G   D "C2'" 1 
ATOM   1031 O  "O2'" . G   D 4 6  ? 1.832   3.346   -10.785 1.00 63.83  ? 36  G   D "O2'" 1 
ATOM   1032 C  "C1'" . G   D 4 6  ? 1.441   5.666   -11.204 1.00 62.92  ? 36  G   D "C1'" 1 
ATOM   1033 N  N9    . G   D 4 6  ? 0.371   6.212   -10.392 1.00 61.48  ? 36  G   D N9    1 
ATOM   1034 C  C8    . G   D 4 6  ? -0.981  6.174   -10.616 1.00 60.31  ? 36  G   D C8    1 
ATOM   1035 N  N7    . G   D 4 6  ? -1.669  6.727   -9.656  1.00 60.69  ? 36  G   D N7    1 
ATOM   1036 C  C5    . G   D 4 6  ? -0.708  7.157   -8.751  1.00 57.76  ? 36  G   D C5    1 
ATOM   1037 C  C6    . G   D 4 6  ? -0.849  7.796   -7.497  1.00 58.25  ? 36  G   D C6    1 
ATOM   1038 O  O6    . G   D 4 6  ? -1.891  8.098   -6.905  1.00 62.65  ? 36  G   D O6    1 
ATOM   1039 N  N1    . G   D 4 6  ? 0.390   8.067   -6.915  1.00 57.00  ? 36  G   D N1    1 
ATOM   1040 C  C2    . G   D 4 6  ? 1.608   7.744   -7.464  1.00 58.83  ? 36  G   D C2    1 
ATOM   1041 N  N2    . G   D 4 6  ? 2.695   8.088   -6.753  1.00 56.66  ? 36  G   D N2    1 
ATOM   1042 N  N3    . G   D 4 6  ? 1.748   7.129   -8.626  1.00 59.03  ? 36  G   D N3    1 
ATOM   1043 C  C4    . G   D 4 6  ? 0.555   6.866   -9.206  1.00 59.76  ? 36  G   D C4    1 
ATOM   1044 P  P     . U   D 4 7  ? 4.290   2.748   -13.156 1.00 71.27  ? 37  U   D P     1 
ATOM   1045 O  OP1   . U   D 4 7  ? 5.710   3.024   -13.458 1.00 60.76  ? 37  U   D OP1   1 
ATOM   1046 O  OP2   . U   D 4 7  ? 3.422   2.125   -14.180 1.00 68.86  ? 37  U   D OP2   1 
ATOM   1047 O  "O5'" . U   D 4 7  ? 4.245   1.910   -11.803 1.00 73.96  ? 37  U   D "O5'" 1 
ATOM   1048 C  "C5'" . U   D 4 7  ? 5.252   0.951   -11.523 1.00 67.48  ? 37  U   D "C5'" 1 
ATOM   1049 C  "C4'" . U   D 4 7  ? 5.615   0.967   -10.055 1.00 65.66  ? 37  U   D "C4'" 1 
ATOM   1050 O  "O4'" . U   D 4 7  ? 6.213   2.243   -9.692  1.00 68.12  ? 37  U   D "O4'" 1 
ATOM   1051 C  "C3'" . U   D 4 7  ? 4.353   0.848   -9.210  1.00 66.37  ? 37  U   D "C3'" 1 
ATOM   1052 O  "O3'" . U   D 4 7  ? 4.551   -0.031  -8.123  1.00 63.41  ? 37  U   D "O3'" 1 
ATOM   1053 C  "C2'" . U   D 4 7  ? 4.003   2.260   -8.768  1.00 64.85  ? 37  U   D "C2'" 1 
ATOM   1054 O  "O2'" . U   D 4 7  ? 3.531   2.320   -7.445  1.00 67.16  ? 37  U   D "O2'" 1 
ATOM   1055 C  "C1'" . U   D 4 7  ? 5.380   2.910   -8.776  1.00 66.56  ? 37  U   D "C1'" 1 
ATOM   1056 N  N1    . U   D 4 7  ? 5.435   4.362   -8.954  1.00 64.99  ? 37  U   D N1    1 
ATOM   1057 C  C2    . U   D 4 7  ? 5.675   5.103   -7.811  1.00 65.32  ? 37  U   D C2    1 
ATOM   1058 O  O2    . U   D 4 7  ? 5.950   4.594   -6.741  1.00 62.44  ? 37  U   D O2    1 
ATOM   1059 N  N3    . U   D 4 7  ? 5.591   6.458   -7.966  1.00 68.75  ? 37  U   D N3    1 
ATOM   1060 C  C4    . U   D 4 7  ? 5.313   7.137   -9.135  1.00 69.70  ? 37  U   D C4    1 
ATOM   1061 O  O4    . U   D 4 7  ? 5.092   8.357   -9.084  1.00 73.86  ? 37  U   D O4    1 
ATOM   1062 C  C5    . U   D 4 7  ? 5.146   6.293   -10.296 1.00 68.04  ? 37  U   D C5    1 
ATOM   1063 C  C6    . U   D 4 7  ? 5.214   4.967   -10.164 1.00 65.08  ? 37  U   D C6    1 
ATOM   1064 P  P     . A   D 4 8  ? 3.717   -1.374  -8.019  1.00 65.48  ? 38  A   D P     1 
ATOM   1065 O  OP1   . A   D 4 8  ? 4.084   -1.885  -6.676  1.00 67.36  ? 38  A   D OP1   1 
ATOM   1066 O  OP2   . A   D 4 8  ? 3.986   -2.187  -9.227  1.00 70.06  ? 38  A   D OP2   1 
ATOM   1067 O  "O5'" . A   D 4 8  ? 2.199   -0.904  -8.047  1.00 65.71  ? 38  A   D "O5'" 1 
ATOM   1068 C  "C5'" . A   D 4 8  ? 1.536   -0.527  -6.853  1.00 55.22  ? 38  A   D "C5'" 1 
ATOM   1069 C  "C4'" . A   D 4 8  ? 0.118   -0.124  -7.145  1.00 58.17  ? 38  A   D "C4'" 1 
ATOM   1070 O  "O4'" . A   D 4 8  ? -0.562  0.052   -5.895  1.00 56.33  ? 38  A   D "O4'" 1 
ATOM   1071 C  "C3'" . A   D 4 8  ? 0.065   1.220   -7.864  1.00 59.79  ? 38  A   D "C3'" 1 
ATOM   1072 O  "O3'" . A   D 4 8  ? -1.049  1.304   -8.760  1.00 61.82  ? 38  A   D "O3'" 1 
ATOM   1073 C  "C2'" . A   D 4 8  ? -0.146  2.247   -6.763  1.00 57.84  ? 38  A   D "C2'" 1 
ATOM   1074 O  "O2'" . A   D 4 8  ? -1.061  3.228   -7.191  1.00 67.70  ? 38  A   D "O2'" 1 
ATOM   1075 C  "C1'" . A   D 4 8  ? -0.869  1.401   -5.718  1.00 58.57  ? 38  A   D "C1'" 1 
ATOM   1076 N  N9    . A   D 4 8  ? -0.757  1.725   -4.309  1.00 54.19  ? 38  A   D N9    1 
ATOM   1077 C  C8    . A   D 4 8  ? -1.773  2.106   -3.469  1.00 52.00  ? 38  A   D C8    1 
ATOM   1078 N  N7    . A   D 4 8  ? -1.381  2.342   -2.243  1.00 55.04  ? 38  A   D N7    1 
ATOM   1079 C  C5    . A   D 4 8  ? -0.014  2.099   -2.280  1.00 52.88  ? 38  A   D C5    1 
ATOM   1080 C  C6    . A   D 4 8  ? 0.992   2.195   -1.302  1.00 54.99  ? 38  A   D C6    1 
ATOM   1081 N  N6    . A   D 4 8  ? 0.760   2.587   -0.037  1.00 51.26  ? 38  A   D N6    1 
ATOM   1082 N  N1    . A   D 4 8  ? 2.262   1.883   -1.674  1.00 58.27  ? 38  A   D N1    1 
ATOM   1083 C  C2    . A   D 4 8  ? 2.488   1.512   -2.952  1.00 57.04  ? 38  A   D C2    1 
ATOM   1084 N  N3    . A   D 4 8  ? 1.624   1.397   -3.961  1.00 54.62  ? 38  A   D N3    1 
ATOM   1085 C  C4    . A   D 4 8  ? 0.380   1.711   -3.552  1.00 53.45  ? 38  A   D C4    1 
ATOM   1086 P  P     . C   D 4 9  ? -1.043  0.547   -10.170 1.00 67.57  ? 39  C   D P     1 
ATOM   1087 O  OP1   . C   D 4 9  ? 0.057   1.118   -11.003 1.00 65.45  ? 39  C   D OP1   1 
ATOM   1088 O  OP2   . C   D 4 9  ? -2.452  0.632   -10.637 1.00 63.84  ? 39  C   D OP2   1 
ATOM   1089 O  "O5'" . C   D 4 9  ? -0.716  -0.974  -9.816  1.00 67.40  ? 39  C   D "O5'" 1 
ATOM   1090 C  "C5'" . C   D 4 9  ? -1.729  -1.984  -9.869  1.00 68.53  ? 39  C   D "C5'" 1 
ATOM   1091 C  "C4'" . C   D 4 9  ? -1.128  -3.317  -10.278 1.00 71.74  ? 39  C   D "C4'" 1 
ATOM   1092 O  "O4'" . C   D 4 9  ? -0.466  -3.161  -11.564 1.00 72.22  ? 39  C   D "O4'" 1 
ATOM   1093 C  "C3'" . C   D 4 9  ? -0.036  -3.731  -9.288  1.00 73.77  ? 39  C   D "C3'" 1 
ATOM   1094 O  "O3'" . C   D 4 9  ? -0.004  -5.141  -9.052  1.00 73.53  ? 39  C   D "O3'" 1 
ATOM   1095 C  "C2'" . C   D 4 9  ? 1.274   -3.280  -9.923  1.00 73.71  ? 39  C   D "C2'" 1 
ATOM   1096 O  "O2'" . C   D 4 9  ? 2.313   -4.203  -9.732  1.00 78.79  ? 39  C   D "O2'" 1 
ATOM   1097 C  "C1'" . C   D 4 9  ? 0.914   -3.339  -11.401 1.00 76.43  ? 39  C   D "C1'" 1 
ATOM   1098 N  N1    . C   D 4 9  ? 1.678   -2.527  -12.342 1.00 78.08  ? 39  C   D N1    1 
ATOM   1099 C  C2    . C   D 4 9  ? 2.576   -3.194  -13.174 1.00 80.10  ? 39  C   D C2    1 
ATOM   1100 O  O2    . C   D 4 9  ? 2.622   -4.434  -13.129 1.00 77.62  ? 39  C   D O2    1 
ATOM   1101 N  N3    . C   D 4 9  ? 3.361   -2.484  -14.006 1.00 82.31  ? 39  C   D N3    1 
ATOM   1102 C  C4    . C   D 4 9  ? 3.257   -1.155  -14.041 1.00 83.06  ? 39  C   D C4    1 
ATOM   1103 N  N4    . C   D 4 9  ? 4.068   -0.496  -14.870 1.00 84.74  ? 39  C   D N4    1 
ATOM   1104 C  C5    . C   D 4 9  ? 2.321   -0.446  -13.225 1.00 81.49  ? 39  C   D C5    1 
ATOM   1105 C  C6    . C   D 4 9  ? 1.555   -1.169  -12.398 1.00 79.18  ? 39  C   D C6    1 
ATOM   1106 P  P     . A   D 4 10 ? -0.905  -5.814  -7.915  1.00 75.76  ? 40  A   D P     1 
ATOM   1107 O  OP1   . A   D 4 10 ? -0.391  -7.211  -7.840  1.00 73.23  ? 40  A   D OP1   1 
ATOM   1108 O  OP2   . A   D 4 10 ? -2.353  -5.564  -8.193  1.00 73.14  ? 40  A   D OP2   1 
ATOM   1109 O  "O5'" . A   D 4 10 ? -0.473  -5.060  -6.586  1.00 75.02  ? 40  A   D "O5'" 1 
ATOM   1110 C  "C5'" . A   D 4 10 ? 0.891   -5.012  -6.197  1.00 66.86  ? 40  A   D "C5'" 1 
ATOM   1111 C  "C4'" . A   D 4 10 ? 1.023   -4.202  -4.947  1.00 69.32  ? 40  A   D "C4'" 1 
ATOM   1112 O  "O4'" . A   D 4 10 ? 0.496   -2.885  -5.216  1.00 67.33  ? 40  A   D "O4'" 1 
ATOM   1113 C  "C3'" . A   D 4 10 ? 0.189   -4.700  -3.778  1.00 67.81  ? 40  A   D "C3'" 1 
ATOM   1114 O  "O3'" . A   D 4 10 ? 0.908   -5.688  -3.048  1.00 68.64  ? 40  A   D "O3'" 1 
ATOM   1115 C  "C2'" . A   D 4 10 ? -0.003  -3.430  -2.960  1.00 62.92  ? 40  A   D "C2'" 1 
ATOM   1116 O  "O2'" . A   D 4 10 ? 1.114   -3.084  -2.172  1.00 59.20  ? 40  A   D "O2'" 1 
ATOM   1117 C  "C1'" . A   D 4 10 ? -0.158  -2.393  -4.066  1.00 64.76  ? 40  A   D "C1'" 1 
ATOM   1118 N  N9    . A   D 4 10 ? -1.541  -2.122  -4.424  1.00 59.02  ? 40  A   D N9    1 
ATOM   1119 C  C8    . A   D 4 10 ? -2.190  -2.412  -5.598  1.00 56.69  ? 40  A   D C8    1 
ATOM   1120 N  N7    . A   D 4 10 ? -3.421  -1.965  -5.640  1.00 55.22  ? 40  A   D N7    1 
ATOM   1121 C  C5    . A   D 4 10 ? -3.600  -1.360  -4.400  1.00 56.64  ? 40  A   D C5    1 
ATOM   1122 C  C6    . A   D 4 10 ? -4.689  -0.695  -3.817  1.00 57.25  ? 40  A   D C6    1 
ATOM   1123 N  N6    . A   D 4 10 ? -5.866  -0.526  -4.421  1.00 58.69  ? 40  A   D N6    1 
ATOM   1124 N  N1    . A   D 4 10 ? -4.528  -0.207  -2.569  1.00 59.13  ? 40  A   D N1    1 
ATOM   1125 C  C2    . A   D 4 10 ? -3.357  -0.395  -1.952  1.00 58.36  ? 40  A   D C2    1 
ATOM   1126 N  N3    . A   D 4 10 ? -2.267  -1.009  -2.388  1.00 55.74  ? 40  A   D N3    1 
ATOM   1127 C  C4    . A   D 4 10 ? -2.454  -1.469  -3.636  1.00 56.93  ? 40  A   D C4    1 
ATOM   1128 P  P     . U   D 4 11 ? 0.159   -7.018  -2.556  1.00 66.18  ? 41  U   D P     1 
ATOM   1129 O  OP1   . U   D 4 11 ? 1.190   -7.843  -1.885  1.00 66.50  ? 41  U   D OP1   1 
ATOM   1130 O  OP2   . U   D 4 11 ? -0.641  -7.577  -3.688  1.00 65.05  ? 41  U   D OP2   1 
ATOM   1131 O  "O5'" . U   D 4 11 ? -0.874  -6.509  -1.458  1.00 60.04  ? 41  U   D "O5'" 1 
ATOM   1132 C  "C5'" . U   D 4 11 ? -0.417  -5.773  -0.337  1.00 56.45  ? 41  U   D "C5'" 1 
ATOM   1133 C  "C4'" . U   D 4 11 ? -1.581  -5.233  0.455   1.00 59.92  ? 41  U   D "C4'" 1 
ATOM   1134 O  "O4'" . U   D 4 11 ? -2.420  -4.408  -0.393  1.00 59.55  ? 41  U   D "O4'" 1 
ATOM   1135 C  "C3'" . U   D 4 11 ? -2.474  -6.374  0.940   1.00 51.68  ? 41  U   D "C3'" 1 
ATOM   1136 O  "O3'" . U   D 4 11 ? -2.730  -6.130  2.322   1.00 54.43  ? 41  U   D "O3'" 1 
ATOM   1137 C  "C2'" . U   D 4 11 ? -3.626  -6.446  -0.067  1.00 53.81  ? 41  U   D "C2'" 1 
ATOM   1138 O  "O2'" . U   D 4 11 ? -4.911  -6.776  0.399   1.00 51.39  ? 41  U   D "O2'" 1 
ATOM   1139 C  "C1'" . U   D 4 11 ? -3.679  -5.002  -0.531  1.00 56.26  ? 41  U   D "C1'" 1 
ATOM   1140 N  N1    . U   D 4 11 ? -4.257  -4.698  -1.832  1.00 54.16  ? 41  U   D N1    1 
ATOM   1141 C  C2    . U   D 4 11 ? -5.417  -3.960  -1.805  1.00 56.07  ? 41  U   D C2    1 
ATOM   1142 O  O2    . U   D 4 11 ? -5.884  -3.515  -0.768  1.00 57.35  ? 41  U   D O2    1 
ATOM   1143 N  N3    . U   D 4 11 ? -6.003  -3.752  -3.027  1.00 55.12  ? 41  U   D N3    1 
ATOM   1144 C  C4    . U   D 4 11 ? -5.537  -4.190  -4.249  1.00 55.08  ? 41  U   D C4    1 
ATOM   1145 O  O4    . U   D 4 11 ? -6.223  -3.999  -5.261  1.00 59.22  ? 41  U   D O4    1 
ATOM   1146 C  C5    . U   D 4 11 ? -4.289  -4.916  -4.192  1.00 52.96  ? 41  U   D C5    1 
ATOM   1147 C  C6    . U   D 4 11 ? -3.708  -5.138  -3.006  1.00 54.30  ? 41  U   D C6    1 
ATOM   1148 P  P     . U   D 4 12 ? -3.576  -7.152  3.213   1.00 60.09  ? 42  U   D P     1 
ATOM   1149 O  OP1   . U   D 4 12 ? -2.579  -7.771  4.109   1.00 49.22  ? 42  U   D OP1   1 
ATOM   1150 O  OP2   . U   D 4 12 ? -4.446  -8.006  2.353   1.00 57.41  ? 42  U   D OP2   1 
ATOM   1151 O  "O5'" . U   D 4 12 ? -4.462  -6.163  4.098   1.00 57.77  ? 42  U   D "O5'" 1 
ATOM   1152 C  "C5'" . U   D 4 12 ? -5.435  -6.629  5.024   1.00 59.54  ? 42  U   D "C5'" 1 
ATOM   1153 C  "C4'" . U   D 4 12 ? -6.762  -5.976  4.728   1.00 61.73  ? 42  U   D "C4'" 1 
ATOM   1154 O  "O4'" . U   D 4 12 ? -6.587  -4.536  4.680   1.00 61.03  ? 42  U   D "O4'" 1 
ATOM   1155 C  "C3'" . U   D 4 12 ? -7.190  -6.391  3.319   1.00 59.54  ? 42  U   D "C3'" 1 
ATOM   1156 O  "O3'" . U   D 4 12 ? -8.602  -6.490  3.226   1.00 70.35  ? 42  U   D "O3'" 1 
ATOM   1157 C  "C2'" . U   D 4 12 ? -6.761  -5.256  2.411   1.00 60.11  ? 42  U   D "C2'" 1 
ATOM   1158 O  "O2'" . U   D 4 12 ? -7.740  -4.999  1.452   1.00 61.58  ? 42  U   D "O2'" 1 
ATOM   1159 C  "C1'" . U   D 4 12 ? -6.825  -4.083  3.371   1.00 62.17  ? 42  U   D "C1'" 1 
ATOM   1160 N  N1    . U   D 4 12 ? -6.024  -2.902  3.055   1.00 60.67  ? 42  U   D N1    1 
ATOM   1161 C  C2    . U   D 4 12 ? -6.727  -1.733  2.849   1.00 56.75  ? 42  U   D C2    1 
ATOM   1162 O  O2    . U   D 4 12 ? -7.938  -1.672  2.962   1.00 55.21  ? 42  U   D O2    1 
ATOM   1163 N  N3    . U   D 4 12 ? -5.958  -0.641  2.512   1.00 56.61  ? 42  U   D N3    1 
ATOM   1164 C  C4    . U   D 4 12 ? -4.582  -0.608  2.372   1.00 58.38  ? 42  U   D C4    1 
ATOM   1165 O  O4    . U   D 4 12 ? -4.032  0.437   2.015   1.00 61.67  ? 42  U   D O4    1 
ATOM   1166 C  C5    . U   D 4 12 ? -3.930  -1.862  2.622   1.00 59.55  ? 42  U   D C5    1 
ATOM   1167 C  C6    . U   D 4 12 ? -4.657  -2.941  2.947   1.00 59.39  ? 42  U   D C6    1 
ATOM   1168 P  P     . A   D 4 13 ? -9.347  -7.894  3.329   1.00 67.75  ? 43  A   D P     1 
ATOM   1169 O  OP1   . A   D 4 13 ? -8.908  -8.567  4.576   1.00 71.70  ? 43  A   D OP1   1 
ATOM   1170 O  OP2   . A   D 4 13 ? -9.192  -8.593  2.021   1.00 68.61  ? 43  A   D OP2   1 
ATOM   1171 O  "O5'" . A   D 4 13 ? -10.854 -7.414  3.520   1.00 64.20  ? 43  A   D "O5'" 1 
ATOM   1172 C  "C5'" . A   D 4 13 ? -11.237 -6.712  4.697   1.00 62.45  ? 43  A   D "C5'" 1 
ATOM   1173 C  "C4'" . A   D 4 13 ? -12.104 -5.530  4.350   1.00 65.52  ? 43  A   D "C4'" 1 
ATOM   1174 O  "O4'" . A   D 4 13 ? -11.344 -4.594  3.562   1.00 70.78  ? 43  A   D "O4'" 1 
ATOM   1175 C  "C3'" . A   D 4 13 ? -13.321 -5.834  3.505   1.00 66.39  ? 43  A   D "C3'" 1 
ATOM   1176 O  "O3'" . A   D 4 13 ? -14.386 -6.207  4.353   1.00 72.21  ? 43  A   D "O3'" 1 
ATOM   1177 C  "C2'" . A   D 4 13 ? -13.595 -4.495  2.833   1.00 66.29  ? 43  A   D "C2'" 1 
ATOM   1178 O  "O2'" . A   D 4 13 ? -14.275 -3.568  3.651   1.00 64.42  ? 43  A   D "O2'" 1 
ATOM   1179 C  "C1'" . A   D 4 13 ? -12.177 -3.999  2.585   1.00 67.47  ? 43  A   D "C1'" 1 
ATOM   1180 N  N9    . A   D 4 13 ? -11.668 -4.395  1.280   1.00 67.54  ? 43  A   D N9    1 
ATOM   1181 C  C8    . A   D 4 13 ? -10.461 -4.985  0.998   1.00 66.16  ? 43  A   D C8    1 
ATOM   1182 N  N7    . A   D 4 13 ? -10.260 -5.196  -0.279  1.00 67.46  ? 43  A   D N7    1 
ATOM   1183 C  C5    . A   D 4 13 ? -11.419 -4.724  -0.875  1.00 65.39  ? 43  A   D C5    1 
ATOM   1184 C  C6    . A   D 4 13 ? -11.827 -4.665  -2.207  1.00 64.00  ? 43  A   D C6    1 
ATOM   1185 N  N6    . A   D 4 13 ? -11.083 -5.101  -3.226  1.00 64.21  ? 43  A   D N6    1 
ATOM   1186 N  N1    . A   D 4 13 ? -13.040 -4.137  -2.466  1.00 63.96  ? 43  A   D N1    1 
ATOM   1187 C  C2    . A   D 4 13 ? -13.788 -3.704  -1.435  1.00 63.65  ? 43  A   D C2    1 
ATOM   1188 N  N3    . A   D 4 13 ? -13.514 -3.709  -0.137  1.00 65.88  ? 43  A   D N3    1 
ATOM   1189 C  C4    . A   D 4 13 ? -12.298 -4.236  0.077   1.00 65.13  ? 43  A   D C4    1 
ATOM   1190 P  P     . C   D 4 14 ? -15.111 -7.622  4.147   1.00 70.76  ? 44  C   D P     1 
ATOM   1191 O  OP1   . C   D 4 14 ? -16.295 -7.558  5.041   1.00 71.56  ? 44  C   D OP1   1 
ATOM   1192 O  OP2   . C   D 4 14 ? -14.109 -8.713  4.315   1.00 63.84  ? 44  C   D OP2   1 
ATOM   1193 O  "O5'" . C   D 4 14 ? -15.596 -7.594  2.628   1.00 65.80  ? 44  C   D "O5'" 1 
ATOM   1194 C  "C5'" . C   D 4 14 ? -16.734 -6.834  2.231   1.00 64.12  ? 44  C   D "C5'" 1 
ATOM   1195 C  "C4'" . C   D 4 14 ? -16.924 -6.942  0.738   1.00 69.41  ? 44  C   D "C4'" 1 
ATOM   1196 O  "O4'" . C   D 4 14 ? -15.845 -6.242  0.060   1.00 71.28  ? 44  C   D "O4'" 1 
ATOM   1197 C  "C3'" . C   D 4 14 ? -16.851 -8.356  0.190   1.00 72.60  ? 44  C   D "C3'" 1 
ATOM   1198 O  "O3'" . C   D 4 14 ? -18.087 -9.048  0.335   1.00 78.67  ? 44  C   D "O3'" 1 
ATOM   1199 C  "C2'" . C   D 4 14 ? -16.449 -8.120  -1.262  1.00 71.26  ? 44  C   D "C2'" 1 
ATOM   1200 O  "O2'" . C   D 4 14 ? -17.539 -7.751  -2.082  1.00 74.47  ? 44  C   D "O2'" 1 
ATOM   1201 C  "C1'" . C   D 4 14 ? -15.473 -6.950  -1.115  1.00 70.17  ? 44  C   D "C1'" 1 
ATOM   1202 N  N1    . C   D 4 14 ? -14.082 -7.402  -0.939  1.00 70.26  ? 44  C   D N1    1 
ATOM   1203 C  C2    . C   D 4 14 ? -13.329 -7.778  -2.067  1.00 71.69  ? 44  C   D C2    1 
ATOM   1204 O  O2    . C   D 4 14 ? -13.853 -7.716  -3.199  1.00 74.13  ? 44  C   D O2    1 
ATOM   1205 N  N3    . C   D 4 14 ? -12.050 -8.199  -1.895  1.00 70.55  ? 44  C   D N3    1 
ATOM   1206 C  C4    . C   D 4 14 ? -11.523 -8.253  -0.667  1.00 67.11  ? 44  C   D C4    1 
ATOM   1207 N  N4    . C   D 4 14 ? -10.260 -8.678  -0.545  1.00 66.18  ? 44  C   D N4    1 
ATOM   1208 C  C5    . C   D 4 14 ? -12.266 -7.876  0.490   1.00 65.74  ? 44  C   D C5    1 
ATOM   1209 C  C6    . C   D 4 14 ? -13.526 -7.460  0.309   1.00 66.66  ? 44  C   D C6    1 
ATOM   1210 P  P     . C   D 4 15 ? -18.081 -10.638 0.615   1.00 80.80  ? 45  C   D P     1 
ATOM   1211 O  OP1   . C   D 4 15 ? -19.482 -11.003 0.939   1.00 85.04  ? 45  C   D OP1   1 
ATOM   1212 O  OP2   . C   D 4 15 ? -16.999 -10.974 1.577   1.00 82.66  ? 45  C   D OP2   1 
ATOM   1213 O  "O5'" . C   D 4 15 ? -17.664 -11.275 -0.786  1.00 74.61  ? 45  C   D "O5'" 1 
ATOM   1214 C  "C5'" . C   D 4 15 ? -18.465 -11.067 -1.940  1.00 73.40  ? 45  C   D "C5'" 1 
ATOM   1215 C  "C4'" . C   D 4 15 ? -17.803 -11.654 -3.158  1.00 76.99  ? 45  C   D "C4'" 1 
ATOM   1216 O  "O4'" . C   D 4 15 ? -16.606 -10.893 -3.473  1.00 78.76  ? 45  C   D "O4'" 1 
ATOM   1217 C  "C3'" . C   D 4 15 ? -17.290 -13.071 -2.979  1.00 81.98  ? 45  C   D "C3'" 1 
ATOM   1218 O  "O3'" . C   D 4 15 ? -18.306 -14.042 -3.156  1.00 85.60  ? 45  C   D "O3'" 1 
ATOM   1219 C  "C2'" . C   D 4 15 ? -16.215 -13.170 -4.050  1.00 83.66  ? 45  C   D "C2'" 1 
ATOM   1220 O  "O2'" . C   D 4 15 ? -16.711 -13.475 -5.337  1.00 84.62  ? 45  C   D "O2'" 1 
ATOM   1221 C  "C1'" . C   D 4 15 ? -15.616 -11.763 -4.002  1.00 82.67  ? 45  C   D "C1'" 1 
ATOM   1222 N  N1    . C   D 4 15 ? -14.444 -11.742 -3.122  1.00 81.73  ? 45  C   D N1    1 
ATOM   1223 C  C2    . C   D 4 15 ? -13.213 -12.115 -3.653  1.00 81.24  ? 45  C   D C2    1 
ATOM   1224 O  O2    . C   D 4 15 ? -13.143 -12.399 -4.858  1.00 82.31  ? 45  C   D O2    1 
ATOM   1225 N  N3    . C   D 4 15 ? -12.133 -12.153 -2.851  1.00 80.08  ? 45  C   D N3    1 
ATOM   1226 C  C4    . C   D 4 15 ? -12.248 -11.822 -1.565  1.00 80.69  ? 45  C   D C4    1 
ATOM   1227 N  N4    . C   D 4 15 ? -11.150 -11.874 -0.807  1.00 79.61  ? 45  C   D N4    1 
ATOM   1228 C  C5    . C   D 4 15 ? -13.494 -11.419 -0.998  1.00 81.04  ? 45  C   D C5    1 
ATOM   1229 C  C6    . C   D 4 15 ? -14.555 -11.391 -1.806  1.00 81.16  ? 45  C   D C6    1 
ATOM   1230 P  P     . U   D 4 16 ? -18.140 -15.492 -2.484  1.00 86.88  ? 46  U   D P     1 
ATOM   1231 O  OP1   . U   D 4 16 ? -19.436 -16.194 -2.652  1.00 89.64  ? 46  U   D OP1   1 
ATOM   1232 O  OP2   . U   D 4 16 ? -17.577 -15.314 -1.123  1.00 85.59  ? 46  U   D OP2   1 
ATOM   1233 O  "O5'" . U   D 4 16 ? -17.053 -16.214 -3.398  1.00 83.71  ? 46  U   D "O5'" 1 
ATOM   1234 C  "C5'" . U   D 4 16 ? -17.339 -16.482 -4.759  1.00 79.42  ? 46  U   D "C5'" 1 
ATOM   1235 C  "C4'" . U   D 4 16 ? -16.167 -17.152 -5.430  1.00 81.61  ? 46  U   D "C4'" 1 
ATOM   1236 O  "O4'" . U   D 4 16 ? -15.042 -16.235 -5.439  1.00 80.65  ? 46  U   D "O4'" 1 
ATOM   1237 C  "C3'" . U   D 4 16 ? -15.615 -18.389 -4.739  1.00 80.90  ? 46  U   D "C3'" 1 
ATOM   1238 O  "O3'" . U   D 4 16 ? -16.328 -19.579 -5.030  1.00 82.78  ? 46  U   D "O3'" 1 
ATOM   1239 C  "C2'" . U   D 4 16 ? -14.196 -18.448 -5.277  1.00 81.04  ? 46  U   D "C2'" 1 
ATOM   1240 O  "O2'" . U   D 4 16 ? -14.131 -18.993 -6.581  1.00 77.27  ? 46  U   D "O2'" 1 
ATOM   1241 C  "C1'" . U   D 4 16 ? -13.831 -16.965 -5.293  1.00 80.16  ? 46  U   D "C1'" 1 
ATOM   1242 N  N1    . U   D 4 16 ? -13.192 -16.576 -4.027  1.00 78.99  ? 46  U   D N1    1 
ATOM   1243 C  C2    . U   D 4 16 ? -11.842 -16.856 -3.890  1.00 79.37  ? 46  U   D C2    1 
ATOM   1244 O  O2    . U   D 4 16 ? -11.175 -17.383 -4.774  1.00 77.60  ? 46  U   D O2    1 
ATOM   1245 N  N3    . U   D 4 16 ? -11.301 -16.494 -2.684  1.00 78.36  ? 46  U   D N3    1 
ATOM   1246 C  C4    . U   D 4 16 ? -11.953 -15.893 -1.625  1.00 77.67  ? 46  U   D C4    1 
ATOM   1247 O  O4    . U   D 4 16 ? -11.317 -15.627 -0.603  1.00 76.96  ? 46  U   D O4    1 
ATOM   1248 C  C5    . U   D 4 16 ? -13.346 -15.631 -1.845  1.00 77.08  ? 46  U   D C5    1 
ATOM   1249 C  C6    . U   D 4 16 ? -13.904 -15.971 -3.009  1.00 78.33  ? 46  U   D C6    1 
ATOM   1250 P  P     . G   D 4 17 ? -16.334 -20.776 -3.957  1.00 83.64  ? 47  G   D P     1 
ATOM   1251 O  OP1   . G   D 4 17 ? -17.374 -21.752 -4.367  1.00 92.29  ? 47  G   D OP1   1 
ATOM   1252 O  OP2   . G   D 4 17 ? -16.401 -20.149 -2.606  1.00 78.37  ? 47  G   D OP2   1 
ATOM   1253 O  "O5'" . G   D 4 17 ? -14.919 -21.475 -4.160  1.00 76.57  ? 47  G   D "O5'" 1 
ATOM   1254 C  "C5'" . G   D 4 17 ? -14.603 -22.089 -5.399  1.00 75.68  ? 47  G   D "C5'" 1 
ATOM   1255 C  "C4'" . G   D 4 17 ? -13.161 -22.527 -5.422  1.00 78.05  ? 47  G   D "C4'" 1 
ATOM   1256 O  "O4'" . G   D 4 17 ? -12.306 -21.361 -5.294  1.00 80.58  ? 47  G   D "O4'" 1 
ATOM   1257 C  "C3'" . G   D 4 17 ? -12.723 -23.428 -4.281  1.00 77.75  ? 47  G   D "C3'" 1 
ATOM   1258 O  "O3'" . G   D 4 17 ? -13.074 -24.784 -4.503  1.00 75.20  ? 47  G   D "O3'" 1 
ATOM   1259 C  "C2'" . G   D 4 17 ? -11.219 -23.194 -4.256  1.00 77.11  ? 47  G   D "C2'" 1 
ATOM   1260 O  "O2'" . G   D 4 17 ? -10.538 -23.880 -5.290  1.00 75.16  ? 47  G   D "O2'" 1 
ATOM   1261 C  "C1'" . G   D 4 17 ? -11.155 -21.693 -4.535  1.00 76.34  ? 47  G   D "C1'" 1 
ATOM   1262 N  N9    . G   D 4 17 ? -11.154 -20.906 -3.303  1.00 74.06  ? 47  G   D N9    1 
ATOM   1263 C  C8    . G   D 4 17 ? -12.199 -20.215 -2.728  1.00 71.56  ? 47  G   D C8    1 
ATOM   1264 N  N7    . G   D 4 17 ? -11.863 -19.612 -1.618  1.00 71.34  ? 47  G   D N7    1 
ATOM   1265 C  C5    . G   D 4 17 ? -10.515 -19.922 -1.455  1.00 71.59  ? 47  G   D C5    1 
ATOM   1266 C  C6    . G   D 4 17 ? -9.583  -19.546 -0.434  1.00 71.70  ? 47  G   D C6    1 
ATOM   1267 O  O6    . G   D 4 17 ? -9.769  -18.827 0.559   1.00 70.94  ? 47  G   D O6    1 
ATOM   1268 N  N1    . G   D 4 17 ? -8.325  -20.097 -0.661  1.00 71.06  ? 47  G   D N1    1 
ATOM   1269 C  C2    . G   D 4 17 ? -7.994  -20.900 -1.725  1.00 73.96  ? 47  G   D C2    1 
ATOM   1270 N  N2    . G   D 4 17 ? -6.731  -21.352 -1.771  1.00 69.83  ? 47  G   D N2    1 
ATOM   1271 N  N3    . G   D 4 17 ? -8.839  -21.242 -2.681  1.00 71.68  ? 47  G   D N3    1 
ATOM   1272 C  C4    . G   D 4 17 ? -10.071 -20.723 -2.483  1.00 71.77  ? 47  G   D C4    1 
ATOM   1273 P  P     . C   D 4 18 ? -13.250 -25.773 -3.249  1.00 76.55  ? 48  C   D P     1 
ATOM   1274 O  OP1   . C   D 4 18 ? -13.677 -27.089 -3.768  1.00 83.01  ? 48  C   D OP1   1 
ATOM   1275 O  OP2   . C   D 4 18 ? -14.065 -25.100 -2.209  1.00 71.04  ? 48  C   D OP2   1 
ATOM   1276 O  "O5'" . C   D 4 18 ? -11.766 -25.943 -2.702  1.00 76.94  ? 48  C   D "O5'" 1 
ATOM   1277 C  "C5'" . C   D 4 18 ? -10.771 -26.561 -3.506  1.00 74.64  ? 48  C   D "C5'" 1 
ATOM   1278 C  "C4'" . C   D 4 18 ? -9.481  -26.657 -2.742  1.00 77.32  ? 48  C   D "C4'" 1 
ATOM   1279 O  "O4'" . C   D 4 18 ? -8.926  -25.328 -2.572  1.00 80.68  ? 48  C   D "O4'" 1 
ATOM   1280 C  "C3'" . C   D 4 18 ? -9.613  -27.180 -1.326  1.00 76.61  ? 48  C   D "C3'" 1 
ATOM   1281 O  "O3'" . C   D 4 18 ? -9.673  -28.592 -1.282  1.00 75.41  ? 48  C   D "O3'" 1 
ATOM   1282 C  "C2'" . C   D 4 18 ? -8.368  -26.614 -0.660  1.00 77.08  ? 48  C   D "C2'" 1 
ATOM   1283 O  "O2'" . C   D 4 18 ? -7.194  -27.321 -0.986  1.00 78.75  ? 48  C   D "O2'" 1 
ATOM   1284 C  "C1'" . C   D 4 18 ? -8.304  -25.231 -1.299  1.00 79.25  ? 48  C   D "C1'" 1 
ATOM   1285 N  N1    . C   D 4 18 ? -9.052  -24.259 -0.488  1.00 77.93  ? 48  C   D N1    1 
ATOM   1286 C  C2    . C   D 4 18 ? -8.458  -23.759 0.673   1.00 75.43  ? 48  C   D C2    1 
ATOM   1287 O  O2    . C   D 4 18 ? -7.319  -24.153 0.982   1.00 70.74  ? 48  C   D O2    1 
ATOM   1288 N  N3    . C   D 4 18 ? -9.136  -22.867 1.428   1.00 74.39  ? 48  C   D N3    1 
ATOM   1289 C  C4    . C   D 4 18 ? -10.360 -22.481 1.065   1.00 74.36  ? 48  C   D C4    1 
ATOM   1290 N  N4    . C   D 4 18 ? -10.989 -21.602 1.839   1.00 72.98  ? 48  C   D N4    1 
ATOM   1291 C  C5    . C   D 4 18 ? -10.991 -22.980 -0.110  1.00 75.35  ? 48  C   D C5    1 
ATOM   1292 C  C6    . C   D 4 18 ? -10.306 -23.855 -0.853  1.00 75.40  ? 48  C   D C6    1 
ATOM   1293 P  P     . C   D 4 19 ? -10.532 -29.313 -0.131  1.00 78.99  ? 49  C   D P     1 
ATOM   1294 O  OP1   . C   D 4 19 ? -10.551 -30.767 -0.433  1.00 83.40  ? 49  C   D OP1   1 
ATOM   1295 O  OP2   . C   D 4 19 ? -11.816 -28.571 0.055   1.00 75.16  ? 49  C   D OP2   1 
ATOM   1296 O  "O5'" . C   D 4 19 ? -9.644  -29.110 1.170   1.00 76.35  ? 49  C   D "O5'" 1 
ATOM   1297 C  "C5'" . C   D 4 19 ? -8.291  -29.545 1.189   1.00 73.94  ? 49  C   D "C5'" 1 
ATOM   1298 C  "C4'" . C   D 4 19 ? -7.584  -29.010 2.408   1.00 71.47  ? 49  C   D "C4'" 1 
ATOM   1299 O  "O4'" . C   D 4 19 ? -7.503  -27.563 2.322   1.00 71.66  ? 49  C   D "O4'" 1 
ATOM   1300 C  "C3'" . C   D 4 19 ? -8.308  -29.248 3.720   1.00 69.84  ? 49  C   D "C3'" 1 
ATOM   1301 O  "O3'" . C   D 4 19 ? -8.234  -30.575 4.226   1.00 71.45  ? 49  C   D "O3'" 1 
ATOM   1302 C  "C2'" . C   D 4 19 ? -7.719  -28.167 4.607   1.00 69.41  ? 49  C   D "C2'" 1 
ATOM   1303 O  "O2'" . C   D 4 19 ? -6.413  -28.495 5.015   1.00 65.76  ? 49  C   D "O2'" 1 
ATOM   1304 C  "C1'" . C   D 4 19 ? -7.615  -27.008 3.620   1.00 69.27  ? 49  C   D "C1'" 1 
ATOM   1305 N  N1    . C   D 4 19 ? -8.783  -26.116 3.668   1.00 70.78  ? 49  C   D N1    1 
ATOM   1306 C  C2    . C   D 4 19 ? -8.807  -25.108 4.637   1.00 70.08  ? 49  C   D C2    1 
ATOM   1307 O  O2    . C   D 4 19 ? -7.857  -25.013 5.430   1.00 71.37  ? 49  C   D O2    1 
ATOM   1308 N  N3    . C   D 4 19 ? -9.854  -24.267 4.690   1.00 70.63  ? 49  C   D N3    1 
ATOM   1309 C  C4    . C   D 4 19 ? -10.851 -24.396 3.821   1.00 70.32  ? 49  C   D C4    1 
ATOM   1310 N  N4    . C   D 4 19 ? -11.847 -23.517 3.903   1.00 66.78  ? 49  C   D N4    1 
ATOM   1311 C  C5    . C   D 4 19 ? -10.865 -25.423 2.831   1.00 69.83  ? 49  C   D C5    1 
ATOM   1312 C  C6    . C   D 4 19 ? -9.821  -26.255 2.791   1.00 69.62  ? 49  C   D C6    1 
HETATM 1313 S  S     . SO4 E 5 .  ? -0.880  0.666   15.321  0.50 59.74  ? 201 SO4 A S     1 
HETATM 1314 O  O1    . SO4 E 5 .  ? -0.468  2.077   15.320  0.50 61.58  ? 201 SO4 A O1    1 
HETATM 1315 O  O2    . SO4 E 5 .  ? -2.251  0.570   15.839  0.50 59.04  ? 201 SO4 A O2    1 
HETATM 1316 O  O3    . SO4 E 5 .  ? -0.826  0.133   13.950  0.50 62.38  ? 201 SO4 A O3    1 
HETATM 1317 O  O4    . SO4 E 5 .  ? 0.020   -0.123  16.178  0.50 57.86  ? 201 SO4 A O4    1 
HETATM 1318 CO CO    . NCO F 6 .  ? -4.546  2.597   12.456  1.00 73.92  ? 101 NCO B CO    1 
HETATM 1319 N  N1    . NCO F 6 .  ? -4.892  3.865   10.913  1.00 75.07  ? 101 NCO B N1    1 
HETATM 1320 N  N2    . NCO F 6 .  ? -4.286  1.387   13.974  1.00 79.05  ? 101 NCO B N2    1 
HETATM 1321 N  N3    . NCO F 6 .  ? -2.944  1.781   11.606  1.00 76.64  ? 101 NCO B N3    1 
HETATM 1322 N  N4    . NCO F 6 .  ? -5.912  1.380   11.632  1.00 76.57  ? 101 NCO B N4    1 
HETATM 1323 N  N5    . NCO F 6 .  ? -6.065  3.318   13.446  1.00 75.59  ? 101 NCO B N5    1 
HETATM 1324 N  N6    . NCO F 6 .  ? -3.252  3.914   13.268  1.00 76.07  ? 101 NCO B N6    1 
HETATM 1325 CO CO    . NCO G 6 .  ? -2.096  -9.989  -6.355  1.00 38.00  ? 101 NCO D CO    1 
HETATM 1326 N  N1    . NCO G 6 .  ? -0.155  -9.682  -5.980  1.00 52.06  ? 101 NCO D N1    1 
HETATM 1327 N  N2    . NCO G 6 .  ? -3.994  -10.176 -6.775  1.00 54.46  ? 101 NCO D N2    1 
HETATM 1328 N  N3    . NCO G 6 .  ? -1.860  -11.922 -6.642  1.00 56.44  ? 101 NCO D N3    1 
HETATM 1329 N  N4    . NCO G 6 .  ? -1.663  -9.471  -8.228  1.00 56.78  ? 101 NCO D N4    1 
HETATM 1330 N  N5    . NCO G 6 .  ? -2.491  -8.109  -6.014  1.00 57.79  ? 101 NCO D N5    1 
HETATM 1331 N  N6    . NCO G 6 .  ? -2.433  -10.488 -4.444  1.00 54.45  ? 101 NCO D N6    1 
HETATM 1332 O  O     . HOH H 7 .  ? 23.940  -6.467  -3.646  1.00 87.84  ? 301 HOH A O     1 
HETATM 1333 O  O     . HOH H 7 .  ? 6.378   8.652   6.541   1.00 74.07  ? 302 HOH A O     1 
HETATM 1334 O  O     . HOH H 7 .  ? 2.961   -4.458  8.912   1.00 62.98  ? 303 HOH A O     1 
HETATM 1335 O  O     . HOH H 7 .  ? -3.601  5.387   -7.026  1.00 63.37  ? 304 HOH A O     1 
HETATM 1336 O  O     . HOH H 7 .  ? -0.602  -0.740  0.183   1.00 68.18  ? 305 HOH A O     1 
HETATM 1337 O  O     . HOH H 7 .  ? 3.363   0.964   14.477  1.00 80.09  ? 306 HOH A O     1 
HETATM 1338 O  O     . HOH H 7 .  ? 0.165   -10.790 17.530  1.00 77.11  ? 307 HOH A O     1 
HETATM 1339 O  O     . HOH H 7 .  ? -3.249  -9.572  11.507  1.00 61.58  ? 308 HOH A O     1 
HETATM 1340 O  O     . HOH H 7 .  ? 9.086   2.694   -2.923  1.00 77.55  ? 309 HOH A O     1 
HETATM 1341 O  O     . HOH H 7 .  ? 0.122   1.162   3.862   1.00 56.39  ? 310 HOH A O     1 
HETATM 1342 O  O     . HOH H 7 .  ? -3.612  -9.660  7.885   1.00 71.65  ? 311 HOH A O     1 
HETATM 1343 O  O     . HOH H 7 .  ? 6.466   12.331  7.436   1.00 83.11  ? 312 HOH A O     1 
HETATM 1344 O  O     . HOH H 7 .  ? 25.407  -4.495  -6.757  1.00 98.00  ? 313 HOH A O     1 
HETATM 1345 O  O     . HOH H 7 .  ? 1.446   0.268   11.524  1.00 67.18  ? 314 HOH A O     1 
HETATM 1346 O  O     . HOH H 7 .  ? 4.729   -7.189  3.281   1.00 63.93  ? 315 HOH A O     1 
HETATM 1347 O  O     . HOH H 7 .  ? 2.400   -11.512 7.614   1.00 78.83  ? 316 HOH A O     1 
HETATM 1348 O  O     . HOH H 7 .  ? -2.011  -11.368 15.686  1.00 70.42  ? 317 HOH A O     1 
HETATM 1349 O  O     . HOH I 7 .  ? 16.412  1.998   -0.856  1.00 76.44  ? 201 HOH B O     1 
HETATM 1350 O  O     . HOH I 7 .  ? 17.413  6.567   -4.252  1.00 90.92  ? 202 HOH B O     1 
HETATM 1351 O  O     . HOH I 7 .  ? -11.848 -7.310  8.344   1.00 60.96  ? 203 HOH B O     1 
HETATM 1352 O  O     . HOH I 7 .  ? 2.789   11.710  5.928   1.00 71.68  ? 204 HOH B O     1 
HETATM 1353 O  O     . HOH I 7 .  ? -1.576  5.389   10.777  1.00 54.88  ? 205 HOH B O     1 
HETATM 1354 O  O     . HOH I 7 .  ? -14.070 0.148   3.334   1.00 80.18  ? 206 HOH B O     1 
HETATM 1355 O  O     . HOH I 7 .  ? -7.301  -6.980  8.591   1.00 64.90  ? 207 HOH B O     1 
HETATM 1356 O  O     . HOH I 7 .  ? -14.379 3.226   4.778   1.00 93.44  ? 208 HOH B O     1 
HETATM 1357 O  O     . HOH I 7 .  ? 6.806   10.809  10.922  1.00 89.61  ? 209 HOH B O     1 
HETATM 1358 O  O     . HOH I 7 .  ? 19.120  7.308   -2.216  1.00 78.81  ? 210 HOH B O     1 
HETATM 1359 O  O     . HOH I 7 .  ? 13.113  -4.998  -7.285  1.00 88.25  ? 211 HOH B O     1 
HETATM 1360 O  O     . HOH I 7 .  ? 14.173  -10.015 -0.325  1.00 82.23  ? 212 HOH B O     1 
HETATM 1361 O  O     . HOH I 7 .  ? 7.358   6.252   7.303   1.00 64.31  ? 213 HOH B O     1 
HETATM 1362 O  O     . HOH I 7 .  ? 15.889  4.087   12.678  1.00 82.98  ? 214 HOH B O     1 
HETATM 1363 O  O     . HOH I 7 .  ? 2.621   6.308   1.258   1.00 63.51  ? 215 HOH B O     1 
HETATM 1364 O  O     . HOH I 7 .  ? 16.122  1.175   11.276  1.00 90.04  ? 216 HOH B O     1 
HETATM 1365 O  O     . HOH J 7 .  ? -5.226  13.453  -3.917  1.00 81.84  ? 101 HOH C O     1 
HETATM 1366 O  O     . HOH J 7 .  ? -0.134  24.183  -8.496  1.00 78.73  ? 102 HOH C O     1 
HETATM 1367 O  O     . HOH J 7 .  ? 3.212   21.207  -7.699  1.00 70.20  ? 103 HOH C O     1 
HETATM 1368 O  O     . HOH J 7 .  ? -0.213  19.235  -4.868  1.00 74.50  ? 104 HOH C O     1 
HETATM 1369 O  O     . HOH J 7 .  ? -0.240  16.221  -3.524  1.00 78.97  ? 105 HOH C O     1 
HETATM 1370 O  O     . HOH J 7 .  ? -12.813 5.649   3.502   1.00 81.30  ? 106 HOH C O     1 
HETATM 1371 O  O     . HOH J 7 .  ? -13.746 -19.875 4.001   1.00 79.34  ? 107 HOH C O     1 
HETATM 1372 O  O     . HOH J 7 .  ? -13.198 -17.623 6.317   1.00 72.88  ? 108 HOH C O     1 
HETATM 1373 O  O     . HOH J 7 .  ? -4.827  -11.218 0.704   1.00 62.48  ? 109 HOH C O     1 
HETATM 1374 O  O     . HOH J 7 .  ? -12.732 -14.866 -8.866  1.00 68.37  ? 110 HOH C O     1 
HETATM 1375 O  O     . HOH J 7 .  ? -5.441  -12.703 11.360  1.00 67.33  ? 111 HOH C O     1 
HETATM 1376 O  O     . HOH J 7 .  ? -10.338 -17.933 4.278   1.00 62.21  ? 112 HOH C O     1 
HETATM 1377 O  O     . HOH J 7 .  ? -4.795  -13.589 -1.828  1.00 68.27  ? 113 HOH C O     1 
HETATM 1378 O  O     . HOH J 7 .  ? -2.377  -23.225 -1.048  1.00 70.47  ? 114 HOH C O     1 
HETATM 1379 O  O     . HOH J 7 .  ? -12.687 -9.525  -6.703  1.00 73.06  ? 115 HOH C O     1 
HETATM 1380 O  O     . HOH J 7 .  ? -6.921  -9.541  0.326   1.00 58.85  ? 116 HOH C O     1 
HETATM 1381 O  O     . HOH J 7 .  ? -7.444  -13.010 -0.198  1.00 56.09  ? 117 HOH C O     1 
HETATM 1382 O  O     . HOH J 7 .  ? -5.090  10.095  -4.533  1.00 64.84  ? 118 HOH C O     1 
HETATM 1383 O  O     . HOH J 7 .  ? -5.367  3.012   -3.587  1.00 76.05  ? 119 HOH C O     1 
HETATM 1384 O  O     . HOH J 7 .  ? -12.432 -10.707 9.646   1.00 88.96  ? 120 HOH C O     1 
HETATM 1385 O  O     . HOH J 7 .  ? 0.087   16.809  -15.483 1.00 58.50  ? 121 HOH C O     1 
HETATM 1386 O  O     . HOH J 7 .  ? 5.521   25.119  -12.997 1.00 90.65  ? 122 HOH C O     1 
HETATM 1387 O  O     . HOH J 7 .  ? 3.550   24.398  -7.324  1.00 89.98  ? 123 HOH C O     1 
HETATM 1388 O  O     . HOH J 7 .  ? -1.502  24.346  -18.671 1.00 66.68  ? 124 HOH C O     1 
HETATM 1389 O  O     . HOH K 7 .  ? -7.240  15.529  -5.757  1.00 61.80  ? 201 HOH D O     1 
HETATM 1390 O  O     . HOH K 7 .  ? -13.824 13.135  -5.281  1.00 89.71  ? 202 HOH D O     1 
HETATM 1391 O  O     . HOH K 7 .  ? -4.729  16.643  -5.251  1.00 61.88  ? 203 HOH D O     1 
HETATM 1392 O  O     . HOH K 7 .  ? -4.862  19.475  -3.293  1.00 57.73  ? 204 HOH D O     1 
HETATM 1393 O  O     . HOH K 7 .  ? -2.123  20.072  -2.753  1.00 79.57  ? 205 HOH D O     1 
HETATM 1394 O  O     . HOH K 7 .  ? -13.407 -20.628 1.315   1.00 65.68  ? 206 HOH D O     1 
HETATM 1395 O  O     . HOH K 7 .  ? -11.850 -17.652 2.075   1.00 75.15  ? 207 HOH D O     1 
HETATM 1396 O  O     . HOH K 7 .  ? -14.211 -16.278 2.788   1.00 86.81  ? 208 HOH D O     1 
HETATM 1397 O  O     . HOH K 7 .  ? -5.560  -1.514  -6.917  1.00 64.55  ? 209 HOH D O     1 
HETATM 1398 O  O     . HOH K 7 .  ? -14.076 -10.441 2.406   1.00 76.96  ? 210 HOH D O     1 
HETATM 1399 O  O     . HOH K 7 .  ? -15.063 -13.616 -7.713  1.00 82.44  ? 211 HOH D O     1 
HETATM 1400 O  O     . HOH K 7 .  ? -16.171 -17.775 0.556   1.00 88.82  ? 212 HOH D O     1 
HETATM 1401 O  O     . HOH K 7 .  ? -6.846  -10.988 4.773   1.00 82.62  ? 213 HOH D O     1 
HETATM 1402 O  O     . HOH K 7 .  ? -11.773 -14.520 1.399   1.00 75.37  ? 214 HOH D O     1 
HETATM 1403 O  O     . HOH K 7 .  ? -18.946 -14.999 1.860   1.00 79.94  ? 215 HOH D O     1 
HETATM 1404 O  O     . HOH K 7 .  ? -5.908  10.666  -7.362  1.00 68.82  ? 216 HOH D O     1 
HETATM 1405 O  O     . HOH K 7 .  ? -14.653 19.293  -1.802  1.00 70.86  ? 217 HOH D O     1 
HETATM 1406 O  O     . HOH K 7 .  ? 2.726   3.452   1.616   1.00 56.69  ? 218 HOH D O     1 
HETATM 1407 O  O     . HOH K 7 .  ? -1.482  2.918   1.859   1.00 60.00  ? 219 HOH D O     1 
HETATM 1408 O  O     . HOH K 7 .  ? 5.389   -3.359  -16.967 1.00 75.74  ? 220 HOH D O     1 
HETATM 1409 O  O     . HOH K 7 .  ? 5.832   -2.737  -12.038 1.00 78.90  ? 221 HOH D O     1 
HETATM 1410 O  O     . HOH K 7 .  ? 2.918   -6.567  -9.556  1.00 68.26  ? 222 HOH D O     1 
HETATM 1411 O  O     . HOH K 7 .  ? -4.597  1.135   -8.246  1.00 68.60  ? 223 HOH D O     1 
HETATM 1412 O  O     . HOH K 7 .  ? -4.317  7.134   -9.853  1.00 73.97  ? 224 HOH D O     1 
HETATM 1413 O  O     . HOH K 7 .  ? 3.073   9.607   -11.766 1.00 65.56  ? 225 HOH D O     1 
HETATM 1414 O  O     . HOH K 7 .  ? 4.712   1.825   -5.339  1.00 59.05  ? 226 HOH D O     1 
HETATM 1415 O  O     . HOH K 7 .  ? 4.173   5.606   -16.519 1.00 86.73  ? 227 HOH D O     1 
# 
